data_8S41
#
_entry.id   8S41
#
_entity_poly.entity_id   1
_entity_poly.type   'polypeptide(L)'
_entity_poly.pdbx_seq_one_letter_code
;MDKAKRNIKPFDGEKYAIWKFRIRALLAEQDVLKVVDGLMPNEVDDSWKKAERCAKSTIIEYLSDSFLNFATSDITARQI
LENLDAVYERKSLASQLALRKRLLSLKLSSEMSLLSHFHIFDELISELLAAGAKIEEMDKISHLLITLPSCYDGIITAIE
TLSEENLTLAFVKNRLLDQEIKIKNDH
;
_entity_poly.pdbx_strand_id   A,F,G,L,Q,V,X,a,d
#
# COMPACT_ATOMS: atom_id res chain seq x y z
N MET A 1 -15.08 -36.75 84.05
CA MET A 1 -14.30 -35.86 83.17
C MET A 1 -15.08 -34.58 82.89
N ASP A 2 -14.52 -33.42 83.19
CA ASP A 2 -15.16 -32.12 82.93
C ASP A 2 -15.23 -31.82 81.42
N LYS A 3 -16.36 -31.28 80.98
CA LYS A 3 -16.57 -30.86 79.58
C LYS A 3 -16.04 -29.45 79.41
N ALA A 4 -14.97 -29.32 78.63
CA ALA A 4 -14.32 -28.04 78.42
C ALA A 4 -15.28 -27.11 77.67
N LYS A 5 -15.85 -26.14 78.40
CA LYS A 5 -16.80 -25.16 77.87
C LYS A 5 -16.17 -24.43 76.69
N ARG A 6 -16.92 -24.34 75.60
CA ARG A 6 -16.52 -23.65 74.37
C ARG A 6 -17.44 -22.47 74.12
N ASN A 7 -16.88 -21.43 73.52
CA ASN A 7 -17.66 -20.26 73.12
C ASN A 7 -18.65 -20.59 72.00
N ILE A 8 -18.52 -21.74 71.33
CA ILE A 8 -19.60 -22.31 70.55
C ILE A 8 -20.78 -22.47 71.48
N LYS A 9 -21.81 -21.66 71.30
CA LYS A 9 -22.92 -21.64 72.23
C LYS A 9 -23.81 -22.86 72.05
N PRO A 10 -24.63 -23.17 73.07
CA PRO A 10 -25.66 -24.18 72.95
C PRO A 10 -26.58 -23.83 71.79
N PHE A 11 -26.67 -24.69 70.79
CA PHE A 11 -27.40 -24.41 69.60
C PHE A 11 -28.88 -24.13 69.88
N ASP A 12 -29.34 -23.11 69.18
CA ASP A 12 -30.73 -22.69 69.16
C ASP A 12 -31.11 -21.97 67.85
N GLY A 13 -30.16 -21.80 66.93
CA GLY A 13 -30.22 -20.77 65.90
C GLY A 13 -29.78 -21.29 64.55
N GLU A 14 -28.89 -20.58 63.86
CA GLU A 14 -28.41 -20.94 62.52
C GLU A 14 -27.55 -22.21 62.51
N LYS A 15 -27.63 -23.00 61.43
CA LYS A 15 -26.82 -24.20 61.17
C LYS A 15 -26.49 -25.00 62.42
N TYR A 16 -27.50 -25.71 62.91
CA TYR A 16 -27.22 -26.89 63.69
C TYR A 16 -26.30 -27.80 62.90
N ALA A 17 -26.37 -27.81 61.58
CA ALA A 17 -25.52 -28.66 60.78
C ALA A 17 -24.03 -28.43 61.05
N ILE A 18 -23.56 -27.18 60.97
CA ILE A 18 -22.15 -26.93 61.21
C ILE A 18 -21.85 -27.06 62.69
N TRP A 19 -22.75 -26.56 63.53
CA TRP A 19 -22.53 -26.61 64.94
C TRP A 19 -22.38 -28.05 65.38
N LYS A 20 -23.33 -28.90 64.99
CA LYS A 20 -23.30 -30.31 65.34
C LYS A 20 -22.12 -30.96 64.67
N PHE A 21 -21.72 -30.57 63.47
CA PHE A 21 -20.53 -31.10 62.84
C PHE A 21 -19.29 -30.87 63.71
N ARG A 22 -19.16 -29.68 64.30
CA ARG A 22 -18.05 -29.42 65.21
C ARG A 22 -18.26 -30.16 66.53
N ILE A 23 -19.49 -30.29 66.99
CA ILE A 23 -19.80 -31.14 68.12
C ILE A 23 -19.38 -32.59 67.84
N ARG A 24 -19.50 -33.09 66.63
CA ARG A 24 -19.05 -34.44 66.30
C ARG A 24 -17.60 -34.59 66.68
N ALA A 25 -16.75 -33.63 66.32
CA ALA A 25 -15.36 -33.66 66.76
C ALA A 25 -15.24 -33.69 68.30
N LEU A 26 -16.02 -32.89 69.01
CA LEU A 26 -16.09 -32.90 70.48
C LEU A 26 -16.53 -34.26 71.05
N LEU A 27 -17.37 -34.95 70.31
CA LEU A 27 -17.78 -36.29 70.64
C LEU A 27 -16.72 -37.33 70.32
N ALA A 28 -15.88 -37.10 69.31
CA ALA A 28 -14.94 -38.05 68.75
C ALA A 28 -13.84 -38.48 69.72
N GLU A 29 -13.29 -37.56 70.52
CA GLU A 29 -12.22 -37.93 71.45
C GLU A 29 -12.71 -38.79 72.63
N GLN A 30 -13.91 -38.50 73.18
CA GLN A 30 -14.61 -39.47 74.03
C GLN A 30 -15.18 -40.62 73.21
N ASP A 31 -15.25 -40.43 71.90
CA ASP A 31 -15.80 -41.32 70.91
C ASP A 31 -17.27 -41.70 71.16
N VAL A 32 -17.98 -40.88 71.90
CA VAL A 32 -19.44 -40.98 71.91
C VAL A 32 -20.00 -40.59 70.55
N LEU A 33 -19.18 -39.94 69.72
CA LEU A 33 -19.41 -39.83 68.30
C LEU A 33 -19.61 -41.22 67.70
N LYS A 34 -18.71 -42.17 67.99
CA LYS A 34 -18.82 -43.52 67.45
C LYS A 34 -20.12 -44.14 67.85
N VAL A 35 -20.62 -43.96 69.07
CA VAL A 35 -21.85 -44.67 69.41
C VAL A 35 -23.04 -44.05 68.71
N VAL A 36 -23.11 -42.73 68.58
CA VAL A 36 -24.21 -42.11 67.85
C VAL A 36 -24.15 -42.46 66.37
N ASP A 37 -22.96 -42.54 65.80
CA ASP A 37 -22.75 -43.01 64.45
C ASP A 37 -22.93 -44.51 64.29
N GLY A 38 -22.55 -45.26 65.31
CA GLY A 38 -22.41 -46.70 65.29
C GLY A 38 -23.79 -47.32 65.27
N LEU A 39 -23.95 -48.44 64.57
CA LEU A 39 -25.18 -49.21 64.70
C LEU A 39 -25.46 -49.50 66.17
N MET A 40 -26.72 -49.45 66.60
CA MET A 40 -27.09 -49.86 67.95
C MET A 40 -26.70 -51.33 68.08
N PRO A 41 -25.66 -51.67 68.85
CA PRO A 41 -25.05 -52.97 68.74
C PRO A 41 -25.97 -54.02 69.35
N ASN A 42 -25.81 -55.26 68.89
CA ASN A 42 -26.36 -56.40 69.60
C ASN A 42 -25.84 -56.46 71.05
N GLU A 43 -24.56 -56.14 71.24
CA GLU A 43 -23.92 -55.98 72.54
C GLU A 43 -23.75 -54.49 72.83
N VAL A 44 -24.72 -53.92 73.54
CA VAL A 44 -24.60 -52.58 74.13
C VAL A 44 -23.82 -52.73 75.42
N ASP A 45 -22.52 -52.46 75.37
CA ASP A 45 -21.70 -52.49 76.58
C ASP A 45 -22.02 -51.31 77.48
N ASP A 46 -21.60 -51.41 78.73
CA ASP A 46 -21.71 -50.30 79.68
C ASP A 46 -21.00 -49.06 79.16
N SER A 47 -19.93 -49.24 78.40
CA SER A 47 -19.28 -48.18 77.66
C SER A 47 -20.26 -47.50 76.69
N TRP A 48 -21.00 -48.24 75.88
CA TRP A 48 -22.03 -47.70 75.00
C TRP A 48 -23.09 -46.94 75.78
N LYS A 49 -23.55 -47.49 76.90
CA LYS A 49 -24.57 -46.85 77.73
C LYS A 49 -24.05 -45.52 78.27
N LYS A 50 -22.85 -45.54 78.85
CA LYS A 50 -22.20 -44.34 79.36
C LYS A 50 -21.95 -43.32 78.27
N ALA A 51 -21.55 -43.77 77.09
CA ALA A 51 -21.36 -42.92 75.94
C ALA A 51 -22.68 -42.26 75.53
N GLU A 52 -23.79 -42.99 75.48
CA GLU A 52 -25.09 -42.41 75.15
C GLU A 52 -25.52 -41.37 76.18
N ARG A 53 -25.36 -41.69 77.47
CA ARG A 53 -25.65 -40.75 78.55
C ARG A 53 -24.83 -39.50 78.39
N CYS A 54 -23.53 -39.67 78.19
CA CYS A 54 -22.62 -38.56 78.02
C CYS A 54 -23.00 -37.72 76.81
N ALA A 55 -23.29 -38.35 75.68
CA ALA A 55 -23.67 -37.67 74.45
C ALA A 55 -24.92 -36.83 74.68
N LYS A 56 -25.95 -37.41 75.28
CA LYS A 56 -27.15 -36.66 75.60
C LYS A 56 -26.83 -35.48 76.51
N SER A 57 -26.04 -35.69 77.54
CA SER A 57 -25.62 -34.60 78.44
C SER A 57 -24.89 -33.51 77.66
N THR A 58 -24.03 -33.88 76.72
CA THR A 58 -23.28 -32.90 75.93
C THR A 58 -24.23 -32.11 75.07
N ILE A 59 -25.15 -32.81 74.42
CA ILE A 59 -26.17 -32.17 73.63
C ILE A 59 -26.91 -31.18 74.50
N ILE A 60 -27.32 -31.57 75.69
CA ILE A 60 -28.07 -30.70 76.58
C ILE A 60 -27.25 -29.46 76.89
N GLU A 61 -26.00 -29.65 77.27
CA GLU A 61 -25.12 -28.53 77.57
C GLU A 61 -25.04 -27.58 76.37
N TYR A 62 -24.89 -28.15 75.18
CA TYR A 62 -24.91 -27.54 73.87
C TYR A 62 -26.28 -27.25 73.24
N LEU A 63 -27.42 -27.51 73.85
CA LEU A 63 -28.71 -27.08 73.32
C LEU A 63 -29.44 -26.15 74.26
N SER A 64 -30.14 -25.18 73.70
CA SER A 64 -31.03 -24.30 74.48
C SER A 64 -32.27 -25.03 74.99
N ASP A 65 -32.87 -24.54 76.06
CA ASP A 65 -34.01 -25.19 76.75
C ASP A 65 -35.17 -25.49 75.81
N SER A 66 -35.45 -24.59 74.87
CA SER A 66 -36.43 -24.82 73.81
C SER A 66 -36.12 -26.09 73.02
N PHE A 67 -34.84 -26.27 72.67
CA PHE A 67 -34.37 -27.49 72.05
C PHE A 67 -34.27 -28.65 73.06
N LEU A 68 -33.97 -28.40 74.34
CA LEU A 68 -34.04 -29.40 75.40
C LEU A 68 -35.42 -30.03 75.51
N ASN A 69 -36.48 -29.29 75.20
CA ASN A 69 -37.79 -29.89 75.05
C ASN A 69 -37.75 -31.02 74.03
N PHE A 70 -37.14 -30.81 72.85
CA PHE A 70 -36.92 -31.93 71.93
C PHE A 70 -36.04 -33.01 72.53
N ALA A 71 -35.05 -32.64 73.32
CA ALA A 71 -34.21 -33.61 74.00
C ALA A 71 -35.05 -34.47 74.96
N THR A 72 -35.98 -33.84 75.66
CA THR A 72 -36.85 -34.48 76.62
C THR A 72 -36.01 -35.23 77.66
N SER A 73 -36.60 -36.16 78.40
CA SER A 73 -35.94 -36.92 79.45
C SER A 73 -34.86 -37.86 78.92
N ASP A 74 -35.19 -38.84 78.08
CA ASP A 74 -34.31 -40.00 77.79
C ASP A 74 -34.24 -40.39 76.31
N ILE A 75 -34.92 -39.66 75.43
CA ILE A 75 -34.82 -39.83 73.97
C ILE A 75 -33.33 -39.88 73.58
N THR A 76 -32.93 -40.84 72.76
CA THR A 76 -31.51 -41.02 72.44
C THR A 76 -30.98 -39.86 71.64
N ALA A 77 -29.69 -39.58 71.81
CA ALA A 77 -29.04 -38.45 71.16
C ALA A 77 -29.25 -38.50 69.64
N ARG A 78 -29.10 -39.69 69.06
CA ARG A 78 -29.36 -39.92 67.65
C ARG A 78 -30.76 -39.52 67.25
N GLN A 79 -31.77 -39.97 67.99
CA GLN A 79 -33.15 -39.64 67.68
C GLN A 79 -33.41 -38.14 67.74
N ILE A 80 -32.81 -37.45 68.70
CA ILE A 80 -33.02 -36.02 68.82
C ILE A 80 -32.35 -35.29 67.67
N LEU A 81 -31.14 -35.69 67.32
CA LEU A 81 -30.47 -35.12 66.15
C LEU A 81 -31.30 -35.31 64.89
N GLU A 82 -31.90 -36.48 64.72
CA GLU A 82 -32.76 -36.75 63.58
C GLU A 82 -33.97 -35.84 63.59
N ASN A 83 -34.63 -35.68 64.74
CA ASN A 83 -35.79 -34.82 64.79
C ASN A 83 -35.40 -33.38 64.42
N LEU A 84 -34.28 -32.89 64.96
CA LEU A 84 -33.86 -31.53 64.75
C LEU A 84 -33.52 -31.34 63.30
N ASP A 85 -32.80 -32.27 62.72
CA ASP A 85 -32.52 -32.24 61.30
C ASP A 85 -33.80 -32.18 60.50
N ALA A 86 -34.74 -33.07 60.77
CA ALA A 86 -35.94 -33.12 59.98
C ALA A 86 -36.70 -31.80 60.01
N VAL A 87 -36.88 -31.23 61.20
CA VAL A 87 -37.63 -29.98 61.33
C VAL A 87 -36.83 -28.84 60.72
N TYR A 88 -35.56 -28.77 61.08
CA TYR A 88 -34.72 -27.64 60.75
C TYR A 88 -34.29 -27.63 59.30
N GLU A 89 -33.87 -28.78 58.77
CA GLU A 89 -33.03 -28.82 57.59
C GLU A 89 -33.69 -28.23 56.35
N ARG A 90 -33.13 -27.14 55.85
CA ARG A 90 -33.17 -26.80 54.43
C ARG A 90 -31.75 -26.93 53.93
N LYS A 91 -31.54 -27.81 52.96
CA LYS A 91 -30.21 -28.39 52.73
C LYS A 91 -29.26 -27.38 52.09
N SER A 92 -29.59 -26.92 50.89
CA SER A 92 -28.61 -26.36 49.93
C SER A 92 -28.87 -24.91 49.52
N LEU A 93 -30.06 -24.61 49.00
CA LEU A 93 -30.30 -23.38 48.24
C LEU A 93 -29.98 -22.09 49.03
N ALA A 94 -30.49 -21.98 50.25
CA ALA A 94 -30.46 -20.71 50.96
C ALA A 94 -29.06 -20.18 51.22
N SER A 95 -28.08 -21.06 51.41
CA SER A 95 -26.84 -20.69 52.11
C SER A 95 -26.01 -19.61 51.40
N GLN A 96 -25.60 -19.82 50.15
CA GLN A 96 -24.76 -18.84 49.48
C GLN A 96 -25.54 -17.59 49.10
N LEU A 97 -26.75 -17.81 48.57
CA LEU A 97 -27.49 -16.68 48.05
C LEU A 97 -28.07 -15.78 49.11
N ALA A 98 -28.37 -16.30 50.29
CA ALA A 98 -28.61 -15.44 51.44
C ALA A 98 -27.45 -14.49 51.66
N LEU A 99 -26.21 -14.98 51.70
CA LEU A 99 -25.08 -14.05 51.81
C LEU A 99 -25.07 -13.12 50.62
N ARG A 100 -25.25 -13.64 49.42
CA ARG A 100 -25.12 -12.85 48.23
C ARG A 100 -26.11 -11.70 48.19
N LYS A 101 -27.37 -11.98 48.45
CA LYS A 101 -28.43 -10.97 48.41
C LYS A 101 -28.24 -9.99 49.55
N ARG A 102 -27.73 -10.47 50.68
CA ARG A 102 -27.33 -9.57 51.74
C ARG A 102 -26.17 -8.71 51.29
N LEU A 103 -25.17 -9.20 50.58
CA LEU A 103 -24.08 -8.39 50.05
C LEU A 103 -24.62 -7.38 49.05
N LEU A 104 -25.58 -7.77 48.22
CA LEU A 104 -26.26 -6.84 47.32
C LEU A 104 -26.83 -5.68 48.12
N SER A 105 -27.53 -5.97 49.19
CA SER A 105 -28.07 -4.95 50.10
C SER A 105 -26.97 -4.29 50.96
N LEU A 106 -25.90 -4.98 51.27
CA LEU A 106 -24.84 -4.64 52.20
C LEU A 106 -23.51 -4.58 51.45
N LYS A 107 -23.33 -3.45 50.78
CA LYS A 107 -22.15 -3.08 50.00
C LYS A 107 -22.24 -1.60 49.66
N LEU A 108 -21.23 -1.11 48.96
CA LEU A 108 -21.24 0.20 48.32
C LEU A 108 -21.52 1.34 49.30
N SER A 109 -20.63 1.50 50.27
CA SER A 109 -20.71 2.48 51.35
C SER A 109 -19.31 2.97 51.67
N SER A 110 -18.82 3.96 50.93
CA SER A 110 -17.41 4.32 50.97
C SER A 110 -17.03 5.37 52.00
N GLU A 111 -17.95 6.26 52.40
CA GLU A 111 -17.58 7.50 53.09
C GLU A 111 -18.14 7.62 54.51
N MET A 112 -19.41 7.29 54.69
CA MET A 112 -20.06 7.41 55.98
C MET A 112 -19.48 6.39 56.95
N SER A 113 -19.07 6.88 58.12
CA SER A 113 -18.63 6.08 59.26
C SER A 113 -17.78 4.87 58.86
N LEU A 114 -16.53 5.11 58.50
CA LEU A 114 -15.63 4.02 58.13
C LEU A 114 -15.51 2.98 59.25
N LEU A 115 -15.62 3.38 60.52
CA LEU A 115 -15.68 2.40 61.59
C LEU A 115 -16.96 1.56 61.54
N SER A 116 -18.11 2.17 61.22
CA SER A 116 -19.29 1.36 60.90
C SER A 116 -18.99 0.49 59.70
N HIS A 117 -18.20 0.93 58.74
CA HIS A 117 -17.75 0.06 57.68
C HIS A 117 -16.88 -1.09 58.21
N PHE A 118 -16.11 -0.89 59.28
CA PHE A 118 -15.42 -1.99 59.90
C PHE A 118 -16.45 -3.02 60.35
N HIS A 119 -17.46 -2.53 61.06
CA HIS A 119 -18.58 -3.38 61.42
C HIS A 119 -19.30 -3.97 60.20
N ILE A 120 -19.36 -3.29 59.07
CA ILE A 120 -19.97 -3.80 57.85
C ILE A 120 -19.20 -5.03 57.40
N PHE A 121 -17.88 -4.95 57.28
CA PHE A 121 -17.18 -6.14 56.86
C PHE A 121 -17.24 -7.22 57.94
N ASP A 122 -17.27 -6.84 59.21
CA ASP A 122 -17.46 -7.80 60.28
C ASP A 122 -18.77 -8.58 60.07
N GLU A 123 -19.86 -7.89 59.76
CA GLU A 123 -21.12 -8.53 59.40
C GLU A 123 -20.95 -9.42 58.19
N LEU A 124 -20.18 -9.00 57.21
CA LEU A 124 -19.94 -9.84 56.05
C LEU A 124 -19.22 -11.13 56.42
N ILE A 125 -18.25 -11.07 57.31
CA ILE A 125 -17.58 -12.28 57.76
C ILE A 125 -18.55 -13.16 58.52
N SER A 126 -19.40 -12.53 59.33
CA SER A 126 -20.43 -13.23 60.08
C SER A 126 -21.34 -13.99 59.13
N GLU A 127 -21.73 -13.32 58.05
CA GLU A 127 -22.58 -13.88 57.02
C GLU A 127 -21.88 -15.00 56.25
N LEU A 128 -20.56 -14.89 56.06
CA LEU A 128 -19.80 -15.95 55.45
C LEU A 128 -19.83 -17.21 56.33
N LEU A 129 -19.51 -17.03 57.61
CA LEU A 129 -19.59 -18.14 58.54
C LEU A 129 -21.01 -18.72 58.61
N ALA A 130 -22.03 -17.86 58.53
CA ALA A 130 -23.43 -18.25 58.64
C ALA A 130 -23.95 -19.01 57.41
N ALA A 131 -23.70 -18.51 56.21
CA ALA A 131 -24.41 -18.97 55.03
C ALA A 131 -23.50 -18.97 53.81
N GLY A 132 -22.76 -17.91 53.55
CA GLY A 132 -21.93 -17.90 52.35
C GLY A 132 -20.61 -18.61 52.57
N ALA A 133 -20.35 -19.69 51.84
CA ALA A 133 -19.03 -20.31 51.81
C ALA A 133 -18.69 -20.73 50.38
N LYS A 134 -17.92 -19.89 49.67
CA LYS A 134 -17.35 -20.19 48.35
C LYS A 134 -15.92 -19.69 48.19
N ILE A 135 -15.65 -18.46 48.61
CA ILE A 135 -14.37 -17.77 48.43
C ILE A 135 -14.00 -17.03 49.69
N GLU A 136 -12.73 -16.68 49.81
CA GLU A 136 -12.18 -16.14 51.03
C GLU A 136 -11.70 -14.71 50.82
N GLU A 137 -10.85 -14.26 51.72
CA GLU A 137 -10.51 -12.86 51.93
C GLU A 137 -10.04 -12.16 50.68
N MET A 138 -9.40 -12.83 49.72
CA MET A 138 -9.03 -12.17 48.47
C MET A 138 -10.24 -11.50 47.80
N ASP A 139 -11.36 -12.23 47.65
CA ASP A 139 -12.54 -11.64 47.06
C ASP A 139 -13.18 -10.64 48.00
N LYS A 140 -13.10 -10.92 49.30
CA LYS A 140 -13.75 -10.08 50.29
C LYS A 140 -13.09 -8.73 50.33
N ILE A 141 -11.78 -8.74 50.44
CA ILE A 141 -10.93 -7.57 50.42
C ILE A 141 -11.12 -6.85 49.11
N SER A 142 -11.24 -7.58 48.00
CA SER A 142 -11.47 -6.93 46.71
C SER A 142 -12.77 -6.11 46.73
N HIS A 143 -13.90 -6.68 47.14
CA HIS A 143 -15.11 -5.87 47.10
C HIS A 143 -15.11 -4.85 48.23
N LEU A 144 -14.57 -5.15 49.40
CA LEU A 144 -14.41 -4.18 50.48
C LEU A 144 -13.65 -2.98 49.98
N LEU A 145 -12.52 -3.21 49.32
CA LEU A 145 -11.74 -2.15 48.74
C LEU A 145 -12.59 -1.34 47.78
N ILE A 146 -13.29 -1.98 46.84
CA ILE A 146 -14.12 -1.26 45.88
C ILE A 146 -15.21 -0.43 46.59
N THR A 147 -15.66 -0.92 47.74
CA THR A 147 -16.64 -0.27 48.62
C THR A 147 -16.25 1.14 49.02
N LEU A 148 -14.97 1.52 48.99
CA LEU A 148 -14.34 2.61 49.75
C LEU A 148 -13.91 3.84 48.88
N PRO A 149 -13.25 4.88 49.42
CA PRO A 149 -12.87 6.09 48.68
C PRO A 149 -11.53 6.01 47.94
N SER A 150 -11.17 7.13 47.32
CA SER A 150 -10.11 7.30 46.32
C SER A 150 -8.71 6.82 46.71
N CYS A 151 -8.31 6.87 47.98
CA CYS A 151 -6.90 6.66 48.31
C CYS A 151 -6.39 5.30 47.85
N TYR A 152 -7.20 4.24 47.98
CA TYR A 152 -6.80 2.94 47.51
C TYR A 152 -6.66 3.00 46.01
N ASP A 153 -7.54 3.69 45.29
CA ASP A 153 -7.49 3.71 43.84
C ASP A 153 -6.09 4.14 43.41
N GLY A 154 -5.55 5.18 44.06
CA GLY A 154 -4.17 5.52 43.77
C GLY A 154 -3.21 4.44 44.23
N ILE A 155 -3.25 4.11 45.52
CA ILE A 155 -2.19 3.24 45.99
C ILE A 155 -2.31 1.80 45.62
N ILE A 156 -3.44 1.18 45.87
CA ILE A 156 -3.44 -0.24 46.08
C ILE A 156 -2.98 -0.92 44.84
N THR A 157 -3.62 -0.54 43.74
CA THR A 157 -3.72 -1.54 42.69
C THR A 157 -2.36 -1.80 42.10
N ALA A 158 -1.66 -0.73 41.68
CA ALA A 158 -0.25 -0.88 41.37
C ALA A 158 0.67 -0.69 42.57
N ILE A 159 0.55 0.47 43.20
CA ILE A 159 1.65 1.02 43.98
C ILE A 159 1.90 0.17 45.21
N GLU A 160 0.84 -0.23 45.88
CA GLU A 160 0.85 -1.14 47.00
C GLU A 160 1.42 -2.49 46.64
N THR A 161 1.38 -2.84 45.36
CA THR A 161 2.16 -3.95 44.81
C THR A 161 1.58 -5.25 45.36
N LEU A 162 2.30 -6.37 45.29
CA LEU A 162 1.85 -7.62 45.90
C LEU A 162 1.90 -7.59 47.42
N SER A 163 1.36 -6.55 48.06
CA SER A 163 1.08 -6.60 49.50
C SER A 163 0.15 -7.77 49.86
N GLU A 164 -0.66 -8.22 48.90
CA GLU A 164 -1.39 -9.48 48.96
C GLU A 164 -0.47 -10.69 49.25
N GLU A 165 0.80 -10.65 48.84
CA GLU A 165 1.76 -11.68 49.21
C GLU A 165 1.83 -11.86 50.73
N ASN A 166 1.90 -10.76 51.49
CA ASN A 166 1.68 -10.78 52.94
C ASN A 166 0.21 -10.96 53.32
N LEU A 167 -0.71 -10.43 52.49
CA LEU A 167 -2.15 -10.39 52.69
C LEU A 167 -2.55 -9.74 54.02
N THR A 168 -1.82 -8.69 54.37
CA THR A 168 -1.95 -8.03 55.66
C THR A 168 -3.21 -7.15 55.69
N LEU A 169 -4.36 -7.82 55.75
CA LEU A 169 -5.64 -7.18 55.95
C LEU A 169 -5.62 -6.32 57.20
N ALA A 170 -4.84 -6.71 58.21
CA ALA A 170 -4.59 -5.85 59.36
C ALA A 170 -4.00 -4.50 58.93
N PHE A 171 -2.95 -4.50 58.12
CA PHE A 171 -2.41 -3.26 57.57
C PHE A 171 -3.41 -2.58 56.65
N VAL A 172 -4.26 -3.32 55.94
CA VAL A 172 -5.32 -2.67 55.18
C VAL A 172 -6.21 -1.84 56.09
N LYS A 173 -6.66 -2.41 57.21
CA LYS A 173 -7.42 -1.65 58.20
C LYS A 173 -6.60 -0.48 58.70
N ASN A 174 -5.31 -0.69 58.91
CA ASN A 174 -4.42 0.38 59.30
C ASN A 174 -4.33 1.44 58.20
N ARG A 175 -4.45 1.08 56.93
CA ARG A 175 -4.55 2.07 55.86
C ARG A 175 -5.80 2.91 56.04
N LEU A 176 -6.88 2.33 56.49
CA LEU A 176 -8.09 3.10 56.80
C LEU A 176 -7.80 4.05 57.95
N LEU A 177 -7.03 3.61 58.94
CA LEU A 177 -6.55 4.50 59.99
C LEU A 177 -5.73 5.62 59.35
N ASP A 178 -4.90 5.32 58.38
CA ASP A 178 -4.10 6.34 57.71
C ASP A 178 -4.97 7.35 56.99
N GLN A 179 -6.07 6.91 56.38
CA GLN A 179 -7.04 7.83 55.81
C GLN A 179 -7.52 8.79 56.87
N GLU A 180 -7.95 8.27 58.01
CA GLU A 180 -8.39 9.10 59.11
C GLU A 180 -7.28 10.06 59.56
N ILE A 181 -6.05 9.57 59.63
CA ILE A 181 -4.90 10.36 60.04
C ILE A 181 -4.76 11.55 59.11
N LYS A 182 -4.76 11.30 57.80
CA LYS A 182 -4.65 12.38 56.82
C LYS A 182 -5.79 13.36 56.93
N ILE A 183 -7.01 12.86 57.12
CA ILE A 183 -8.19 13.70 57.24
C ILE A 183 -8.02 14.72 58.37
N LYS A 184 -7.60 14.26 59.55
CA LYS A 184 -7.36 15.17 60.67
C LYS A 184 -6.17 16.07 60.45
N ASN A 185 -5.12 15.55 59.83
CA ASN A 185 -3.90 16.29 59.60
C ASN A 185 -4.11 17.46 58.63
N ASP A 186 -4.90 17.31 57.58
CA ASP A 186 -5.08 18.36 56.59
C ASP A 186 -5.65 19.65 57.18
N HIS A 187 -6.65 19.54 58.07
CA HIS A 187 -7.23 20.71 58.72
C HIS A 187 -6.20 21.47 59.55
N MET B 1 7.38 -23.55 0.09
CA MET B 1 7.99 -22.21 0.10
C MET B 1 6.93 -21.17 -0.23
N ASP B 2 6.04 -20.90 0.73
CA ASP B 2 4.82 -20.10 0.56
C ASP B 2 4.87 -18.81 1.35
N LYS B 3 4.21 -17.77 0.83
CA LYS B 3 4.09 -16.46 1.44
C LYS B 3 2.64 -16.02 1.52
N ALA B 4 2.35 -15.17 2.48
CA ALA B 4 0.99 -14.71 2.77
C ALA B 4 0.97 -13.19 2.85
N LYS B 5 -0.25 -12.64 2.97
CA LYS B 5 -0.42 -11.20 3.16
C LYS B 5 0.25 -10.73 4.45
N ARG B 6 0.53 -9.44 4.50
CA ARG B 6 1.43 -8.83 5.49
C ARG B 6 0.78 -7.63 6.17
N ASN B 7 0.83 -7.62 7.48
CA ASN B 7 0.58 -6.43 8.29
C ASN B 7 1.64 -5.36 8.02
N ILE B 8 2.85 -5.79 7.69
CA ILE B 8 3.93 -4.91 7.33
C ILE B 8 3.50 -4.08 6.14
N LYS B 9 3.36 -2.78 6.36
CA LYS B 9 3.26 -1.83 5.26
C LYS B 9 4.63 -1.75 4.58
N PRO B 10 4.71 -1.69 3.24
CA PRO B 10 5.95 -1.47 2.52
C PRO B 10 6.79 -0.35 3.12
N PHE B 11 7.99 -0.71 3.53
CA PHE B 11 8.88 0.09 4.30
C PHE B 11 9.21 1.43 3.68
N ASP B 12 9.36 2.41 4.55
CA ASP B 12 9.45 3.84 4.26
C ASP B 12 10.52 4.59 5.06
N GLY B 13 11.11 3.99 6.10
CA GLY B 13 12.27 4.54 6.80
C GLY B 13 12.22 4.41 8.32
N GLU B 14 11.03 4.28 8.87
CA GLU B 14 10.77 4.37 10.31
C GLU B 14 10.25 3.04 10.83
N LYS B 15 10.49 2.75 12.11
CA LYS B 15 10.35 1.39 12.65
C LYS B 15 11.24 0.41 11.92
N TYR B 16 12.37 0.90 11.42
CA TYR B 16 13.24 0.13 10.57
C TYR B 16 13.66 -1.17 11.23
N ALA B 17 14.15 -1.11 12.46
CA ALA B 17 14.53 -2.31 13.18
C ALA B 17 13.33 -3.24 13.38
N ILE B 18 12.16 -2.68 13.70
CA ILE B 18 10.98 -3.50 13.96
C ILE B 18 10.62 -4.28 12.72
N TRP B 19 10.49 -3.57 11.61
CA TRP B 19 10.19 -4.17 10.35
C TRP B 19 11.28 -5.14 9.97
N LYS B 20 12.53 -4.77 10.18
CA LYS B 20 13.65 -5.58 9.80
C LYS B 20 13.65 -6.90 10.53
N PHE B 21 13.51 -6.93 11.85
CA PHE B 21 13.50 -8.21 12.54
C PHE B 21 12.22 -8.98 12.23
N ARG B 22 11.09 -8.30 11.98
CA ARG B 22 9.89 -8.99 11.49
C ARG B 22 10.24 -9.76 10.23
N ILE B 23 10.90 -9.09 9.29
CA ILE B 23 11.31 -9.72 8.05
C ILE B 23 12.33 -10.81 8.31
N ARG B 24 13.23 -10.61 9.26
CA ARG B 24 14.18 -11.66 9.59
C ARG B 24 13.44 -12.91 9.99
N ALA B 25 12.48 -12.78 10.89
CA ALA B 25 11.67 -13.90 11.34
C ALA B 25 10.91 -14.55 10.18
N LEU B 26 10.36 -13.75 9.27
CA LEU B 26 9.73 -14.27 8.06
C LEU B 26 10.71 -15.11 7.26
N LEU B 27 11.89 -14.59 7.03
CA LEU B 27 12.87 -15.29 6.22
C LEU B 27 13.31 -16.57 6.91
N ALA B 28 13.45 -16.55 8.23
CA ALA B 28 13.75 -17.75 8.98
C ALA B 28 12.59 -18.74 8.87
N GLU B 29 11.35 -18.28 8.78
CA GLU B 29 10.20 -19.15 8.55
C GLU B 29 10.34 -19.93 7.24
N GLN B 30 10.80 -19.26 6.18
CA GLN B 30 11.20 -19.94 4.94
C GLN B 30 12.57 -20.60 5.01
N ASP B 31 13.25 -20.51 6.14
CA ASP B 31 14.61 -20.97 6.39
C ASP B 31 15.68 -20.19 5.63
N VAL B 32 15.28 -19.28 4.75
CA VAL B 32 16.21 -18.55 3.87
C VAL B 32 17.09 -17.57 4.63
N LEU B 33 16.71 -17.17 5.84
CA LEU B 33 17.47 -16.22 6.65
C LEU B 33 18.93 -16.62 6.85
N LYS B 34 19.20 -17.92 6.85
CA LYS B 34 20.51 -18.50 7.07
C LYS B 34 21.59 -17.88 6.19
N VAL B 35 21.25 -17.46 4.97
CA VAL B 35 22.22 -16.87 4.04
C VAL B 35 22.76 -15.57 4.58
N VAL B 36 21.90 -14.72 5.13
CA VAL B 36 22.28 -13.48 5.80
C VAL B 36 22.90 -13.79 7.17
N ASP B 37 22.39 -14.81 7.86
CA ASP B 37 22.89 -15.18 9.18
C ASP B 37 24.34 -15.68 9.15
N GLY B 38 24.63 -16.61 8.25
CA GLY B 38 25.95 -17.20 8.10
C GLY B 38 26.92 -16.26 7.38
N LEU B 39 28.22 -16.47 7.58
CA LEU B 39 29.26 -15.84 6.75
C LEU B 39 29.18 -16.39 5.32
N MET B 40 30.14 -16.06 4.46
CA MET B 40 30.21 -16.64 3.12
C MET B 40 30.09 -18.17 3.22
N PRO B 41 28.98 -18.78 2.76
CA PRO B 41 28.75 -20.19 3.02
C PRO B 41 29.75 -21.02 2.22
N ASN B 42 29.94 -22.28 2.61
CA ASN B 42 30.71 -23.22 1.79
C ASN B 42 29.85 -23.69 0.60
N GLU B 43 28.54 -23.75 0.82
CA GLU B 43 27.46 -24.11 -0.09
C GLU B 43 26.92 -22.91 -0.87
N VAL B 44 27.82 -22.08 -1.41
CA VAL B 44 27.46 -21.05 -2.39
C VAL B 44 26.96 -21.74 -3.65
N ASP B 45 25.64 -21.82 -3.80
CA ASP B 45 25.02 -22.58 -4.87
C ASP B 45 23.71 -21.92 -5.26
N ASP B 46 23.10 -22.38 -6.34
CA ASP B 46 21.84 -21.84 -6.78
C ASP B 46 20.73 -21.93 -5.71
N SER B 47 20.74 -22.92 -4.82
CA SER B 47 19.75 -23.04 -3.74
C SER B 47 19.96 -22.03 -2.60
N TRP B 48 21.18 -21.80 -2.13
CA TRP B 48 21.48 -20.74 -1.18
C TRP B 48 21.37 -19.39 -1.85
N LYS B 49 21.82 -19.26 -3.10
CA LYS B 49 21.54 -18.09 -3.92
C LYS B 49 20.03 -17.89 -4.05
N LYS B 50 19.24 -18.93 -4.25
CA LYS B 50 17.76 -18.84 -4.29
C LYS B 50 17.23 -18.33 -2.97
N ALA B 51 17.75 -18.83 -1.86
CA ALA B 51 17.33 -18.37 -0.55
C ALA B 51 17.57 -16.86 -0.41
N GLU B 52 18.77 -16.37 -0.71
CA GLU B 52 19.04 -14.93 -0.63
C GLU B 52 18.28 -14.12 -1.68
N ARG B 53 18.04 -14.67 -2.88
CA ARG B 53 17.26 -13.99 -3.92
C ARG B 53 15.81 -13.87 -3.53
N CYS B 54 15.26 -14.91 -2.94
CA CYS B 54 13.95 -14.85 -2.35
C CYS B 54 13.96 -13.82 -1.22
N ALA B 55 15.01 -13.75 -0.42
CA ALA B 55 15.09 -12.74 0.62
C ALA B 55 15.05 -11.35 0.00
N LYS B 56 15.83 -11.10 -1.04
CA LYS B 56 15.82 -9.84 -1.79
C LYS B 56 14.46 -9.52 -2.35
N SER B 57 13.78 -10.50 -2.94
CA SER B 57 12.43 -10.33 -3.44
C SER B 57 11.48 -9.93 -2.32
N THR B 58 11.62 -10.58 -1.17
CA THR B 58 10.79 -10.30 0.00
C THR B 58 11.07 -8.89 0.47
N ILE B 59 12.32 -8.50 0.51
CA ILE B 59 12.69 -7.15 0.92
C ILE B 59 12.04 -6.16 -0.03
N ILE B 60 12.20 -6.36 -1.34
CA ILE B 60 11.61 -5.54 -2.40
C ILE B 60 10.09 -5.44 -2.24
N GLU B 61 9.42 -6.48 -1.75
CA GLU B 61 8.00 -6.44 -1.47
C GLU B 61 7.68 -5.27 -0.53
N TYR B 62 8.48 -5.07 0.51
CA TYR B 62 8.37 -3.88 1.35
C TYR B 62 9.06 -2.64 0.83
N LEU B 63 10.14 -2.72 0.09
CA LEU B 63 10.82 -1.51 -0.35
C LEU B 63 9.86 -0.61 -1.15
N SER B 64 9.73 0.64 -0.73
CA SER B 64 9.07 1.70 -1.50
C SER B 64 10.07 2.40 -2.44
N ASP B 65 9.71 3.49 -3.12
CA ASP B 65 10.44 3.96 -4.31
C ASP B 65 11.94 4.18 -4.10
N SER B 66 12.32 4.93 -3.06
CA SER B 66 13.72 5.14 -2.74
C SER B 66 14.36 3.81 -2.38
N PHE B 67 13.73 3.03 -1.52
CA PHE B 67 14.20 1.72 -1.12
C PHE B 67 14.41 0.82 -2.33
N LEU B 68 13.50 0.79 -3.29
CA LEU B 68 13.62 0.03 -4.51
C LEU B 68 14.79 0.55 -5.34
N ASN B 69 15.09 1.83 -5.26
CA ASN B 69 16.33 2.36 -5.81
C ASN B 69 17.56 1.75 -5.10
N PHE B 70 17.57 1.58 -3.79
CA PHE B 70 18.63 0.76 -3.15
C PHE B 70 18.68 -0.66 -3.74
N ALA B 71 17.53 -1.20 -4.16
CA ALA B 71 17.39 -2.57 -4.61
C ALA B 71 17.96 -2.86 -6.00
N THR B 72 19.10 -2.29 -6.36
CA THR B 72 19.80 -2.66 -7.59
C THR B 72 20.24 -4.12 -7.50
N SER B 73 20.04 -4.87 -8.59
CA SER B 73 20.13 -6.33 -8.62
C SER B 73 21.52 -6.85 -8.21
N ASP B 74 22.56 -6.12 -8.58
CA ASP B 74 23.95 -6.36 -8.24
C ASP B 74 24.20 -6.42 -6.74
N ILE B 75 23.63 -5.51 -5.95
CA ILE B 75 23.89 -5.44 -4.52
C ILE B 75 23.35 -6.71 -3.86
N THR B 76 24.15 -7.39 -3.04
CA THR B 76 23.71 -8.59 -2.32
C THR B 76 22.64 -8.25 -1.28
N ALA B 77 21.83 -9.23 -0.88
CA ALA B 77 20.76 -8.98 0.10
C ALA B 77 21.33 -8.37 1.37
N ARG B 78 22.39 -8.98 1.91
CA ARG B 78 23.07 -8.49 3.09
C ARG B 78 23.57 -7.06 2.89
N GLN B 79 24.20 -6.78 1.75
CA GLN B 79 24.61 -5.43 1.41
C GLN B 79 23.44 -4.46 1.43
N ILE B 80 22.28 -4.83 0.88
CA ILE B 80 21.10 -3.97 0.92
C ILE B 80 20.68 -3.70 2.36
N LEU B 81 20.65 -4.72 3.20
CA LEU B 81 20.37 -4.51 4.61
C LEU B 81 21.34 -3.50 5.19
N GLU B 82 22.62 -3.66 4.91
CA GLU B 82 23.64 -2.76 5.40
C GLU B 82 23.44 -1.34 4.89
N ASN B 83 22.97 -1.18 3.65
CA ASN B 83 22.70 0.12 3.08
C ASN B 83 21.55 0.79 3.83
N LEU B 84 20.48 0.04 4.04
CA LEU B 84 19.34 0.52 4.79
C LEU B 84 19.72 0.90 6.21
N ASP B 85 20.65 0.14 6.81
CA ASP B 85 21.19 0.51 8.12
C ASP B 85 21.91 1.83 8.03
N ALA B 86 22.81 1.98 7.07
CA ALA B 86 23.58 3.19 6.93
C ALA B 86 22.69 4.42 6.69
N VAL B 87 21.55 4.25 6.04
CA VAL B 87 20.59 5.34 5.98
C VAL B 87 19.83 5.54 7.29
N TYR B 88 19.08 4.53 7.71
CA TYR B 88 18.19 4.63 8.87
C TYR B 88 18.80 4.29 10.21
N GLU B 89 19.40 3.11 10.27
CA GLU B 89 19.91 2.52 11.52
C GLU B 89 21.34 2.98 11.83
N ARG B 90 21.84 3.97 11.12
CA ARG B 90 23.23 4.32 11.20
C ARG B 90 23.51 4.89 12.56
N LYS B 91 24.52 4.34 13.20
CA LYS B 91 24.81 4.56 14.61
C LYS B 91 25.63 5.84 14.83
N SER B 92 25.01 6.99 14.61
CA SER B 92 25.67 8.28 14.85
C SER B 92 25.66 8.62 16.33
N LEU B 93 26.82 8.96 16.87
CA LEU B 93 26.93 9.50 18.22
C LEU B 93 26.07 10.76 18.37
N ALA B 94 26.10 11.63 17.36
CA ALA B 94 25.32 12.86 17.37
C ALA B 94 23.83 12.57 17.50
N SER B 95 23.33 11.59 16.75
CA SER B 95 21.95 11.14 16.88
C SER B 95 21.65 10.73 18.32
N GLN B 96 22.49 9.89 18.93
CA GLN B 96 22.25 9.39 20.28
C GLN B 96 22.16 10.53 21.28
N LEU B 97 23.10 11.46 21.19
CA LEU B 97 23.15 12.58 22.10
C LEU B 97 21.95 13.48 21.89
N ALA B 98 21.62 13.82 20.65
CA ALA B 98 20.47 14.65 20.37
C ALA B 98 19.19 14.02 20.88
N LEU B 99 19.03 12.72 20.71
CA LEU B 99 17.89 12.01 21.22
C LEU B 99 17.86 12.03 22.74
N ARG B 100 19.02 11.88 23.39
CA ARG B 100 19.12 11.99 24.84
C ARG B 100 18.66 13.37 25.30
N LYS B 101 19.13 14.42 24.64
CA LYS B 101 18.69 15.80 24.90
C LYS B 101 17.19 15.91 24.77
N ARG B 102 16.64 15.38 23.68
CA ARG B 102 15.21 15.48 23.45
C ARG B 102 14.44 14.71 24.51
N LEU B 103 14.84 13.50 24.88
CA LEU B 103 14.18 12.74 25.93
C LEU B 103 14.20 13.47 27.27
N LEU B 104 15.33 14.08 27.64
CA LEU B 104 15.38 14.93 28.84
C LEU B 104 14.32 16.03 28.76
N SER B 105 14.25 16.70 27.61
CA SER B 105 13.29 17.77 27.40
C SER B 105 11.85 17.27 27.39
N LEU B 106 11.59 16.12 26.75
CA LEU B 106 10.26 15.59 26.55
C LEU B 106 9.71 15.11 27.88
N LYS B 107 8.51 15.57 28.19
CA LYS B 107 7.79 15.36 29.44
C LYS B 107 6.31 15.28 29.17
N LEU B 108 5.58 14.61 30.05
CA LEU B 108 4.13 14.62 30.10
C LEU B 108 3.67 15.38 31.33
N SER B 109 2.87 16.41 31.12
CA SER B 109 2.05 17.03 32.15
C SER B 109 0.67 16.37 32.21
N SER B 110 -0.13 16.54 31.17
CA SER B 110 -1.46 15.93 31.04
C SER B 110 -1.91 15.75 29.59
N GLU B 111 -1.17 16.31 28.65
CA GLU B 111 -1.68 16.54 27.29
C GLU B 111 -1.62 15.31 26.39
N MET B 112 -0.94 14.25 26.84
CA MET B 112 -0.82 13.00 26.12
C MET B 112 -1.53 11.93 26.94
N SER B 113 -2.48 11.22 26.34
CA SER B 113 -3.08 10.07 26.99
C SER B 113 -1.99 9.09 27.40
N LEU B 114 -2.32 8.16 28.27
CA LEU B 114 -1.32 7.20 28.73
C LEU B 114 -0.68 6.48 27.54
N LEU B 115 -1.50 5.98 26.62
CA LEU B 115 -1.02 5.28 25.44
C LEU B 115 -0.27 6.24 24.54
N SER B 116 -0.69 7.50 24.50
CA SER B 116 0.02 8.50 23.74
C SER B 116 1.46 8.59 24.25
N HIS B 117 1.60 8.72 25.55
CA HIS B 117 2.92 8.80 26.14
C HIS B 117 3.66 7.48 26.03
N PHE B 118 2.95 6.36 26.07
CA PHE B 118 3.61 5.09 25.90
C PHE B 118 4.27 5.05 24.55
N HIS B 119 3.55 5.37 23.49
CA HIS B 119 4.16 5.30 22.18
C HIS B 119 5.23 6.36 22.05
N ILE B 120 5.09 7.50 22.69
CA ILE B 120 6.13 8.52 22.68
C ILE B 120 7.41 7.94 23.25
N PHE B 121 7.30 7.25 24.38
CA PHE B 121 8.48 6.64 24.94
C PHE B 121 9.01 5.55 24.03
N ASP B 122 8.11 4.81 23.41
CA ASP B 122 8.50 3.71 22.55
C ASP B 122 9.31 4.22 21.38
N GLU B 123 8.82 5.24 20.69
CA GLU B 123 9.54 5.82 19.58
C GLU B 123 10.86 6.40 20.06
N LEU B 124 10.88 7.08 21.20
CA LEU B 124 12.11 7.66 21.70
C LEU B 124 13.17 6.60 21.90
N ILE B 125 12.80 5.54 22.60
CA ILE B 125 13.72 4.45 22.87
C ILE B 125 14.16 3.82 21.57
N SER B 126 13.22 3.56 20.68
CA SER B 126 13.50 2.89 19.43
C SER B 126 14.51 3.69 18.64
N GLU B 127 14.32 4.99 18.56
CA GLU B 127 15.24 5.86 17.86
C GLU B 127 16.59 5.86 18.54
N LEU B 128 16.64 5.89 19.86
CA LEU B 128 17.92 5.93 20.56
C LEU B 128 18.71 4.65 20.33
N LEU B 129 18.02 3.52 20.27
CA LEU B 129 18.62 2.26 19.87
C LEU B 129 19.10 2.32 18.43
N ALA B 130 18.28 2.83 17.52
CA ALA B 130 18.62 2.97 16.10
C ALA B 130 19.78 3.93 15.88
N ALA B 131 19.90 4.94 16.73
CA ALA B 131 21.04 5.83 16.78
C ALA B 131 22.31 5.10 17.27
N GLY B 132 22.19 3.91 17.83
CA GLY B 132 23.29 3.07 18.28
C GLY B 132 23.52 3.11 19.77
N ALA B 133 22.61 3.68 20.57
CA ALA B 133 22.73 3.61 22.01
C ALA B 133 22.46 2.19 22.52
N LYS B 134 23.10 1.83 23.62
CA LYS B 134 22.93 0.55 24.31
C LYS B 134 22.17 0.84 25.60
N ILE B 135 21.05 0.19 25.77
CA ILE B 135 20.02 0.60 26.72
C ILE B 135 19.51 -0.61 27.50
N GLU B 136 19.13 -0.39 28.75
CA GLU B 136 18.80 -1.43 29.70
C GLU B 136 17.44 -1.16 30.32
N GLU B 137 16.87 -2.18 30.93
CA GLU B 137 15.53 -2.07 31.49
C GLU B 137 15.39 -0.90 32.46
N MET B 138 16.30 -0.79 33.42
CA MET B 138 16.29 0.32 34.37
C MET B 138 16.33 1.68 33.67
N ASP B 139 17.07 1.81 32.57
CA ASP B 139 17.14 3.08 31.85
C ASP B 139 15.76 3.48 31.32
N LYS B 140 15.11 2.52 30.66
CA LYS B 140 13.79 2.73 30.10
C LYS B 140 12.84 3.08 31.23
N ILE B 141 12.89 2.32 32.33
CA ILE B 141 12.03 2.55 33.47
C ILE B 141 12.22 3.96 33.97
N SER B 142 13.45 4.34 34.28
CA SER B 142 13.67 5.59 34.97
C SER B 142 13.30 6.74 34.07
N HIS B 143 13.66 6.68 32.78
CA HIS B 143 13.30 7.77 31.89
C HIS B 143 11.80 7.91 31.79
N LEU B 144 11.10 6.81 31.55
CA LEU B 144 9.66 6.86 31.48
C LEU B 144 9.10 7.40 32.77
N LEU B 145 9.57 6.95 33.93
CA LEU B 145 9.15 7.49 35.22
C LEU B 145 9.36 9.01 35.28
N ILE B 146 10.54 9.48 34.91
CA ILE B 146 10.92 10.87 34.96
C ILE B 146 10.02 11.74 34.09
N THR B 147 9.49 11.21 33.00
CA THR B 147 8.60 11.98 32.13
C THR B 147 7.30 12.43 32.80
N LEU B 148 6.83 11.71 33.81
CA LEU B 148 5.49 11.78 34.36
C LEU B 148 5.28 12.85 35.47
N PRO B 149 4.02 13.23 35.80
CA PRO B 149 3.67 14.08 36.94
C PRO B 149 3.33 13.30 38.22
N SER B 150 3.08 14.02 39.31
CA SER B 150 2.99 13.47 40.68
C SER B 150 1.99 12.33 40.85
N CYS B 151 0.83 12.40 40.21
CA CYS B 151 -0.19 11.36 40.28
C CYS B 151 0.40 10.02 39.83
N TYR B 152 1.02 10.06 38.67
CA TYR B 152 1.81 8.97 38.16
C TYR B 152 3.03 8.73 39.01
N ASP B 153 3.66 9.74 39.59
CA ASP B 153 4.80 9.56 40.49
C ASP B 153 4.51 8.64 41.67
N GLY B 154 3.26 8.50 42.10
CA GLY B 154 2.96 7.41 43.01
C GLY B 154 3.43 6.05 42.46
N ILE B 155 3.36 5.84 41.15
CA ILE B 155 4.05 4.68 40.55
C ILE B 155 5.56 4.71 40.79
N ILE B 156 6.24 5.85 40.73
CA ILE B 156 7.69 5.88 41.02
C ILE B 156 7.94 5.39 42.44
N THR B 157 7.10 5.83 43.36
CA THR B 157 7.10 5.34 44.73
C THR B 157 6.90 3.82 44.73
N ALA B 158 6.08 3.28 43.83
CA ALA B 158 5.93 1.84 43.67
C ALA B 158 7.27 1.19 43.33
N ILE B 159 7.97 1.72 42.33
CA ILE B 159 9.25 1.16 41.93
C ILE B 159 10.26 1.20 43.08
N GLU B 160 10.38 2.31 43.82
CA GLU B 160 11.31 2.35 44.96
C GLU B 160 11.02 1.23 45.97
N THR B 161 9.75 0.83 46.10
CA THR B 161 9.31 -0.25 46.98
C THR B 161 9.03 -1.55 46.23
N LEU B 162 9.60 -1.75 45.04
CA LEU B 162 9.39 -2.94 44.23
C LEU B 162 10.70 -3.43 43.62
N SER B 163 10.91 -4.75 43.61
CA SER B 163 12.07 -5.38 43.00
C SER B 163 12.16 -5.15 41.49
N GLU B 164 13.24 -4.53 41.05
CA GLU B 164 13.47 -4.15 39.66
C GLU B 164 13.59 -5.34 38.72
N GLU B 165 14.07 -6.48 39.19
CA GLU B 165 14.11 -7.70 38.39
C GLU B 165 12.73 -8.10 37.84
N ASN B 166 11.67 -7.97 38.64
CA ASN B 166 10.32 -8.25 38.17
C ASN B 166 9.87 -7.17 37.20
N LEU B 167 10.35 -5.95 37.37
CA LEU B 167 10.04 -4.87 36.46
C LEU B 167 10.61 -5.17 35.07
N THR B 168 9.76 -5.01 34.07
CA THR B 168 10.11 -5.15 32.66
C THR B 168 9.36 -4.10 31.88
N LEU B 169 9.84 -3.57 30.76
CA LEU B 169 9.18 -2.41 30.16
C LEU B 169 7.74 -2.71 29.72
N ALA B 170 7.47 -3.95 29.32
CA ALA B 170 6.11 -4.43 29.10
C ALA B 170 5.29 -4.39 30.40
N PHE B 171 5.85 -4.96 31.48
CA PHE B 171 5.24 -4.89 32.79
C PHE B 171 5.13 -3.46 33.31
N VAL B 172 6.05 -2.58 32.95
CA VAL B 172 6.03 -1.18 33.30
C VAL B 172 4.84 -0.54 32.61
N LYS B 173 4.64 -0.75 31.32
CA LYS B 173 3.44 -0.27 30.64
C LYS B 173 2.20 -0.83 31.29
N ASN B 174 2.23 -2.09 31.70
CA ASN B 174 1.13 -2.69 32.42
C ASN B 174 0.82 -1.93 33.72
N ARG B 175 1.84 -1.68 34.51
CA ARG B 175 1.72 -0.93 35.75
C ARG B 175 1.29 0.49 35.49
N LEU B 176 1.69 1.06 34.38
CA LEU B 176 1.32 2.40 33.99
C LEU B 176 -0.13 2.46 33.53
N LEU B 177 -0.61 1.42 32.86
CA LEU B 177 -2.04 1.25 32.59
C LEU B 177 -2.79 1.26 33.90
N ASP B 178 -2.35 0.47 34.86
CA ASP B 178 -2.98 0.45 36.19
C ASP B 178 -3.00 1.85 36.82
N GLN B 179 -1.89 2.56 36.72
CA GLN B 179 -1.77 3.90 37.28
C GLN B 179 -2.75 4.88 36.59
N GLU B 180 -2.80 4.91 35.27
CA GLU B 180 -3.71 5.85 34.62
C GLU B 180 -5.18 5.44 34.77
N ILE B 181 -5.44 4.14 34.88
CA ILE B 181 -6.75 3.64 35.27
C ILE B 181 -7.21 4.26 36.59
N LYS B 182 -6.29 4.49 37.55
CA LYS B 182 -6.67 5.29 38.71
C LYS B 182 -7.16 6.63 38.22
N ILE B 183 -6.41 7.38 37.43
CA ILE B 183 -6.87 8.74 37.07
C ILE B 183 -8.26 8.70 36.46
N LYS B 184 -8.52 7.76 35.55
CA LYS B 184 -9.80 7.67 34.90
C LYS B 184 -10.94 7.52 35.89
N ASN B 185 -10.82 6.51 36.72
CA ASN B 185 -11.88 6.15 37.63
C ASN B 185 -11.96 7.06 38.85
N ASP B 186 -10.80 7.33 39.43
CA ASP B 186 -10.58 8.21 40.55
C ASP B 186 -11.10 9.61 40.27
N HIS B 187 -11.09 10.07 39.03
CA HIS B 187 -11.72 11.34 38.74
C HIS B 187 -13.18 11.33 39.18
N MET C 1 -5.39 -25.04 7.45
CA MET C 1 -4.20 -24.30 7.00
C MET C 1 -4.58 -23.13 6.08
N ASP C 2 -4.99 -22.01 6.66
CA ASP C 2 -5.50 -20.82 5.97
C ASP C 2 -4.86 -19.52 6.49
N LYS C 3 -4.64 -18.57 5.59
CA LYS C 3 -4.08 -17.24 5.85
C LYS C 3 -5.06 -16.10 5.61
N ALA C 4 -6.34 -16.38 5.32
CA ALA C 4 -7.36 -15.34 5.13
C ALA C 4 -7.50 -14.44 6.36
N LYS C 5 -8.20 -13.31 6.22
CA LYS C 5 -8.35 -12.34 7.32
C LYS C 5 -9.02 -12.97 8.53
N ARG C 6 -8.67 -12.49 9.72
CA ARG C 6 -9.40 -12.80 10.95
C ARG C 6 -9.70 -11.50 11.65
N ASN C 7 -10.65 -11.56 12.58
CA ASN C 7 -10.80 -10.53 13.59
C ASN C 7 -9.54 -10.37 14.47
N ILE C 8 -8.67 -11.39 14.47
CA ILE C 8 -7.36 -11.29 15.12
C ILE C 8 -6.61 -10.09 14.55
N LYS C 9 -6.01 -9.30 15.43
CA LYS C 9 -5.40 -8.01 15.12
C LYS C 9 -4.03 -7.95 15.78
N PRO C 10 -3.01 -7.31 15.16
CA PRO C 10 -1.75 -6.93 15.78
C PRO C 10 -1.91 -6.46 17.22
N PHE C 11 -1.73 -7.38 18.15
CA PHE C 11 -2.34 -7.28 19.45
C PHE C 11 -1.73 -6.22 20.32
N ASP C 12 -2.49 -5.77 21.30
CA ASP C 12 -2.18 -4.69 22.23
C ASP C 12 -2.15 -5.15 23.69
N GLY C 13 -2.42 -6.42 23.96
CA GLY C 13 -2.58 -6.90 25.33
C GLY C 13 -3.98 -6.75 25.89
N GLU C 14 -4.89 -6.14 25.14
CA GLU C 14 -6.23 -5.80 25.61
C GLU C 14 -7.23 -6.81 25.07
N LYS C 15 -8.02 -7.45 25.94
CA LYS C 15 -8.76 -8.69 25.63
C LYS C 15 -7.82 -9.88 25.39
N TYR C 16 -6.70 -9.90 26.10
CA TYR C 16 -5.66 -10.91 25.89
C TYR C 16 -6.19 -12.32 26.02
N ALA C 17 -7.10 -12.58 26.94
CA ALA C 17 -7.56 -13.94 27.17
C ALA C 17 -8.27 -14.49 25.93
N ILE C 18 -9.27 -13.79 25.43
CA ILE C 18 -10.00 -14.26 24.25
C ILE C 18 -9.16 -14.07 23.01
N TRP C 19 -8.38 -13.00 22.96
CA TRP C 19 -7.50 -12.80 21.83
C TRP C 19 -6.56 -13.99 21.70
N LYS C 20 -5.91 -14.37 22.79
CA LYS C 20 -5.01 -15.49 22.79
C LYS C 20 -5.78 -16.76 22.53
N PHE C 21 -7.00 -16.87 23.01
CA PHE C 21 -7.76 -18.07 22.76
C PHE C 21 -8.02 -18.24 21.26
N ARG C 22 -8.44 -17.18 20.57
CA ARG C 22 -8.63 -17.20 19.12
C ARG C 22 -7.29 -17.44 18.43
N ILE C 23 -6.21 -16.86 18.93
CA ILE C 23 -4.87 -17.11 18.45
C ILE C 23 -4.55 -18.59 18.55
N ARG C 24 -4.82 -19.21 19.68
CA ARG C 24 -4.54 -20.63 19.91
C ARG C 24 -5.36 -21.49 18.98
N ALA C 25 -6.64 -21.18 18.84
CA ALA C 25 -7.51 -21.86 17.90
C ALA C 25 -6.93 -21.77 16.48
N LEU C 26 -6.52 -20.58 16.07
CA LEU C 26 -5.85 -20.40 14.80
C LEU C 26 -4.58 -21.25 14.74
N LEU C 27 -3.71 -21.20 15.73
CA LEU C 27 -2.45 -21.93 15.67
C LEU C 27 -2.66 -23.43 15.57
N ALA C 28 -3.72 -23.96 16.17
CA ALA C 28 -4.08 -25.36 16.01
C ALA C 28 -4.56 -25.64 14.59
N GLU C 29 -5.28 -24.69 14.01
CA GLU C 29 -5.64 -24.73 12.61
C GLU C 29 -4.42 -24.59 11.70
N GLN C 30 -3.44 -23.78 12.09
CA GLN C 30 -2.10 -23.73 11.52
C GLN C 30 -1.28 -24.98 11.87
N ASP C 31 -1.81 -25.83 12.75
CA ASP C 31 -1.19 -27.02 13.28
C ASP C 31 0.07 -26.79 14.11
N VAL C 32 0.60 -25.57 14.17
CA VAL C 32 1.77 -25.27 14.97
C VAL C 32 1.45 -25.24 16.46
N LEU C 33 0.20 -25.05 16.88
CA LEU C 33 -0.13 -25.07 18.30
C LEU C 33 0.33 -26.39 18.94
N LYS C 34 0.26 -27.48 18.18
CA LYS C 34 0.74 -28.78 18.61
C LYS C 34 2.16 -28.71 19.07
N VAL C 35 3.06 -28.13 18.28
CA VAL C 35 4.44 -28.02 18.73
C VAL C 35 4.56 -26.98 19.82
N VAL C 36 3.77 -25.92 19.81
CA VAL C 36 3.91 -24.84 20.79
C VAL C 36 3.56 -25.31 22.19
N ASP C 37 2.54 -26.14 22.33
CA ASP C 37 2.25 -26.86 23.56
C ASP C 37 3.01 -28.17 23.76
N GLY C 38 3.26 -28.91 22.69
CA GLY C 38 3.73 -30.30 22.73
C GLY C 38 5.16 -30.44 23.24
N LEU C 39 5.65 -31.62 23.61
CA LEU C 39 7.05 -31.72 24.06
C LEU C 39 8.02 -31.29 22.95
N MET C 40 8.87 -30.29 23.24
CA MET C 40 9.95 -29.93 22.32
C MET C 40 10.96 -31.09 22.25
N PRO C 41 11.21 -31.66 21.07
CA PRO C 41 12.10 -32.80 20.96
C PRO C 41 13.51 -32.37 21.36
N ASN C 42 14.27 -33.28 21.98
CA ASN C 42 15.64 -32.96 22.39
C ASN C 42 16.51 -32.57 21.18
N GLU C 43 16.21 -33.14 20.03
CA GLU C 43 16.67 -32.76 18.71
C GLU C 43 15.56 -32.00 17.97
N VAL C 44 15.65 -30.67 17.97
CA VAL C 44 14.66 -29.81 17.32
C VAL C 44 14.82 -29.91 15.82
N ASP C 45 14.10 -30.83 15.20
CA ASP C 45 14.23 -31.12 13.78
C ASP C 45 13.65 -29.99 12.93
N ASP C 46 13.94 -29.97 11.63
CA ASP C 46 13.42 -28.93 10.77
C ASP C 46 11.89 -28.89 10.78
N SER C 47 11.22 -30.01 10.98
CA SER C 47 9.76 -29.99 11.19
C SER C 47 9.37 -29.14 12.39
N TRP C 48 10.00 -29.38 13.55
CA TRP C 48 9.70 -28.62 14.74
C TRP C 48 10.18 -27.18 14.60
N LYS C 49 11.37 -26.98 14.06
CA LYS C 49 11.91 -25.64 13.83
C LYS C 49 11.02 -24.86 12.88
N LYS C 50 10.56 -25.46 11.78
CA LYS C 50 9.57 -24.86 10.88
C LYS C 50 8.33 -24.46 11.64
N ALA C 51 7.80 -25.35 12.45
CA ALA C 51 6.57 -25.09 13.15
C ALA C 51 6.76 -23.94 14.16
N GLU C 52 7.86 -23.90 14.88
CA GLU C 52 8.20 -22.77 15.76
C GLU C 52 8.32 -21.47 14.98
N ARG C 53 9.09 -21.46 13.89
CA ARG C 53 9.30 -20.24 13.11
C ARG C 53 7.99 -19.74 12.55
N CYS C 54 7.15 -20.66 12.09
CA CYS C 54 5.83 -20.36 11.61
C CYS C 54 4.97 -19.77 12.72
N ALA C 55 5.00 -20.35 13.90
CA ALA C 55 4.25 -19.84 15.02
C ALA C 55 4.69 -18.43 15.34
N LYS C 56 6.00 -18.22 15.46
CA LYS C 56 6.55 -16.92 15.77
C LYS C 56 6.15 -15.90 14.72
N SER C 57 6.23 -16.28 13.45
CA SER C 57 5.81 -15.42 12.36
C SER C 57 4.32 -15.06 12.44
N THR C 58 3.49 -16.03 12.75
CA THR C 58 2.06 -15.81 12.86
C THR C 58 1.73 -14.89 14.03
N ILE C 59 2.43 -15.13 15.13
CA ILE C 59 2.36 -14.29 16.30
C ILE C 59 2.78 -12.89 15.92
N ILE C 60 3.87 -12.73 15.18
CA ILE C 60 4.31 -11.44 14.66
C ILE C 60 3.20 -10.78 13.86
N GLU C 61 2.56 -11.52 12.98
CA GLU C 61 1.50 -10.98 12.15
C GLU C 61 0.38 -10.42 13.02
N TYR C 62 -0.07 -11.25 13.97
CA TYR C 62 -1.03 -10.96 15.00
C TYR C 62 -0.64 -10.11 16.18
N LEU C 63 0.63 -9.82 16.42
CA LEU C 63 1.10 -8.93 17.48
C LEU C 63 1.50 -7.56 16.97
N SER C 64 1.43 -6.57 17.85
CA SER C 64 1.97 -5.23 17.61
C SER C 64 3.47 -5.15 17.88
N ASP C 65 4.06 -4.04 17.48
CA ASP C 65 5.49 -3.79 17.62
C ASP C 65 5.96 -3.95 19.04
N SER C 66 5.13 -3.56 20.02
CA SER C 66 5.53 -3.56 21.42
C SER C 66 5.96 -4.94 21.87
N PHE C 67 5.12 -5.94 21.64
CA PHE C 67 5.43 -7.28 22.10
C PHE C 67 6.51 -7.90 21.28
N LEU C 68 6.59 -7.55 20.00
CA LEU C 68 7.58 -8.11 19.12
C LEU C 68 8.97 -7.58 19.38
N ASN C 69 9.07 -6.30 19.74
CA ASN C 69 10.32 -5.76 20.20
C ASN C 69 10.66 -6.31 21.59
N PHE C 70 9.66 -6.57 22.44
CA PHE C 70 9.88 -7.34 23.66
C PHE C 70 10.32 -8.76 23.33
N ALA C 71 9.83 -9.32 22.23
CA ALA C 71 10.20 -10.64 21.78
C ALA C 71 11.61 -10.62 21.19
N THR C 72 12.56 -11.12 21.96
CA THR C 72 13.94 -11.35 21.50
C THR C 72 13.95 -12.24 20.25
N SER C 73 15.00 -12.15 19.45
CA SER C 73 15.15 -12.94 18.24
C SER C 73 15.03 -14.45 18.46
N ASP C 74 15.70 -15.01 19.46
CA ASP C 74 15.80 -16.47 19.64
C ASP C 74 14.76 -17.09 20.57
N ILE C 75 13.98 -16.28 21.28
CA ILE C 75 12.96 -16.83 22.19
C ILE C 75 11.91 -17.59 21.39
N THR C 76 11.55 -18.78 21.84
CA THR C 76 10.53 -19.57 21.16
C THR C 76 9.14 -19.03 21.49
N ALA C 77 8.17 -19.24 20.60
CA ALA C 77 6.84 -18.75 20.84
C ALA C 77 6.39 -19.04 22.27
N ARG C 78 6.85 -20.13 22.88
CA ARG C 78 6.54 -20.48 24.27
C ARG C 78 6.90 -19.36 25.21
N GLN C 79 8.08 -18.80 25.03
CA GLN C 79 8.52 -17.67 25.82
C GLN C 79 7.61 -16.49 25.55
N ILE C 80 7.16 -16.30 24.32
CA ILE C 80 6.21 -15.22 24.04
C ILE C 80 4.95 -15.44 24.87
N LEU C 81 4.41 -16.67 24.90
CA LEU C 81 3.25 -16.98 25.72
C LEU C 81 3.54 -16.62 27.15
N GLU C 82 4.68 -17.07 27.66
CA GLU C 82 5.07 -16.82 29.04
C GLU C 82 5.15 -15.34 29.34
N ASN C 83 5.71 -14.55 28.43
CA ASN C 83 5.85 -13.12 28.63
C ASN C 83 4.48 -12.48 28.76
N LEU C 84 3.60 -12.80 27.84
CA LEU C 84 2.27 -12.24 27.84
C LEU C 84 1.49 -12.73 29.05
N ASP C 85 1.62 -13.99 29.42
CA ASP C 85 1.02 -14.53 30.63
C ASP C 85 1.55 -13.85 31.87
N ALA C 86 2.82 -13.55 31.96
CA ALA C 86 3.32 -12.80 33.09
C ALA C 86 2.71 -11.41 33.10
N VAL C 87 2.64 -10.74 31.94
CA VAL C 87 2.15 -9.38 31.90
C VAL C 87 0.67 -9.36 32.27
N TYR C 88 -0.16 -10.13 31.57
CA TYR C 88 -1.59 -10.19 31.85
C TYR C 88 -1.98 -11.10 33.01
N GLU C 89 -1.48 -12.32 32.97
CA GLU C 89 -1.92 -13.45 33.81
C GLU C 89 -1.04 -13.73 35.02
N ARG C 90 -0.27 -12.74 35.48
CA ARG C 90 0.18 -12.75 36.87
C ARG C 90 -0.97 -12.79 37.87
N LYS C 91 -2.19 -12.39 37.45
CA LYS C 91 -3.44 -12.52 38.22
C LYS C 91 -3.44 -11.82 39.57
N SER C 92 -2.66 -10.75 39.69
CA SER C 92 -2.78 -9.84 40.83
C SER C 92 -4.22 -9.44 40.99
N LEU C 93 -4.64 -9.25 42.23
CA LEU C 93 -6.01 -8.90 42.58
C LEU C 93 -6.46 -7.67 41.81
N ALA C 94 -5.53 -6.80 41.41
CA ALA C 94 -5.79 -5.59 40.66
C ALA C 94 -6.67 -5.85 39.43
N SER C 95 -6.49 -6.99 38.75
CA SER C 95 -7.35 -7.34 37.62
C SER C 95 -8.79 -7.47 38.07
N GLN C 96 -9.01 -8.18 39.17
CA GLN C 96 -10.30 -8.41 39.76
C GLN C 96 -10.91 -7.08 40.20
N LEU C 97 -10.10 -6.17 40.72
CA LEU C 97 -10.59 -4.85 41.12
C LEU C 97 -11.13 -4.11 39.91
N ALA C 98 -10.34 -4.07 38.85
CA ALA C 98 -10.72 -3.37 37.62
C ALA C 98 -11.99 -3.97 37.04
N LEU C 99 -12.04 -5.29 36.98
CA LEU C 99 -13.18 -6.01 36.43
C LEU C 99 -14.44 -5.76 37.26
N ARG C 100 -14.36 -5.81 38.59
CA ARG C 100 -15.51 -5.46 39.43
C ARG C 100 -15.94 -4.02 39.26
N LYS C 101 -15.02 -3.08 39.07
CA LYS C 101 -15.38 -1.71 38.75
C LYS C 101 -16.16 -1.64 37.44
N ARG C 102 -15.65 -2.27 36.39
CA ARG C 102 -16.34 -2.30 35.09
C ARG C 102 -17.68 -3.01 35.19
N LEU C 103 -17.81 -4.00 36.04
CA LEU C 103 -19.08 -4.66 36.33
C LEU C 103 -20.08 -3.70 36.97
N LEU C 104 -19.65 -2.98 38.00
CA LEU C 104 -20.42 -1.95 38.65
C LEU C 104 -20.83 -0.84 37.69
N SER C 105 -20.02 -0.59 36.65
CA SER C 105 -20.20 0.54 35.74
C SER C 105 -21.60 0.62 35.12
N LEU C 106 -22.16 -0.48 34.63
CA LEU C 106 -23.49 -0.49 34.05
C LEU C 106 -24.46 -1.18 35.00
N LYS C 107 -25.43 -0.40 35.45
CA LYS C 107 -26.67 -0.94 35.99
C LYS C 107 -27.64 -1.10 34.84
N LEU C 108 -28.09 -2.32 34.56
CA LEU C 108 -29.04 -2.54 33.47
C LEU C 108 -30.50 -2.13 33.73
N SER C 109 -30.80 -0.83 33.67
CA SER C 109 -32.16 -0.34 33.84
C SER C 109 -33.11 -1.03 32.84
N SER C 110 -34.40 -0.66 32.88
CA SER C 110 -35.38 -1.18 31.92
C SER C 110 -35.21 -0.66 30.46
N GLU C 111 -34.15 0.10 30.14
CA GLU C 111 -33.88 0.64 28.80
C GLU C 111 -33.16 -0.35 27.88
N MET C 112 -31.96 -0.77 28.27
CA MET C 112 -31.09 -1.54 27.40
C MET C 112 -31.68 -2.92 27.12
N SER C 113 -31.47 -3.48 25.93
CA SER C 113 -31.88 -4.86 25.70
C SER C 113 -31.11 -5.79 26.64
N LEU C 114 -31.83 -6.68 27.33
CA LEU C 114 -31.22 -7.54 28.35
C LEU C 114 -30.11 -8.42 27.81
N LEU C 115 -30.22 -8.82 26.55
CA LEU C 115 -29.19 -9.61 25.89
C LEU C 115 -27.87 -8.83 25.82
N SER C 116 -27.95 -7.51 25.71
CA SER C 116 -26.75 -6.67 25.75
C SER C 116 -26.03 -6.89 27.06
N HIS C 117 -26.77 -6.77 28.16
CA HIS C 117 -26.16 -6.91 29.45
C HIS C 117 -25.77 -8.36 29.73
N PHE C 118 -26.52 -9.32 29.20
CA PHE C 118 -26.10 -10.70 29.29
C PHE C 118 -24.73 -10.85 28.71
N HIS C 119 -24.52 -10.44 27.47
CA HIS C 119 -23.23 -10.70 26.87
C HIS C 119 -22.14 -9.86 27.52
N ILE C 120 -22.47 -8.65 27.98
CA ILE C 120 -21.50 -7.79 28.65
C ILE C 120 -21.00 -8.50 29.89
N PHE C 121 -21.92 -8.97 30.71
CA PHE C 121 -21.59 -9.62 31.94
C PHE C 121 -20.85 -10.91 31.68
N ASP C 122 -21.31 -11.64 30.69
CA ASP C 122 -20.72 -12.87 30.30
C ASP C 122 -19.25 -12.69 29.96
N GLU C 123 -18.94 -11.71 29.12
CA GLU C 123 -17.57 -11.38 28.80
C GLU C 123 -16.80 -11.00 30.04
N LEU C 124 -17.36 -10.09 30.83
CA LEU C 124 -16.68 -9.57 31.99
C LEU C 124 -16.25 -10.70 32.90
N ILE C 125 -17.18 -11.58 33.21
CA ILE C 125 -16.91 -12.62 34.16
C ILE C 125 -16.02 -13.69 33.56
N SER C 126 -16.16 -13.94 32.28
CA SER C 126 -15.28 -14.90 31.62
C SER C 126 -13.84 -14.44 31.76
N GLU C 127 -13.56 -13.17 31.54
CA GLU C 127 -12.23 -12.65 31.76
C GLU C 127 -11.84 -12.63 33.23
N LEU C 128 -12.79 -12.40 34.14
CA LEU C 128 -12.53 -12.42 35.57
C LEU C 128 -12.03 -13.78 36.01
N LEU C 129 -12.71 -14.84 35.59
CA LEU C 129 -12.24 -16.17 35.86
C LEU C 129 -10.99 -16.51 35.04
N ALA C 130 -10.83 -15.95 33.85
CA ALA C 130 -9.55 -16.02 33.12
C ALA C 130 -8.41 -15.38 33.93
N ALA C 131 -8.70 -14.36 34.74
CA ALA C 131 -7.78 -13.81 35.74
C ALA C 131 -7.66 -14.67 37.02
N GLY C 132 -8.04 -15.95 36.97
CA GLY C 132 -7.92 -16.90 38.08
C GLY C 132 -9.00 -16.81 39.16
N ALA C 133 -10.08 -16.04 38.92
CA ALA C 133 -11.09 -15.85 39.95
C ALA C 133 -11.79 -17.17 40.32
N LYS C 134 -11.76 -17.50 41.61
CA LYS C 134 -12.39 -18.72 42.15
C LYS C 134 -13.85 -18.44 42.51
N ILE C 135 -14.65 -18.05 41.52
CA ILE C 135 -16.02 -17.59 41.70
C ILE C 135 -16.99 -18.67 41.24
N GLU C 136 -18.03 -18.92 42.03
CA GLU C 136 -19.10 -19.85 41.65
C GLU C 136 -20.03 -19.26 40.61
N GLU C 137 -20.56 -20.06 39.70
CA GLU C 137 -21.39 -19.56 38.61
C GLU C 137 -22.57 -18.73 39.11
N MET C 138 -23.33 -19.20 40.10
CA MET C 138 -24.42 -18.39 40.60
C MET C 138 -23.94 -17.10 41.25
N ASP C 139 -22.79 -17.16 41.91
CA ASP C 139 -22.10 -15.98 42.41
C ASP C 139 -21.73 -15.04 41.25
N LYS C 140 -21.45 -15.52 40.05
CA LYS C 140 -21.37 -14.62 38.90
C LYS C 140 -22.74 -14.01 38.64
N ILE C 141 -23.79 -14.81 38.49
CA ILE C 141 -25.09 -14.26 38.05
C ILE C 141 -25.56 -13.23 39.06
N SER C 142 -25.21 -13.45 40.30
CA SER C 142 -25.47 -12.57 41.38
C SER C 142 -24.98 -11.17 41.09
N HIS C 143 -23.79 -10.98 40.57
CA HIS C 143 -23.36 -9.63 40.25
C HIS C 143 -24.24 -8.99 39.18
N LEU C 144 -24.61 -9.74 38.14
CA LEU C 144 -25.57 -9.19 37.17
C LEU C 144 -26.88 -8.85 37.84
N LEU C 145 -27.36 -9.73 38.67
CA LEU C 145 -28.61 -9.58 39.37
C LEU C 145 -28.64 -8.30 40.18
N ILE C 146 -27.50 -7.82 40.68
CA ILE C 146 -27.42 -6.52 41.36
C ILE C 146 -28.00 -5.43 40.47
N THR C 147 -27.75 -5.53 39.19
CA THR C 147 -28.04 -4.52 38.19
C THR C 147 -29.50 -4.19 37.94
N LEU C 148 -30.46 -5.01 38.37
CA LEU C 148 -31.86 -4.95 37.94
C LEU C 148 -32.75 -3.93 38.71
N PRO C 149 -33.66 -3.19 38.04
CA PRO C 149 -34.71 -2.37 38.66
C PRO C 149 -35.66 -3.10 39.61
N SER C 150 -36.64 -2.37 40.11
CA SER C 150 -37.75 -2.87 40.94
C SER C 150 -38.72 -3.80 40.20
N CYS C 151 -38.90 -3.65 38.89
CA CYS C 151 -39.87 -4.45 38.13
C CYS C 151 -39.64 -5.98 38.34
N TYR C 152 -38.36 -6.28 38.39
CA TYR C 152 -37.78 -7.57 38.71
C TYR C 152 -38.11 -8.04 40.12
N ASP C 153 -38.42 -7.14 41.06
CA ASP C 153 -38.56 -7.43 42.49
C ASP C 153 -39.46 -8.60 42.70
N GLY C 154 -40.57 -8.64 41.96
CA GLY C 154 -41.51 -9.74 42.19
C GLY C 154 -40.84 -11.10 42.05
N ILE C 155 -40.13 -11.33 40.94
CA ILE C 155 -39.40 -12.61 40.87
C ILE C 155 -38.13 -12.66 41.73
N ILE C 156 -37.33 -11.60 41.69
CA ILE C 156 -35.96 -11.66 42.18
C ILE C 156 -35.95 -11.93 43.67
N THR C 157 -36.88 -11.31 44.38
CA THR C 157 -36.95 -11.45 45.81
C THR C 157 -37.25 -12.89 46.21
N ALA C 158 -37.99 -13.64 45.41
CA ALA C 158 -37.99 -15.09 45.59
C ALA C 158 -36.71 -15.74 45.10
N ILE C 159 -36.30 -15.45 43.88
CA ILE C 159 -35.25 -16.20 43.21
C ILE C 159 -33.94 -16.17 43.97
N GLU C 160 -33.67 -15.09 44.70
CA GLU C 160 -32.55 -15.03 45.63
C GLU C 160 -32.57 -16.15 46.67
N THR C 161 -33.74 -16.66 47.00
CA THR C 161 -33.89 -17.90 47.78
C THR C 161 -33.77 -19.17 46.91
N LEU C 162 -34.06 -19.10 45.62
CA LEU C 162 -34.06 -20.21 44.66
C LEU C 162 -32.75 -20.22 43.85
N SER C 163 -31.76 -20.99 44.28
CA SER C 163 -30.35 -20.66 44.04
C SER C 163 -29.49 -21.83 43.48
N GLU C 164 -28.17 -21.89 43.69
CA GLU C 164 -27.25 -22.55 42.75
C GLU C 164 -27.59 -23.96 42.28
N GLU C 165 -27.82 -24.91 43.17
CA GLU C 165 -28.20 -26.25 42.79
C GLU C 165 -29.66 -26.30 42.33
N ASN C 166 -30.52 -25.43 42.86
CA ASN C 166 -31.91 -25.33 42.45
C ASN C 166 -32.05 -24.69 41.06
N LEU C 167 -31.40 -23.55 40.83
CA LEU C 167 -31.29 -22.82 39.59
C LEU C 167 -29.82 -22.49 39.33
N THR C 168 -29.32 -22.88 38.17
CA THR C 168 -27.93 -22.70 37.70
C THR C 168 -27.86 -21.60 36.63
N LEU C 169 -26.78 -21.54 35.84
CA LEU C 169 -26.57 -20.49 34.85
C LEU C 169 -27.75 -20.37 33.90
N ALA C 170 -28.11 -21.49 33.29
CA ALA C 170 -29.18 -21.49 32.32
C ALA C 170 -30.50 -21.22 33.02
N PHE C 171 -30.72 -21.87 34.15
CA PHE C 171 -32.03 -21.88 34.79
C PHE C 171 -32.37 -20.48 35.27
N VAL C 172 -31.43 -19.86 35.97
CA VAL C 172 -31.59 -18.49 36.39
C VAL C 172 -31.68 -17.58 35.19
N LYS C 173 -30.75 -17.68 34.23
CA LYS C 173 -30.75 -16.76 33.10
C LYS C 173 -32.05 -16.83 32.32
N ASN C 174 -32.60 -18.02 32.14
CA ASN C 174 -33.90 -18.23 31.53
C ASN C 174 -34.98 -17.61 32.37
N ARG C 175 -34.98 -17.84 33.68
CA ARG C 175 -35.98 -17.26 34.55
C ARG C 175 -35.95 -15.74 34.47
N LEU C 176 -34.76 -15.15 34.40
CA LEU C 176 -34.59 -13.73 34.25
C LEU C 176 -35.10 -13.25 32.91
N LEU C 177 -34.81 -13.98 31.86
CA LEU C 177 -35.33 -13.65 30.55
C LEU C 177 -36.85 -13.72 30.54
N ASP C 178 -37.44 -14.71 31.20
CA ASP C 178 -38.88 -14.81 31.37
C ASP C 178 -39.44 -13.58 32.06
N GLN C 179 -38.79 -13.12 33.11
CA GLN C 179 -39.25 -11.92 33.80
C GLN C 179 -39.15 -10.70 32.90
N GLU C 180 -38.01 -10.52 32.24
CA GLU C 180 -37.82 -9.31 31.48
C GLU C 180 -38.65 -9.28 30.21
N ILE C 181 -38.80 -10.40 29.51
CA ILE C 181 -39.70 -10.48 28.38
C ILE C 181 -41.11 -10.12 28.84
N LYS C 182 -41.54 -10.66 29.98
CA LYS C 182 -42.83 -10.29 30.54
C LYS C 182 -42.89 -8.82 30.90
N ILE C 183 -41.83 -8.24 31.44
CA ILE C 183 -41.78 -6.79 31.73
C ILE C 183 -42.01 -6.01 30.44
N LYS C 184 -41.32 -6.36 29.36
CA LYS C 184 -41.43 -5.66 28.09
C LYS C 184 -42.83 -5.76 27.53
N ASN C 185 -43.37 -6.97 27.55
CA ASN C 185 -44.69 -7.25 27.02
C ASN C 185 -45.75 -6.53 27.83
N ASP C 186 -45.65 -6.60 29.15
CA ASP C 186 -46.51 -5.89 30.06
C ASP C 186 -46.41 -4.38 29.85
N HIS C 187 -45.21 -3.85 29.69
CA HIS C 187 -45.03 -2.44 29.42
C HIS C 187 -45.77 -2.01 28.16
N MET D 1 -9.24 -28.81 1.32
CA MET D 1 -10.17 -27.67 1.10
C MET D 1 -10.13 -26.75 2.31
N ASP D 2 -10.18 -25.44 2.07
CA ASP D 2 -10.24 -24.41 3.10
C ASP D 2 -11.50 -23.55 2.93
N LYS D 3 -12.04 -23.08 4.06
CA LYS D 3 -13.25 -22.26 4.10
C LYS D 3 -13.07 -20.95 3.34
N ALA D 4 -13.99 -20.62 2.45
CA ALA D 4 -14.09 -19.27 1.92
C ALA D 4 -14.80 -18.34 2.91
N LYS D 5 -14.80 -17.04 2.57
CA LYS D 5 -15.70 -16.08 3.20
C LYS D 5 -17.13 -16.56 3.05
N ARG D 6 -17.81 -16.68 4.18
CA ARG D 6 -19.25 -16.77 4.25
C ARG D 6 -19.72 -15.51 4.93
N ASN D 7 -20.65 -14.81 4.31
CA ASN D 7 -21.21 -13.60 4.88
C ASN D 7 -21.98 -13.87 6.18
N ILE D 8 -22.16 -15.14 6.53
CA ILE D 8 -22.48 -15.57 7.87
C ILE D 8 -21.76 -14.66 8.86
N LYS D 9 -22.55 -14.06 9.74
CA LYS D 9 -22.06 -13.05 10.66
C LYS D 9 -21.18 -13.70 11.74
N PRO D 10 -20.06 -13.07 12.11
CA PRO D 10 -19.44 -13.15 13.44
C PRO D 10 -20.48 -12.87 14.53
N PHE D 11 -21.01 -13.93 15.09
CA PHE D 11 -22.33 -13.96 15.64
C PHE D 11 -22.44 -13.62 17.10
N ASP D 12 -23.64 -13.22 17.43
CA ASP D 12 -24.05 -12.78 18.75
C ASP D 12 -25.51 -13.14 19.07
N GLY D 13 -26.21 -13.86 18.20
CA GLY D 13 -27.62 -14.24 18.40
C GLY D 13 -28.61 -13.59 17.43
N GLU D 14 -28.23 -12.57 16.66
CA GLU D 14 -29.20 -11.89 15.80
C GLU D 14 -29.65 -12.75 14.62
N LYS D 15 -30.94 -13.11 14.53
CA LYS D 15 -31.45 -14.09 13.56
C LYS D 15 -30.78 -15.45 13.73
N TYR D 16 -30.78 -15.92 14.96
CA TYR D 16 -30.02 -17.11 15.29
C TYR D 16 -30.53 -18.37 14.59
N ALA D 17 -31.84 -18.53 14.43
CA ALA D 17 -32.34 -19.81 13.96
C ALA D 17 -31.83 -20.11 12.55
N ILE D 18 -32.01 -19.15 11.65
CA ILE D 18 -31.50 -19.27 10.30
C ILE D 18 -30.00 -19.07 10.27
N TRP D 19 -29.40 -18.26 11.14
CA TRP D 19 -27.95 -18.16 11.17
C TRP D 19 -27.35 -19.52 11.44
N LYS D 20 -27.88 -20.20 12.44
CA LYS D 20 -27.45 -21.53 12.79
C LYS D 20 -27.80 -22.49 11.69
N PHE D 21 -28.89 -22.28 10.97
CA PHE D 21 -29.20 -23.06 9.79
C PHE D 21 -28.08 -22.97 8.77
N ARG D 22 -27.59 -21.76 8.47
CA ARG D 22 -26.46 -21.55 7.55
C ARG D 22 -25.20 -22.23 8.08
N ILE D 23 -24.97 -22.11 9.38
CA ILE D 23 -23.83 -22.75 10.02
C ILE D 23 -23.90 -24.24 9.80
N ARG D 24 -25.05 -24.84 10.09
CA ARG D 24 -25.25 -26.28 9.99
C ARG D 24 -25.07 -26.73 8.57
N ALA D 25 -25.56 -25.97 7.61
CA ALA D 25 -25.32 -26.24 6.21
C ALA D 25 -23.82 -26.24 5.90
N LEU D 26 -23.06 -25.28 6.43
CA LEU D 26 -21.61 -25.27 6.25
C LEU D 26 -20.95 -26.49 6.90
N LEU D 27 -21.47 -26.93 8.03
CA LEU D 27 -20.94 -28.14 8.64
C LEU D 27 -21.17 -29.35 7.73
N ALA D 28 -22.34 -29.40 7.10
CA ALA D 28 -22.68 -30.49 6.22
C ALA D 28 -21.77 -30.49 5.01
N GLU D 29 -21.43 -29.31 4.49
CA GLU D 29 -20.47 -29.14 3.38
C GLU D 29 -19.15 -29.82 3.74
N GLN D 30 -18.73 -29.68 4.99
CA GLN D 30 -17.46 -30.24 5.43
C GLN D 30 -17.54 -31.73 5.81
N ASP D 31 -18.71 -32.37 5.65
CA ASP D 31 -19.03 -33.69 6.19
C ASP D 31 -19.05 -33.74 7.72
N VAL D 32 -18.71 -32.65 8.40
CA VAL D 32 -18.59 -32.62 9.85
C VAL D 32 -19.94 -32.53 10.54
N LEU D 33 -21.02 -32.18 9.83
CA LEU D 33 -22.32 -32.11 10.46
C LEU D 33 -22.73 -33.45 11.10
N LYS D 34 -22.32 -34.59 10.55
CA LYS D 34 -22.69 -35.89 11.14
C LYS D 34 -22.32 -36.02 12.63
N VAL D 35 -21.13 -35.54 12.98
CA VAL D 35 -20.64 -35.58 14.36
C VAL D 35 -21.33 -34.58 15.24
N VAL D 36 -21.75 -33.45 14.67
CA VAL D 36 -22.53 -32.45 15.39
C VAL D 36 -23.96 -32.87 15.62
N ASP D 37 -24.66 -33.28 14.57
CA ASP D 37 -26.06 -33.63 14.63
C ASP D 37 -26.23 -34.96 15.36
N GLY D 38 -25.42 -35.95 15.01
CA GLY D 38 -25.20 -37.16 15.77
C GLY D 38 -24.35 -36.83 16.98
N LEU D 39 -24.24 -37.81 17.88
CA LEU D 39 -23.33 -37.69 19.01
C LEU D 39 -21.92 -37.37 18.50
N MET D 40 -21.12 -36.77 19.37
CA MET D 40 -19.67 -36.91 19.21
C MET D 40 -19.39 -38.42 19.09
N PRO D 41 -18.81 -38.88 17.97
CA PRO D 41 -18.92 -40.29 17.60
C PRO D 41 -18.34 -41.20 18.68
N ASN D 42 -18.89 -42.40 18.77
CA ASN D 42 -18.59 -43.31 19.88
C ASN D 42 -17.09 -43.58 20.00
N GLU D 43 -16.37 -43.55 18.88
CA GLU D 43 -14.92 -43.63 18.82
C GLU D 43 -14.37 -42.48 17.96
N VAL D 44 -14.16 -41.30 18.55
CA VAL D 44 -13.73 -40.11 17.82
C VAL D 44 -12.30 -40.29 17.30
N ASP D 45 -12.19 -40.90 16.13
CA ASP D 45 -10.92 -41.02 15.44
C ASP D 45 -10.39 -39.62 15.08
N ASP D 46 -9.16 -39.58 14.58
CA ASP D 46 -8.55 -38.31 14.18
C ASP D 46 -9.43 -37.56 13.17
N SER D 47 -10.05 -38.28 12.25
CA SER D 47 -10.92 -37.66 11.26
C SER D 47 -12.08 -36.91 11.92
N TRP D 48 -12.78 -37.55 12.84
CA TRP D 48 -13.94 -36.97 13.53
C TRP D 48 -13.54 -35.93 14.55
N LYS D 49 -12.41 -36.12 15.21
CA LYS D 49 -11.89 -35.13 16.14
C LYS D 49 -11.54 -33.87 15.37
N LYS D 50 -10.82 -33.99 14.27
CA LYS D 50 -10.51 -32.88 13.36
C LYS D 50 -11.79 -32.27 12.79
N ALA D 51 -12.78 -33.07 12.45
CA ALA D 51 -14.06 -32.58 11.95
C ALA D 51 -14.73 -31.67 12.98
N GLU D 52 -14.82 -32.12 14.23
CA GLU D 52 -15.43 -31.31 15.27
C GLU D 52 -14.57 -30.08 15.58
N ARG D 53 -13.25 -30.24 15.58
CA ARG D 53 -12.33 -29.12 15.75
C ARG D 53 -12.54 -28.07 14.68
N CYS D 54 -12.67 -28.50 13.44
CA CYS D 54 -12.95 -27.62 12.32
C CYS D 54 -14.28 -26.92 12.51
N ALA D 55 -15.32 -27.64 12.93
CA ALA D 55 -16.59 -27.02 13.23
C ALA D 55 -16.41 -25.90 14.25
N LYS D 56 -15.72 -26.19 15.34
CA LYS D 56 -15.41 -25.24 16.40
C LYS D 56 -14.68 -24.02 15.87
N SER D 57 -13.64 -24.20 15.07
CA SER D 57 -12.84 -23.10 14.56
C SER D 57 -13.64 -22.24 13.59
N THR D 58 -14.53 -22.86 12.84
CA THR D 58 -15.42 -22.13 11.95
C THR D 58 -16.47 -21.37 12.73
N ILE D 59 -16.96 -21.98 13.79
CA ILE D 59 -17.87 -21.30 14.69
C ILE D 59 -17.14 -20.10 15.26
N ILE D 60 -15.88 -20.25 15.68
CA ILE D 60 -15.05 -19.12 16.07
C ILE D 60 -14.96 -18.08 14.96
N GLU D 61 -14.76 -18.50 13.71
CA GLU D 61 -14.68 -17.58 12.57
C GLU D 61 -15.96 -16.72 12.50
N TYR D 62 -17.10 -17.39 12.63
CA TYR D 62 -18.43 -16.85 12.74
C TYR D 62 -18.98 -16.43 14.11
N LEU D 63 -18.27 -16.50 15.24
CA LEU D 63 -18.74 -15.95 16.52
C LEU D 63 -18.06 -14.63 16.86
N SER D 64 -18.64 -13.89 17.81
CA SER D 64 -18.08 -12.68 18.41
C SER D 64 -17.71 -12.87 19.89
N ASP D 65 -17.11 -11.88 20.54
CA ASP D 65 -16.18 -12.10 21.67
C ASP D 65 -16.71 -12.94 22.85
N SER D 66 -17.87 -12.63 23.41
CA SER D 66 -18.44 -13.45 24.50
C SER D 66 -18.87 -14.81 23.95
N PHE D 67 -19.31 -14.83 22.71
CA PHE D 67 -19.71 -16.05 22.05
C PHE D 67 -18.49 -16.95 21.84
N LEU D 68 -17.33 -16.36 21.55
CA LEU D 68 -16.07 -17.09 21.51
C LEU D 68 -15.71 -17.63 22.89
N ASN D 69 -15.83 -16.83 23.95
CA ASN D 69 -15.46 -17.35 25.24
C ASN D 69 -16.43 -18.45 25.69
N PHE D 70 -17.70 -18.37 25.28
CA PHE D 70 -18.60 -19.49 25.47
C PHE D 70 -18.08 -20.69 24.74
N ALA D 71 -17.54 -20.48 23.55
CA ALA D 71 -16.86 -21.49 22.79
C ALA D 71 -15.48 -21.89 23.37
N THR D 72 -15.38 -22.17 24.67
CA THR D 72 -14.21 -22.82 25.26
C THR D 72 -13.87 -24.14 24.57
N SER D 73 -12.58 -24.43 24.40
CA SER D 73 -12.12 -25.56 23.59
C SER D 73 -12.37 -26.93 24.22
N ASP D 74 -12.83 -26.99 25.46
CA ASP D 74 -13.09 -28.21 26.20
C ASP D 74 -14.23 -29.04 25.60
N ILE D 75 -15.45 -28.51 25.67
CA ILE D 75 -16.65 -29.23 25.31
C ILE D 75 -16.89 -29.07 23.83
N THR D 76 -17.52 -30.04 23.20
CA THR D 76 -17.75 -30.04 21.77
C THR D 76 -18.46 -28.77 21.28
N ALA D 77 -18.11 -28.34 20.08
CA ALA D 77 -18.71 -27.18 19.45
C ALA D 77 -20.23 -27.33 19.36
N ARG D 78 -20.70 -28.54 19.03
CA ARG D 78 -22.13 -28.88 19.05
C ARG D 78 -22.77 -28.58 20.41
N GLN D 79 -22.12 -28.94 21.51
CA GLN D 79 -22.68 -28.63 22.82
C GLN D 79 -22.77 -27.13 23.01
N ILE D 80 -21.71 -26.40 22.69
CA ILE D 80 -21.72 -24.95 22.87
C ILE D 80 -22.84 -24.33 22.06
N LEU D 81 -22.95 -24.74 20.79
CA LEU D 81 -23.99 -24.24 19.93
C LEU D 81 -25.33 -24.49 20.60
N GLU D 82 -25.58 -25.71 21.05
CA GLU D 82 -26.82 -26.00 21.74
C GLU D 82 -27.02 -25.14 22.98
N ASN D 83 -25.96 -24.82 23.72
CA ASN D 83 -26.09 -23.97 24.89
C ASN D 83 -26.58 -22.60 24.47
N LEU D 84 -25.93 -22.02 23.49
CA LEU D 84 -26.32 -20.72 23.01
C LEU D 84 -27.72 -20.79 22.40
N ASP D 85 -28.06 -21.90 21.77
CA ASP D 85 -29.39 -22.09 21.23
C ASP D 85 -30.38 -22.00 22.36
N ALA D 86 -30.22 -22.75 23.43
CA ALA D 86 -31.18 -22.67 24.50
C ALA D 86 -31.23 -21.26 25.09
N VAL D 87 -30.10 -20.55 25.07
CA VAL D 87 -30.07 -19.19 25.60
C VAL D 87 -31.00 -18.31 24.78
N TYR D 88 -30.79 -18.23 23.48
CA TYR D 88 -31.60 -17.40 22.61
C TYR D 88 -32.88 -18.06 22.09
N GLU D 89 -32.72 -19.25 21.55
CA GLU D 89 -33.76 -20.24 21.24
C GLU D 89 -34.26 -20.88 22.54
N ARG D 90 -34.73 -20.04 23.45
CA ARG D 90 -35.38 -20.43 24.70
C ARG D 90 -36.73 -21.11 24.45
N LYS D 91 -36.70 -22.40 24.13
CA LYS D 91 -37.88 -23.22 23.79
C LYS D 91 -38.76 -23.52 25.01
N SER D 92 -39.48 -22.51 25.47
CA SER D 92 -40.25 -22.52 26.72
C SER D 92 -41.48 -21.65 26.55
N LEU D 93 -42.54 -21.92 27.30
CA LEU D 93 -43.89 -21.52 26.96
C LEU D 93 -44.01 -20.03 26.64
N ALA D 94 -43.44 -19.18 27.49
CA ALA D 94 -43.58 -17.75 27.34
C ALA D 94 -43.07 -17.24 25.99
N SER D 95 -42.05 -17.88 25.41
CA SER D 95 -41.59 -17.45 24.09
C SER D 95 -42.72 -17.59 23.08
N GLN D 96 -43.37 -18.74 23.05
CA GLN D 96 -44.42 -18.93 22.07
C GLN D 96 -45.60 -18.04 22.42
N LEU D 97 -45.89 -17.80 23.71
CA LEU D 97 -46.94 -16.85 24.07
C LEU D 97 -46.68 -15.47 23.44
N ALA D 98 -45.47 -14.94 23.62
CA ALA D 98 -45.14 -13.61 23.11
C ALA D 98 -45.17 -13.59 21.60
N LEU D 99 -44.65 -14.63 20.97
CA LEU D 99 -44.66 -14.73 19.53
C LEU D 99 -46.08 -14.76 19.02
N ARG D 100 -46.95 -15.56 19.62
CA ARG D 100 -48.35 -15.61 19.24
C ARG D 100 -48.96 -14.23 19.36
N LYS D 101 -48.71 -13.53 20.46
CA LYS D 101 -49.21 -12.18 20.63
C LYS D 101 -48.75 -11.27 19.49
N ARG D 102 -47.47 -11.35 19.14
CA ARG D 102 -46.88 -10.58 18.03
C ARG D 102 -47.49 -10.95 16.70
N LEU D 103 -47.69 -12.22 16.45
CA LEU D 103 -48.29 -12.69 15.21
C LEU D 103 -49.71 -12.20 15.09
N LEU D 104 -50.51 -12.40 16.13
CA LEU D 104 -51.91 -12.02 16.14
C LEU D 104 -52.08 -10.51 16.04
N SER D 105 -51.16 -9.74 16.60
CA SER D 105 -51.17 -8.30 16.41
C SER D 105 -50.73 -7.92 14.99
N LEU D 106 -49.76 -8.59 14.40
CA LEU D 106 -49.29 -8.25 13.06
C LEU D 106 -50.39 -8.41 12.00
N LYS D 107 -50.44 -7.48 11.05
CA LYS D 107 -51.23 -7.56 9.82
C LYS D 107 -50.37 -7.15 8.64
N LEU D 108 -50.77 -7.60 7.45
CA LEU D 108 -50.20 -7.07 6.22
C LEU D 108 -50.42 -5.56 6.14
N SER D 109 -49.47 -4.85 5.56
CA SER D 109 -49.56 -3.42 5.24
C SER D 109 -49.26 -3.19 3.76
N SER D 110 -49.82 -2.13 3.18
CA SER D 110 -49.79 -1.94 1.73
C SER D 110 -48.38 -1.89 1.16
N GLU D 111 -47.49 -1.16 1.82
CA GLU D 111 -46.09 -1.09 1.44
C GLU D 111 -45.37 -2.41 1.69
N MET D 112 -45.85 -3.25 2.60
CA MET D 112 -45.30 -4.57 2.80
C MET D 112 -45.67 -5.43 1.61
N SER D 113 -44.79 -5.47 0.61
CA SER D 113 -45.02 -6.31 -0.56
C SER D 113 -45.37 -7.70 -0.09
N LEU D 114 -46.24 -8.39 -0.79
CA LEU D 114 -46.67 -9.69 -0.35
C LEU D 114 -45.48 -10.64 -0.20
N LEU D 115 -44.45 -10.48 -1.03
CA LEU D 115 -43.20 -11.20 -0.82
C LEU D 115 -42.57 -10.81 0.52
N SER D 116 -42.45 -9.53 0.83
CA SER D 116 -41.94 -9.07 2.11
C SER D 116 -42.84 -9.55 3.25
N HIS D 117 -44.14 -9.52 3.06
CA HIS D 117 -45.10 -9.97 4.02
C HIS D 117 -44.91 -11.44 4.29
N PHE D 118 -44.77 -12.23 3.24
CA PHE D 118 -44.42 -13.61 3.35
C PHE D 118 -43.12 -13.74 4.10
N HIS D 119 -42.10 -12.97 3.76
CA HIS D 119 -40.82 -13.06 4.44
C HIS D 119 -41.00 -12.85 5.95
N ILE D 120 -41.79 -11.86 6.32
CA ILE D 120 -42.05 -11.51 7.71
C ILE D 120 -42.87 -12.59 8.40
N PHE D 121 -43.91 -13.06 7.74
CA PHE D 121 -44.69 -14.15 8.25
C PHE D 121 -43.82 -15.39 8.47
N ASP D 122 -43.00 -15.69 7.49
CA ASP D 122 -42.19 -16.88 7.50
C ASP D 122 -41.11 -16.80 8.56
N GLU D 123 -40.47 -15.64 8.75
CA GLU D 123 -39.52 -15.51 9.84
C GLU D 123 -40.23 -15.68 11.18
N LEU D 124 -41.42 -15.11 11.35
CA LEU D 124 -42.21 -15.35 12.54
C LEU D 124 -42.46 -16.84 12.74
N ILE D 125 -42.87 -17.54 11.70
CA ILE D 125 -43.13 -18.96 11.81
C ILE D 125 -41.85 -19.72 12.13
N SER D 126 -40.74 -19.35 11.50
CA SER D 126 -39.46 -19.99 11.74
C SER D 126 -39.07 -19.84 13.19
N GLU D 127 -39.24 -18.65 13.74
CA GLU D 127 -39.04 -18.41 15.16
C GLU D 127 -39.96 -19.26 16.00
N LEU D 128 -41.21 -19.45 15.60
CA LEU D 128 -42.21 -20.15 16.38
C LEU D 128 -41.94 -21.65 16.43
N LEU D 129 -41.63 -22.21 15.27
CA LEU D 129 -41.23 -23.58 15.20
C LEU D 129 -39.89 -23.77 15.89
N ALA D 130 -38.98 -22.82 15.76
CA ALA D 130 -37.71 -22.83 16.47
C ALA D 130 -37.94 -22.66 17.98
N ALA D 131 -38.95 -21.93 18.38
CA ALA D 131 -39.39 -21.87 19.76
C ALA D 131 -39.98 -23.21 20.19
N GLY D 132 -40.35 -24.08 19.26
CA GLY D 132 -40.81 -25.44 19.53
C GLY D 132 -42.33 -25.59 19.49
N ALA D 133 -43.07 -24.59 19.00
CA ALA D 133 -44.51 -24.77 18.85
C ALA D 133 -44.80 -25.73 17.71
N LYS D 134 -45.53 -26.81 18.00
CA LYS D 134 -45.93 -27.81 17.02
C LYS D 134 -47.05 -27.26 16.16
N ILE D 135 -46.66 -26.64 15.05
CA ILE D 135 -47.53 -25.86 14.18
C ILE D 135 -47.19 -26.20 12.72
N GLU D 136 -48.19 -26.45 11.91
CA GLU D 136 -48.02 -27.09 10.60
C GLU D 136 -48.72 -26.31 9.50
N GLU D 137 -48.77 -26.91 8.32
CA GLU D 137 -49.20 -26.24 7.10
C GLU D 137 -50.57 -25.57 7.23
N MET D 138 -51.55 -26.26 7.79
CA MET D 138 -52.88 -25.66 7.99
C MET D 138 -52.81 -24.45 8.89
N ASP D 139 -51.99 -24.50 9.94
CA ASP D 139 -51.81 -23.37 10.81
C ASP D 139 -51.10 -22.23 10.11
N LYS D 140 -50.06 -22.52 9.33
CA LYS D 140 -49.37 -21.48 8.56
C LYS D 140 -50.37 -20.72 7.69
N ILE D 141 -51.17 -21.47 6.94
CA ILE D 141 -52.15 -20.89 6.05
C ILE D 141 -53.19 -20.12 6.86
N SER D 142 -53.70 -20.70 7.93
CA SER D 142 -54.68 -20.02 8.77
C SER D 142 -54.14 -18.68 9.29
N HIS D 143 -52.90 -18.66 9.75
CA HIS D 143 -52.24 -17.44 10.20
C HIS D 143 -52.12 -16.45 9.06
N LEU D 144 -51.81 -16.92 7.87
CA LEU D 144 -51.77 -16.07 6.70
C LEU D 144 -53.15 -15.45 6.42
N LEU D 145 -54.23 -16.23 6.51
CA LEU D 145 -55.58 -15.68 6.38
C LEU D 145 -55.83 -14.57 7.39
N ILE D 146 -55.39 -14.79 8.63
CA ILE D 146 -55.53 -13.79 9.68
C ILE D 146 -54.78 -12.50 9.33
N THR D 147 -53.57 -12.57 8.80
CA THR D 147 -52.79 -11.34 8.52
C THR D 147 -53.32 -10.55 7.35
N LEU D 148 -53.91 -11.22 6.37
CA LEU D 148 -54.35 -10.59 5.14
C LEU D 148 -55.36 -9.46 5.36
N PRO D 149 -55.36 -8.44 4.49
CA PRO D 149 -56.21 -7.26 4.58
C PRO D 149 -57.54 -7.48 3.84
N SER D 150 -58.41 -6.47 3.90
CA SER D 150 -59.74 -6.52 3.28
C SER D 150 -59.69 -6.73 1.78
N CYS D 151 -58.66 -6.27 1.09
CA CYS D 151 -58.53 -6.53 -0.34
C CYS D 151 -58.23 -8.01 -0.65
N TYR D 152 -58.21 -8.90 0.34
CA TYR D 152 -57.98 -10.33 0.18
C TYR D 152 -59.19 -11.20 0.53
N ASP D 153 -60.37 -10.62 0.75
CA ASP D 153 -61.53 -11.40 1.18
C ASP D 153 -61.89 -12.55 0.22
N GLY D 154 -61.97 -12.25 -1.07
CA GLY D 154 -62.39 -13.25 -2.06
C GLY D 154 -61.39 -14.39 -2.16
N ILE D 155 -60.10 -14.07 -2.22
CA ILE D 155 -59.10 -15.12 -2.23
C ILE D 155 -59.14 -15.91 -0.94
N ILE D 156 -59.30 -15.28 0.21
CA ILE D 156 -59.40 -16.00 1.48
C ILE D 156 -60.52 -17.03 1.41
N THR D 157 -61.69 -16.62 0.93
CA THR D 157 -62.79 -17.56 0.73
C THR D 157 -62.40 -18.66 -0.25
N ALA D 158 -61.71 -18.33 -1.34
CA ALA D 158 -61.24 -19.34 -2.28
C ALA D 158 -60.33 -20.32 -1.55
N ILE D 159 -59.43 -19.85 -0.72
CA ILE D 159 -58.60 -20.71 0.09
C ILE D 159 -59.43 -21.55 1.04
N GLU D 160 -60.52 -21.06 1.60
CA GLU D 160 -61.40 -21.90 2.41
C GLU D 160 -61.96 -23.06 1.58
N THR D 161 -62.18 -22.87 0.28
CA THR D 161 -62.51 -24.00 -0.59
C THR D 161 -61.36 -24.97 -0.74
N LEU D 162 -60.13 -24.48 -0.66
CA LEU D 162 -58.93 -25.29 -0.79
C LEU D 162 -58.71 -26.12 0.49
N SER D 163 -59.06 -27.41 0.44
CA SER D 163 -58.88 -28.36 1.56
C SER D 163 -57.51 -29.06 1.53
N GLU D 164 -57.29 -30.10 2.33
CA GLU D 164 -55.96 -30.67 2.59
C GLU D 164 -55.17 -31.11 1.35
N GLU D 165 -55.84 -31.62 0.34
CA GLU D 165 -55.22 -31.92 -0.94
C GLU D 165 -54.67 -30.66 -1.59
N ASN D 166 -55.41 -29.55 -1.50
CA ASN D 166 -54.98 -28.23 -1.92
C ASN D 166 -53.96 -27.60 -0.98
N LEU D 167 -54.01 -27.92 0.32
CA LEU D 167 -53.14 -27.32 1.34
C LEU D 167 -51.69 -27.43 0.89
N THR D 168 -51.14 -26.27 0.54
CA THR D 168 -49.72 -26.11 0.31
C THR D 168 -49.43 -24.63 0.25
N LEU D 169 -48.57 -24.18 1.14
CA LEU D 169 -48.24 -22.80 1.29
C LEU D 169 -47.67 -22.24 0.00
N ALA D 170 -46.98 -23.05 -0.79
CA ALA D 170 -46.47 -22.58 -2.06
C ALA D 170 -47.63 -22.23 -2.99
N PHE D 171 -48.59 -23.13 -3.18
CA PHE D 171 -49.71 -22.83 -4.06
C PHE D 171 -50.56 -21.70 -3.50
N VAL D 172 -50.74 -21.70 -2.20
CA VAL D 172 -51.46 -20.65 -1.51
C VAL D 172 -50.76 -19.31 -1.75
N LYS D 173 -49.45 -19.25 -1.54
CA LYS D 173 -48.66 -18.05 -1.77
C LYS D 173 -48.74 -17.63 -3.22
N ASN D 174 -48.74 -18.58 -4.13
CA ASN D 174 -48.90 -18.30 -5.54
C ASN D 174 -50.20 -17.57 -5.80
N ARG D 175 -51.31 -18.09 -5.28
CA ARG D 175 -52.61 -17.45 -5.51
C ARG D 175 -52.71 -16.10 -4.84
N LEU D 176 -52.10 -15.98 -3.67
CA LEU D 176 -52.02 -14.69 -2.99
C LEU D 176 -51.21 -13.69 -3.82
N LEU D 177 -50.13 -14.12 -4.46
CA LEU D 177 -49.36 -13.26 -5.34
C LEU D 177 -50.19 -12.87 -6.57
N ASP D 178 -51.05 -13.74 -7.07
CA ASP D 178 -51.99 -13.40 -8.13
C ASP D 178 -52.95 -12.31 -7.67
N GLN D 179 -53.47 -12.45 -6.46
CA GLN D 179 -54.30 -11.42 -5.88
C GLN D 179 -53.53 -10.12 -5.78
N GLU D 180 -52.32 -10.16 -5.25
CA GLU D 180 -51.49 -8.98 -5.06
C GLU D 180 -51.22 -8.28 -6.38
N ILE D 181 -50.79 -9.00 -7.40
CA ILE D 181 -50.50 -8.36 -8.66
C ILE D 181 -51.77 -7.78 -9.24
N LYS D 182 -52.90 -8.48 -9.18
CA LYS D 182 -54.14 -7.92 -9.71
C LYS D 182 -54.59 -6.71 -8.91
N ILE D 183 -54.34 -6.70 -7.61
CA ILE D 183 -54.52 -5.53 -6.75
C ILE D 183 -53.64 -4.40 -7.25
N LYS D 184 -52.35 -4.62 -7.49
CA LYS D 184 -51.45 -3.58 -7.97
C LYS D 184 -51.99 -2.96 -9.23
N ASN D 185 -52.35 -3.80 -10.19
CA ASN D 185 -52.88 -3.35 -11.47
C ASN D 185 -54.17 -2.56 -11.29
N ASP D 186 -55.10 -3.08 -10.49
CA ASP D 186 -56.40 -2.46 -10.31
C ASP D 186 -56.28 -1.08 -9.66
N HIS D 187 -55.49 -0.97 -8.60
CA HIS D 187 -55.29 0.29 -7.91
C HIS D 187 -54.51 1.28 -8.76
N MET E 1 -13.78 -27.73 -6.33
CA MET E 1 -14.26 -26.50 -7.00
C MET E 1 -13.66 -25.26 -6.32
N ASP E 2 -13.34 -24.22 -7.10
CA ASP E 2 -12.81 -22.95 -6.56
C ASP E 2 -13.88 -22.15 -5.81
N LYS E 3 -13.44 -21.36 -4.82
CA LYS E 3 -14.31 -20.50 -4.00
C LYS E 3 -14.12 -19.01 -4.28
N ALA E 4 -13.53 -18.67 -5.43
CA ALA E 4 -13.29 -17.29 -5.82
C ALA E 4 -14.59 -16.48 -5.79
N LYS E 5 -14.51 -15.20 -5.41
CA LYS E 5 -15.69 -14.36 -5.25
C LYS E 5 -16.47 -14.28 -6.55
N ARG E 6 -17.74 -14.68 -6.50
CA ARG E 6 -18.69 -14.55 -7.61
C ARG E 6 -19.51 -13.30 -7.37
N ASN E 7 -19.74 -12.51 -8.39
CA ASN E 7 -20.77 -11.49 -8.41
C ASN E 7 -22.17 -12.12 -8.45
N ILE E 8 -22.52 -12.81 -7.37
CA ILE E 8 -23.82 -13.38 -7.12
C ILE E 8 -24.21 -13.00 -5.69
N LYS E 9 -25.48 -12.68 -5.45
CA LYS E 9 -25.94 -12.07 -4.21
C LYS E 9 -26.70 -13.07 -3.35
N PRO E 10 -26.62 -13.00 -2.01
CA PRO E 10 -27.67 -13.45 -1.10
C PRO E 10 -29.06 -13.03 -1.57
N PHE E 11 -29.83 -13.97 -2.08
CA PHE E 11 -30.92 -13.69 -2.98
C PHE E 11 -32.26 -13.78 -2.31
N ASP E 12 -33.10 -12.78 -2.55
CA ASP E 12 -34.44 -12.75 -2.02
C ASP E 12 -35.53 -12.74 -3.11
N GLY E 13 -35.15 -12.61 -4.38
CA GLY E 13 -36.10 -12.52 -5.50
C GLY E 13 -35.61 -11.64 -6.65
N GLU E 14 -34.71 -10.72 -6.35
CA GLU E 14 -34.21 -9.71 -7.27
C GLU E 14 -33.56 -10.33 -8.50
N LYS E 15 -34.05 -10.00 -9.68
CA LYS E 15 -33.59 -10.61 -10.95
C LYS E 15 -33.55 -12.12 -10.87
N TYR E 16 -34.67 -12.74 -10.52
CA TYR E 16 -34.70 -14.15 -10.17
C TYR E 16 -34.09 -15.05 -11.23
N ALA E 17 -34.52 -14.91 -12.48
CA ALA E 17 -34.04 -15.79 -13.54
C ALA E 17 -32.55 -15.60 -13.77
N ILE E 18 -32.10 -14.35 -13.70
CA ILE E 18 -30.73 -13.96 -13.99
C ILE E 18 -29.82 -14.44 -12.87
N TRP E 19 -30.19 -14.19 -11.63
CA TRP E 19 -29.43 -14.67 -10.49
C TRP E 19 -29.34 -16.19 -10.52
N LYS E 20 -30.47 -16.84 -10.74
CA LYS E 20 -30.53 -18.29 -10.88
C LYS E 20 -29.64 -18.72 -12.02
N PHE E 21 -29.62 -18.01 -13.13
CA PHE E 21 -28.76 -18.36 -14.24
C PHE E 21 -27.28 -18.22 -13.91
N ARG E 22 -26.88 -17.16 -13.20
CA ARG E 22 -25.53 -17.06 -12.67
C ARG E 22 -25.21 -18.26 -11.81
N ILE E 23 -26.12 -18.60 -10.90
CA ILE E 23 -25.96 -19.75 -10.02
C ILE E 23 -25.76 -20.98 -10.88
N ARG E 24 -26.62 -21.20 -11.86
CA ARG E 24 -26.58 -22.39 -12.69
C ARG E 24 -25.27 -22.48 -13.43
N ALA E 25 -24.83 -21.38 -13.99
CA ALA E 25 -23.54 -21.31 -14.66
C ALA E 25 -22.39 -21.66 -13.71
N LEU E 26 -22.40 -21.13 -12.48
CA LEU E 26 -21.40 -21.51 -11.50
C LEU E 26 -21.44 -23.00 -11.23
N LEU E 27 -22.61 -23.55 -10.96
CA LEU E 27 -22.79 -24.97 -10.67
C LEU E 27 -22.29 -25.83 -11.81
N ALA E 28 -22.48 -25.40 -13.05
CA ALA E 28 -21.98 -26.13 -14.20
C ALA E 28 -20.45 -26.13 -14.16
N GLU E 29 -19.84 -25.01 -13.82
CA GLU E 29 -18.39 -24.93 -13.59
C GLU E 29 -17.98 -25.75 -12.36
N GLN E 30 -18.83 -25.79 -11.32
CA GLN E 30 -18.68 -26.73 -10.23
C GLN E 30 -18.92 -28.16 -10.66
N ASP E 31 -19.35 -28.38 -11.91
CA ASP E 31 -19.84 -29.63 -12.48
C ASP E 31 -21.16 -30.12 -11.87
N VAL E 32 -21.54 -29.61 -10.71
CA VAL E 32 -22.72 -30.07 -9.98
C VAL E 32 -24.03 -29.74 -10.70
N LEU E 33 -24.04 -28.75 -11.61
CA LEU E 33 -25.26 -28.46 -12.36
C LEU E 33 -25.77 -29.71 -13.06
N LYS E 34 -24.85 -30.60 -13.45
CA LYS E 34 -25.21 -31.82 -14.16
C LYS E 34 -26.28 -32.63 -13.41
N VAL E 35 -26.14 -32.80 -12.10
CA VAL E 35 -27.14 -33.46 -11.26
C VAL E 35 -28.30 -32.57 -10.90
N VAL E 36 -28.03 -31.28 -10.68
CA VAL E 36 -29.06 -30.32 -10.31
C VAL E 36 -30.11 -30.18 -11.41
N ASP E 37 -29.68 -29.99 -12.64
CA ASP E 37 -30.56 -30.04 -13.80
C ASP E 37 -30.87 -31.44 -14.34
N GLY E 38 -29.94 -32.39 -14.22
CA GLY E 38 -29.99 -33.66 -14.96
C GLY E 38 -30.49 -34.83 -14.13
N LEU E 39 -29.72 -35.91 -14.14
CA LEU E 39 -30.17 -37.23 -13.71
C LEU E 39 -30.34 -37.35 -12.20
N MET E 40 -31.05 -38.42 -11.82
CA MET E 40 -31.17 -38.91 -10.44
C MET E 40 -30.63 -40.34 -10.39
N PRO E 41 -29.31 -40.53 -10.44
CA PRO E 41 -28.73 -41.86 -10.43
C PRO E 41 -29.17 -42.64 -9.18
N ASN E 42 -29.52 -43.91 -9.35
CA ASN E 42 -29.98 -44.73 -8.22
C ASN E 42 -28.83 -45.07 -7.25
N GLU E 43 -27.63 -45.24 -7.79
CA GLU E 43 -26.46 -45.59 -7.02
C GLU E 43 -26.11 -44.45 -6.06
N VAL E 44 -25.65 -44.83 -4.88
CA VAL E 44 -25.39 -43.90 -3.78
C VAL E 44 -23.99 -43.31 -3.94
N ASP E 45 -23.87 -42.30 -4.80
CA ASP E 45 -22.58 -41.68 -5.11
C ASP E 45 -22.15 -40.70 -4.01
N ASP E 46 -20.97 -40.90 -3.46
CA ASP E 46 -20.42 -39.97 -2.49
C ASP E 46 -20.19 -38.60 -3.12
N SER E 47 -19.68 -38.56 -4.33
CA SER E 47 -19.50 -37.32 -5.06
C SER E 47 -20.83 -36.61 -5.24
N TRP E 48 -21.91 -37.33 -5.53
CA TRP E 48 -23.24 -36.76 -5.62
C TRP E 48 -23.60 -36.01 -4.34
N LYS E 49 -23.40 -36.63 -3.18
CA LYS E 49 -23.73 -36.00 -1.91
C LYS E 49 -22.86 -34.77 -1.67
N LYS E 50 -21.57 -34.90 -1.93
CA LYS E 50 -20.61 -33.82 -1.72
C LYS E 50 -20.97 -32.62 -2.57
N ALA E 51 -21.23 -32.88 -3.84
CA ALA E 51 -21.67 -31.88 -4.78
C ALA E 51 -22.95 -31.22 -4.30
N GLU E 52 -23.96 -32.00 -3.92
CA GLU E 52 -25.23 -31.46 -3.46
C GLU E 52 -25.03 -30.52 -2.29
N ARG E 53 -24.28 -30.96 -1.30
CA ARG E 53 -24.06 -30.19 -0.08
C ARG E 53 -23.29 -28.92 -0.39
N CYS E 54 -22.25 -29.05 -1.18
CA CYS E 54 -21.46 -27.90 -1.60
C CYS E 54 -22.34 -26.88 -2.34
N ALA E 55 -23.15 -27.36 -3.26
CA ALA E 55 -24.04 -26.51 -4.02
C ALA E 55 -25.01 -25.83 -3.09
N LYS E 56 -25.58 -26.59 -2.16
CA LYS E 56 -26.51 -26.05 -1.18
C LYS E 56 -25.85 -24.92 -0.43
N SER E 57 -24.65 -25.14 0.07
CA SER E 57 -23.90 -24.10 0.78
C SER E 57 -23.68 -22.87 -0.08
N THR E 58 -23.33 -23.07 -1.34
CA THR E 58 -23.08 -21.97 -2.27
C THR E 58 -24.34 -21.17 -2.49
N ILE E 59 -25.43 -21.86 -2.78
CA ILE E 59 -26.72 -21.24 -2.98
C ILE E 59 -27.16 -20.54 -1.72
N ILE E 60 -26.94 -21.13 -0.54
CA ILE E 60 -27.26 -20.53 0.74
C ILE E 60 -26.53 -19.18 0.91
N GLU E 61 -25.24 -19.14 0.61
CA GLU E 61 -24.47 -17.89 0.60
C GLU E 61 -25.10 -16.89 -0.38
N TYR E 62 -25.56 -17.39 -1.50
CA TYR E 62 -26.40 -16.75 -2.51
C TYR E 62 -27.87 -16.54 -2.18
N LEU E 63 -28.43 -17.03 -1.10
CA LEU E 63 -29.85 -16.89 -0.77
C LEU E 63 -30.10 -15.99 0.45
N SER E 64 -31.31 -15.45 0.51
CA SER E 64 -31.87 -14.82 1.68
C SER E 64 -32.52 -15.86 2.58
N ASP E 65 -32.69 -15.49 3.83
CA ASP E 65 -33.17 -16.39 4.88
C ASP E 65 -34.49 -17.06 4.54
N SER E 66 -35.38 -16.38 3.83
CA SER E 66 -36.64 -17.00 3.43
C SER E 66 -36.40 -18.23 2.56
N PHE E 67 -35.58 -18.08 1.55
CA PHE E 67 -35.15 -19.16 0.70
C PHE E 67 -34.40 -20.20 1.50
N LEU E 68 -33.70 -19.84 2.57
CA LEU E 68 -33.08 -20.84 3.45
C LEU E 68 -34.09 -21.70 4.17
N ASN E 69 -35.17 -21.11 4.69
CA ASN E 69 -36.21 -21.93 5.29
C ASN E 69 -36.86 -22.81 4.22
N PHE E 70 -37.04 -22.30 3.01
CA PHE E 70 -37.50 -23.12 1.90
C PHE E 70 -36.46 -24.17 1.58
N ALA E 71 -35.19 -23.87 1.79
CA ALA E 71 -34.07 -24.78 1.68
C ALA E 71 -33.96 -25.76 2.84
N THR E 72 -35.02 -26.53 3.09
CA THR E 72 -35.02 -27.61 4.07
C THR E 72 -33.78 -28.47 3.93
N SER E 73 -33.04 -28.65 5.01
CA SER E 73 -31.73 -29.28 4.99
C SER E 73 -31.78 -30.69 4.39
N ASP E 74 -32.81 -31.47 4.71
CA ASP E 74 -32.90 -32.89 4.37
C ASP E 74 -33.43 -33.19 2.95
N ILE E 75 -33.52 -32.19 2.07
CA ILE E 75 -33.94 -32.40 0.68
C ILE E 75 -32.94 -31.78 -0.28
N THR E 76 -32.92 -32.25 -1.52
CA THR E 76 -31.93 -31.77 -2.48
C THR E 76 -32.06 -30.27 -2.72
N ALA E 77 -30.94 -29.56 -2.69
CA ALA E 77 -30.93 -28.12 -2.93
C ALA E 77 -31.57 -27.75 -4.26
N ARG E 78 -31.34 -28.59 -5.28
CA ARG E 78 -31.94 -28.42 -6.60
C ARG E 78 -33.45 -28.32 -6.51
N GLN E 79 -34.09 -29.26 -5.81
CA GLN E 79 -35.54 -29.29 -5.72
C GLN E 79 -36.05 -28.01 -5.13
N ILE E 80 -35.42 -27.56 -4.06
CA ILE E 80 -35.75 -26.30 -3.44
C ILE E 80 -35.67 -25.18 -4.47
N LEU E 81 -34.58 -25.11 -5.23
CA LEU E 81 -34.44 -24.09 -6.26
C LEU E 81 -35.60 -24.19 -7.24
N GLU E 82 -35.91 -25.36 -7.80
CA GLU E 82 -37.00 -25.42 -8.77
C GLU E 82 -38.35 -25.07 -8.16
N ASN E 83 -38.55 -25.39 -6.90
CA ASN E 83 -39.79 -25.07 -6.21
C ASN E 83 -39.92 -23.56 -6.08
N LEU E 84 -38.86 -22.91 -5.61
CA LEU E 84 -38.81 -21.47 -5.50
C LEU E 84 -39.00 -20.83 -6.87
N ASP E 85 -38.42 -21.43 -7.89
CA ASP E 85 -38.59 -20.98 -9.25
C ASP E 85 -40.04 -21.08 -9.64
N ALA E 86 -40.71 -22.19 -9.37
CA ALA E 86 -42.10 -22.29 -9.72
C ALA E 86 -42.91 -21.22 -8.99
N VAL E 87 -42.71 -21.05 -7.69
CA VAL E 87 -43.44 -20.03 -6.92
C VAL E 87 -43.22 -18.64 -7.50
N TYR E 88 -41.97 -18.32 -7.76
CA TYR E 88 -41.56 -17.06 -8.31
C TYR E 88 -41.84 -16.85 -9.81
N GLU E 89 -41.80 -17.91 -10.58
CA GLU E 89 -41.59 -17.92 -12.04
C GLU E 89 -42.57 -18.85 -12.80
N ARG E 90 -43.61 -19.34 -12.14
CA ARG E 90 -44.75 -20.02 -12.77
C ARG E 90 -45.39 -19.21 -13.89
N LYS E 91 -46.13 -19.92 -14.75
CA LYS E 91 -46.82 -19.32 -15.89
C LYS E 91 -48.12 -18.63 -15.48
N SER E 92 -48.03 -17.42 -14.96
CA SER E 92 -49.19 -16.60 -14.62
C SER E 92 -49.69 -15.79 -15.80
N LEU E 93 -50.90 -16.08 -16.27
CA LEU E 93 -51.57 -15.28 -17.31
C LEU E 93 -51.66 -13.81 -16.91
N ALA E 94 -51.94 -13.56 -15.63
CA ALA E 94 -52.00 -12.21 -15.09
C ALA E 94 -50.65 -11.49 -15.23
N SER E 95 -49.55 -12.17 -14.90
CA SER E 95 -48.22 -11.60 -15.10
C SER E 95 -48.00 -11.27 -16.56
N GLN E 96 -48.39 -12.14 -17.48
CA GLN E 96 -48.22 -11.87 -18.91
C GLN E 96 -48.98 -10.62 -19.34
N LEU E 97 -50.25 -10.50 -18.94
CA LEU E 97 -51.05 -9.32 -19.25
C LEU E 97 -50.42 -8.06 -18.65
N ALA E 98 -49.97 -8.11 -17.41
CA ALA E 98 -49.35 -6.96 -16.78
C ALA E 98 -48.08 -6.55 -17.51
N LEU E 99 -47.28 -7.51 -17.94
CA LEU E 99 -46.05 -7.27 -18.67
C LEU E 99 -46.33 -6.67 -20.05
N ARG E 100 -47.35 -7.15 -20.74
CA ARG E 100 -47.78 -6.53 -21.98
C ARG E 100 -48.23 -5.11 -21.73
N LYS E 101 -49.10 -4.88 -20.73
CA LYS E 101 -49.66 -3.54 -20.49
C LYS E 101 -48.59 -2.58 -19.99
N ARG E 102 -47.64 -3.05 -19.19
CA ARG E 102 -46.50 -2.21 -18.88
C ARG E 102 -45.66 -1.99 -20.12
N LEU E 103 -45.54 -2.94 -21.04
CA LEU E 103 -44.78 -2.73 -22.25
C LEU E 103 -45.42 -1.63 -23.10
N LEU E 104 -46.75 -1.63 -23.21
CA LEU E 104 -47.49 -0.52 -23.82
C LEU E 104 -47.17 0.79 -23.11
N SER E 105 -47.23 0.79 -21.78
CA SER E 105 -46.86 1.96 -20.97
C SER E 105 -45.40 2.35 -21.16
N LEU E 106 -44.55 1.36 -21.42
CA LEU E 106 -43.11 1.48 -21.58
C LEU E 106 -42.73 2.02 -22.96
N LYS E 107 -43.70 2.51 -23.74
CA LYS E 107 -43.43 3.45 -24.81
C LYS E 107 -42.44 4.50 -24.28
N LEU E 108 -41.21 4.44 -24.75
CA LEU E 108 -40.13 5.04 -24.00
C LEU E 108 -40.16 6.54 -24.18
N SER E 109 -40.35 7.25 -23.07
CA SER E 109 -39.87 8.62 -22.94
C SER E 109 -38.35 8.59 -22.78
N SER E 110 -37.63 8.79 -23.88
CA SER E 110 -36.18 8.52 -23.98
C SER E 110 -35.26 9.57 -23.35
N GLU E 111 -35.55 9.97 -22.12
CA GLU E 111 -34.54 10.61 -21.29
C GLU E 111 -33.42 9.62 -20.98
N MET E 112 -33.77 8.36 -20.73
CA MET E 112 -32.82 7.29 -20.50
C MET E 112 -31.93 7.07 -21.73
N SER E 113 -30.69 6.63 -21.51
CA SER E 113 -29.83 6.21 -22.61
C SER E 113 -30.44 5.05 -23.38
N LEU E 114 -30.25 5.05 -24.69
CA LEU E 114 -31.03 4.16 -25.50
C LEU E 114 -30.72 2.72 -25.17
N LEU E 115 -29.45 2.35 -25.14
CA LEU E 115 -29.03 0.97 -24.84
C LEU E 115 -29.62 0.48 -23.53
N SER E 116 -29.74 1.35 -22.54
CA SER E 116 -30.35 0.95 -21.27
C SER E 116 -31.77 0.46 -21.47
N HIS E 117 -32.59 1.17 -22.23
CA HIS E 117 -33.93 0.67 -22.45
C HIS E 117 -33.94 -0.59 -23.32
N PHE E 118 -32.99 -0.78 -24.24
CA PHE E 118 -32.87 -2.10 -24.83
C PHE E 118 -32.70 -3.13 -23.75
N HIS E 119 -31.78 -2.92 -22.81
CA HIS E 119 -31.61 -3.83 -21.70
C HIS E 119 -32.94 -4.04 -20.96
N ILE E 120 -33.65 -2.96 -20.65
CA ILE E 120 -34.94 -3.10 -19.97
C ILE E 120 -35.94 -3.88 -20.81
N PHE E 121 -35.95 -3.67 -22.12
CA PHE E 121 -36.83 -4.43 -22.99
C PHE E 121 -36.47 -5.91 -22.93
N ASP E 122 -35.19 -6.23 -22.91
CA ASP E 122 -34.72 -7.60 -22.76
C ASP E 122 -35.17 -8.19 -21.43
N GLU E 123 -35.16 -7.39 -20.37
CA GLU E 123 -35.70 -7.81 -19.08
C GLU E 123 -37.16 -8.15 -19.22
N LEU E 124 -37.95 -7.26 -19.83
CA LEU E 124 -39.37 -7.51 -20.00
C LEU E 124 -39.61 -8.74 -20.85
N ILE E 125 -38.83 -8.93 -21.90
CA ILE E 125 -38.92 -10.13 -22.72
C ILE E 125 -38.70 -11.36 -21.83
N SER E 126 -37.66 -11.33 -21.03
CA SER E 126 -37.33 -12.44 -20.14
C SER E 126 -38.46 -12.71 -19.17
N GLU E 127 -39.03 -11.66 -18.61
CA GLU E 127 -40.14 -11.74 -17.71
C GLU E 127 -41.36 -12.34 -18.39
N LEU E 128 -41.69 -11.92 -19.61
CA LEU E 128 -42.90 -12.40 -20.28
C LEU E 128 -42.75 -13.85 -20.72
N LEU E 129 -41.53 -14.26 -21.05
CA LEU E 129 -41.20 -15.66 -21.21
C LEU E 129 -41.45 -16.41 -19.92
N ALA E 130 -40.94 -15.94 -18.79
CA ALA E 130 -41.12 -16.59 -17.50
C ALA E 130 -42.59 -16.60 -17.06
N ALA E 131 -43.31 -15.51 -17.29
CA ALA E 131 -44.72 -15.38 -17.00
C ALA E 131 -45.56 -16.40 -17.79
N GLY E 132 -45.00 -16.98 -18.85
CA GLY E 132 -45.54 -18.12 -19.60
C GLY E 132 -45.83 -17.81 -21.06
N ALA E 133 -45.97 -16.54 -21.41
CA ALA E 133 -46.17 -16.11 -22.79
C ALA E 133 -44.83 -15.97 -23.48
N LYS E 134 -44.15 -17.10 -23.67
CA LYS E 134 -42.92 -17.09 -24.47
C LYS E 134 -43.24 -16.59 -25.88
N ILE E 135 -42.38 -15.72 -26.37
CA ILE E 135 -42.68 -14.80 -27.48
C ILE E 135 -41.95 -15.27 -28.75
N GLU E 136 -42.40 -14.80 -29.89
CA GLU E 136 -41.92 -15.16 -31.22
C GLU E 136 -41.22 -13.98 -31.87
N GLU E 137 -40.26 -14.23 -32.76
CA GLU E 137 -39.35 -13.19 -33.22
C GLU E 137 -40.09 -12.00 -33.77
N MET E 138 -41.06 -12.26 -34.64
CA MET E 138 -41.90 -11.24 -35.23
C MET E 138 -42.62 -10.43 -34.15
N ASP E 139 -43.14 -11.10 -33.14
CA ASP E 139 -43.84 -10.43 -32.06
C ASP E 139 -42.88 -9.54 -31.30
N LYS E 140 -41.72 -10.04 -30.92
CA LYS E 140 -40.73 -9.25 -30.20
C LYS E 140 -40.37 -8.02 -31.01
N ILE E 141 -40.21 -8.21 -32.31
CA ILE E 141 -39.86 -7.13 -33.20
C ILE E 141 -40.96 -6.09 -33.21
N SER E 142 -42.20 -6.49 -33.41
CA SER E 142 -43.32 -5.56 -33.41
C SER E 142 -43.36 -4.76 -32.11
N HIS E 143 -43.28 -5.45 -30.97
CA HIS E 143 -43.37 -4.79 -29.68
C HIS E 143 -42.22 -3.81 -29.50
N LEU E 144 -41.01 -4.24 -29.81
CA LEU E 144 -39.85 -3.39 -29.68
C LEU E 144 -40.01 -2.14 -30.54
N LEU E 145 -40.37 -2.32 -31.81
CA LEU E 145 -40.60 -1.20 -32.70
C LEU E 145 -41.64 -0.26 -32.11
N ILE E 146 -42.76 -0.79 -31.64
CA ILE E 146 -43.82 0.05 -31.09
C ILE E 146 -43.29 0.88 -29.93
N THR E 147 -42.42 0.32 -29.10
CA THR E 147 -41.93 0.98 -27.87
C THR E 147 -41.10 2.24 -28.11
N LEU E 148 -40.48 2.37 -29.28
CA LEU E 148 -39.42 3.37 -29.47
C LEU E 148 -39.92 4.84 -29.49
N PRO E 149 -39.02 5.84 -29.35
CA PRO E 149 -39.35 7.27 -29.39
C PRO E 149 -39.44 7.87 -30.81
N SER E 150 -39.71 9.18 -30.93
CA SER E 150 -40.25 9.78 -32.17
C SER E 150 -39.40 9.66 -33.43
N CYS E 151 -38.13 10.02 -33.40
CA CYS E 151 -37.28 9.93 -34.57
C CYS E 151 -36.94 8.47 -34.85
N TYR E 152 -36.84 7.66 -33.79
CA TYR E 152 -36.70 6.23 -33.89
C TYR E 152 -37.93 5.62 -34.56
N ASP E 153 -39.13 6.08 -34.25
CA ASP E 153 -40.34 5.71 -34.98
C ASP E 153 -40.26 6.14 -36.45
N GLY E 154 -39.66 7.29 -36.75
CA GLY E 154 -39.39 7.69 -38.12
C GLY E 154 -38.55 6.64 -38.86
N ILE E 155 -37.47 6.15 -38.26
CA ILE E 155 -36.73 5.08 -38.90
C ILE E 155 -37.54 3.80 -38.97
N ILE E 156 -38.40 3.57 -37.99
CA ILE E 156 -39.23 2.38 -37.99
C ILE E 156 -40.11 2.37 -39.22
N THR E 157 -40.55 3.54 -39.67
CA THR E 157 -41.33 3.66 -40.89
C THR E 157 -40.58 3.01 -42.04
N ALA E 158 -39.27 3.25 -42.15
CA ALA E 158 -38.48 2.51 -43.12
C ALA E 158 -38.42 1.02 -42.78
N ILE E 159 -38.14 0.73 -41.52
CA ILE E 159 -37.93 -0.63 -41.03
C ILE E 159 -39.09 -1.54 -41.33
N GLU E 160 -40.32 -1.02 -41.37
CA GLU E 160 -41.48 -1.87 -41.61
C GLU E 160 -41.34 -2.70 -42.88
N THR E 161 -40.83 -2.09 -43.94
CA THR E 161 -40.66 -2.75 -45.23
C THR E 161 -39.52 -3.74 -45.24
N LEU E 162 -38.65 -3.73 -44.23
CA LEU E 162 -37.47 -4.58 -44.22
C LEU E 162 -37.84 -6.06 -44.25
N SER E 163 -36.94 -6.84 -44.84
CA SER E 163 -37.18 -8.24 -45.09
C SER E 163 -37.10 -9.04 -43.80
N GLU E 164 -38.12 -9.85 -43.58
CA GLU E 164 -38.41 -10.48 -42.31
C GLU E 164 -37.31 -11.43 -41.87
N GLU E 165 -36.70 -12.13 -42.81
CA GLU E 165 -35.57 -13.00 -42.54
C GLU E 165 -34.35 -12.22 -42.06
N ASN E 166 -34.07 -11.05 -42.63
CA ASN E 166 -32.97 -10.21 -42.17
C ASN E 166 -33.29 -9.55 -40.83
N LEU E 167 -34.56 -9.25 -40.63
CA LEU E 167 -35.11 -8.76 -39.37
C LEU E 167 -35.05 -9.84 -38.27
N THR E 168 -33.86 -10.26 -37.86
CA THR E 168 -33.71 -10.98 -36.59
C THR E 168 -33.71 -9.97 -35.46
N LEU E 169 -34.36 -10.25 -34.34
CA LEU E 169 -34.49 -9.26 -33.26
C LEU E 169 -33.11 -8.79 -32.77
N ALA E 170 -32.10 -9.66 -32.79
CA ALA E 170 -30.73 -9.23 -32.53
C ALA E 170 -30.27 -8.22 -33.58
N PHE E 171 -30.44 -8.51 -34.86
CA PHE E 171 -30.18 -7.53 -35.91
C PHE E 171 -31.04 -6.28 -35.74
N VAL E 172 -32.27 -6.41 -35.25
CA VAL E 172 -33.13 -5.27 -35.03
C VAL E 172 -32.51 -4.39 -33.99
N LYS E 173 -32.10 -4.93 -32.84
CA LYS E 173 -31.44 -4.12 -31.81
C LYS E 173 -30.18 -3.49 -32.36
N ASN E 174 -29.42 -4.24 -33.13
CA ASN E 174 -28.25 -3.72 -33.80
C ASN E 174 -28.61 -2.52 -34.67
N ARG E 175 -29.62 -2.67 -35.52
CA ARG E 175 -30.04 -1.64 -36.42
C ARG E 175 -30.52 -0.41 -35.68
N LEU E 176 -31.24 -0.63 -34.60
CA LEU E 176 -31.78 0.45 -33.80
C LEU E 176 -30.69 1.23 -33.10
N LEU E 177 -29.71 0.56 -32.52
CA LEU E 177 -28.58 1.23 -31.89
C LEU E 177 -27.75 1.96 -32.94
N ASP E 178 -27.54 1.35 -34.10
CA ASP E 178 -26.85 2.01 -35.19
C ASP E 178 -27.60 3.28 -35.62
N GLN E 179 -28.92 3.22 -35.69
CA GLN E 179 -29.71 4.38 -35.98
C GLN E 179 -29.67 5.40 -34.86
N GLU E 180 -29.56 5.00 -33.60
CA GLU E 180 -29.42 5.95 -32.52
C GLU E 180 -28.13 6.75 -32.65
N ILE E 181 -27.05 6.04 -32.97
CA ILE E 181 -25.77 6.68 -33.23
C ILE E 181 -25.96 7.62 -34.40
N LYS E 182 -26.65 7.17 -35.44
CA LYS E 182 -26.98 8.00 -36.59
C LYS E 182 -27.82 9.22 -36.16
N ILE E 183 -28.74 9.09 -35.23
CA ILE E 183 -29.59 10.18 -34.76
C ILE E 183 -28.76 11.24 -34.05
N LYS E 184 -27.84 10.84 -33.18
CA LYS E 184 -26.95 11.79 -32.52
C LYS E 184 -25.94 12.40 -33.47
N ASN E 185 -25.46 11.62 -34.43
CA ASN E 185 -24.67 12.15 -35.54
C ASN E 185 -25.49 13.18 -36.32
N ASP E 186 -26.77 12.94 -36.58
CA ASP E 186 -27.64 13.85 -37.31
C ASP E 186 -27.94 15.11 -36.50
N HIS E 187 -28.06 14.99 -35.17
CA HIS E 187 -28.08 16.15 -34.30
C HIS E 187 -26.83 16.99 -34.48
N MET F 1 -5.32 -24.15 -11.97
CA MET F 1 -5.91 -22.94 -12.57
C MET F 1 -6.23 -21.91 -11.48
N ASP F 2 -5.26 -21.11 -11.02
CA ASP F 2 -5.54 -20.10 -9.98
C ASP F 2 -6.35 -18.95 -10.56
N LYS F 3 -7.61 -18.85 -10.13
CA LYS F 3 -8.50 -17.73 -10.42
C LYS F 3 -8.05 -16.52 -9.60
N ALA F 4 -6.90 -15.95 -9.97
CA ALA F 4 -6.41 -14.74 -9.32
C ALA F 4 -7.49 -13.65 -9.38
N LYS F 5 -7.49 -12.76 -8.39
CA LYS F 5 -8.48 -11.70 -8.25
C LYS F 5 -8.20 -10.60 -9.28
N ARG F 6 -8.45 -10.91 -10.54
CA ARG F 6 -8.15 -10.03 -11.67
C ARG F 6 -8.85 -8.70 -11.45
N ASN F 7 -8.13 -7.62 -11.69
CA ASN F 7 -8.72 -6.29 -11.58
C ASN F 7 -9.84 -6.03 -12.59
N ILE F 8 -9.98 -6.92 -13.59
CA ILE F 8 -10.92 -6.75 -14.69
C ILE F 8 -12.26 -6.33 -14.11
N LYS F 9 -12.78 -5.22 -14.60
CA LYS F 9 -14.08 -4.77 -14.15
C LYS F 9 -15.14 -5.74 -14.66
N PRO F 10 -16.14 -6.11 -13.85
CA PRO F 10 -17.44 -6.55 -14.31
C PRO F 10 -18.02 -5.61 -15.39
N PHE F 11 -17.87 -5.96 -16.65
CA PHE F 11 -18.20 -5.09 -17.77
C PHE F 11 -19.70 -5.11 -18.09
N ASP F 12 -20.22 -3.99 -18.59
CA ASP F 12 -21.65 -3.84 -18.84
C ASP F 12 -22.03 -3.09 -20.13
N GLY F 13 -21.06 -2.64 -20.92
CA GLY F 13 -21.31 -2.09 -22.27
C GLY F 13 -20.31 -1.02 -22.71
N GLU F 14 -19.20 -0.84 -22.00
CA GLU F 14 -18.28 0.27 -22.09
C GLU F 14 -16.83 -0.22 -22.23
N LYS F 15 -16.15 0.16 -23.31
CA LYS F 15 -14.77 -0.30 -23.59
C LYS F 15 -14.64 -1.81 -23.64
N TYR F 16 -15.57 -2.43 -24.36
CA TYR F 16 -15.58 -3.87 -24.52
C TYR F 16 -14.27 -4.39 -25.07
N ALA F 17 -13.61 -3.62 -25.91
CA ALA F 17 -12.31 -3.95 -26.44
C ALA F 17 -11.30 -4.23 -25.32
N ILE F 18 -11.26 -3.36 -24.34
CA ILE F 18 -10.32 -3.51 -23.25
C ILE F 18 -10.68 -4.75 -22.47
N TRP F 19 -11.94 -4.82 -22.09
CA TRP F 19 -12.38 -5.87 -21.22
C TRP F 19 -12.19 -7.22 -21.87
N LYS F 20 -12.68 -7.36 -23.09
CA LYS F 20 -12.59 -8.60 -23.82
C LYS F 20 -11.14 -8.97 -24.03
N PHE F 21 -10.27 -8.00 -24.27
CA PHE F 21 -8.90 -8.33 -24.56
C PHE F 21 -8.21 -8.81 -23.31
N ARG F 22 -8.44 -8.13 -22.18
CA ARG F 22 -7.94 -8.60 -20.89
C ARG F 22 -8.43 -9.99 -20.61
N ILE F 23 -9.70 -10.24 -20.88
CA ILE F 23 -10.27 -11.56 -20.69
C ILE F 23 -9.58 -12.54 -21.62
N ARG F 24 -9.35 -12.20 -22.87
CA ARG F 24 -8.67 -13.07 -23.81
C ARG F 24 -7.30 -13.46 -23.29
N ALA F 25 -6.57 -12.49 -22.78
CA ALA F 25 -5.29 -12.76 -22.14
C ALA F 25 -5.44 -13.71 -20.96
N LEU F 26 -6.50 -13.54 -20.17
CA LEU F 26 -6.82 -14.46 -19.10
C LEU F 26 -7.12 -15.85 -19.64
N LEU F 27 -7.84 -15.99 -20.75
CA LEU F 27 -8.12 -17.29 -21.33
C LEU F 27 -6.83 -17.98 -21.78
N ALA F 28 -5.89 -17.20 -22.30
CA ALA F 28 -4.60 -17.70 -22.72
C ALA F 28 -3.81 -18.23 -21.52
N GLU F 29 -3.73 -17.47 -20.42
CA GLU F 29 -3.10 -17.96 -19.18
C GLU F 29 -3.87 -19.15 -18.59
N GLN F 30 -5.20 -19.06 -18.59
CA GLN F 30 -6.04 -20.16 -18.21
C GLN F 30 -5.82 -21.37 -19.10
N ASP F 31 -5.16 -21.22 -20.25
CA ASP F 31 -4.90 -22.29 -21.21
C ASP F 31 -6.18 -22.80 -21.88
N VAL F 32 -7.35 -22.43 -21.36
CA VAL F 32 -8.65 -22.77 -21.93
C VAL F 32 -8.77 -22.21 -23.33
N LEU F 33 -8.12 -21.09 -23.64
CA LEU F 33 -8.30 -20.45 -24.93
C LEU F 33 -8.04 -21.38 -26.09
N LYS F 34 -7.12 -22.34 -25.91
CA LYS F 34 -6.79 -23.31 -26.96
C LYS F 34 -8.01 -24.13 -27.37
N VAL F 35 -8.70 -24.70 -26.39
CA VAL F 35 -9.91 -25.47 -26.57
C VAL F 35 -11.09 -24.57 -26.87
N VAL F 36 -11.18 -23.42 -26.22
CA VAL F 36 -12.30 -22.51 -26.44
C VAL F 36 -12.32 -22.05 -27.87
N ASP F 37 -11.21 -21.56 -28.39
CA ASP F 37 -11.11 -21.11 -29.76
C ASP F 37 -10.98 -22.19 -30.81
N GLY F 38 -10.32 -23.31 -30.49
CA GLY F 38 -9.84 -24.28 -31.46
C GLY F 38 -10.92 -24.75 -32.42
N LEU F 39 -11.87 -25.53 -31.92
CA LEU F 39 -12.98 -26.12 -32.66
C LEU F 39 -14.13 -26.45 -31.71
N MET F 40 -15.25 -26.94 -32.23
CA MET F 40 -16.35 -27.50 -31.42
C MET F 40 -16.76 -28.89 -31.93
N PRO F 41 -15.85 -29.88 -31.99
CA PRO F 41 -16.19 -31.23 -32.41
C PRO F 41 -16.77 -32.04 -31.24
N ASN F 42 -17.11 -33.29 -31.48
CA ASN F 42 -17.39 -34.24 -30.39
C ASN F 42 -16.16 -34.53 -29.50
N GLU F 43 -14.95 -34.17 -29.95
CA GLU F 43 -13.75 -34.14 -29.10
C GLU F 43 -13.76 -33.00 -28.05
N VAL F 44 -14.86 -32.28 -27.87
CA VAL F 44 -15.06 -31.47 -26.66
C VAL F 44 -15.19 -32.40 -25.46
N ASP F 45 -14.04 -32.88 -24.99
CA ASP F 45 -13.90 -33.87 -23.94
C ASP F 45 -14.17 -33.26 -22.57
N ASP F 46 -14.04 -34.01 -21.51
CA ASP F 46 -14.22 -33.53 -20.14
C ASP F 46 -13.35 -32.31 -19.82
N SER F 47 -12.08 -32.31 -20.21
CA SER F 47 -11.21 -31.15 -20.10
C SER F 47 -11.69 -30.02 -20.98
N TRP F 48 -12.17 -30.31 -22.18
CA TRP F 48 -12.67 -29.28 -23.06
C TRP F 48 -13.94 -28.65 -22.49
N LYS F 49 -14.86 -29.48 -22.03
CA LYS F 49 -16.11 -29.09 -21.38
C LYS F 49 -15.81 -28.22 -20.17
N LYS F 50 -14.92 -28.67 -19.28
CA LYS F 50 -14.65 -27.91 -18.05
C LYS F 50 -13.92 -26.61 -18.37
N ALA F 51 -13.07 -26.60 -19.38
CA ALA F 51 -12.43 -25.40 -19.86
C ALA F 51 -13.46 -24.39 -20.38
N GLU F 52 -14.38 -24.80 -21.24
CA GLU F 52 -15.40 -23.88 -21.74
C GLU F 52 -16.32 -23.41 -20.61
N ARG F 53 -16.64 -24.27 -19.65
CA ARG F 53 -17.41 -23.85 -18.48
C ARG F 53 -16.66 -22.83 -17.64
N CYS F 54 -15.37 -23.06 -17.41
CA CYS F 54 -14.53 -22.15 -16.66
C CYS F 54 -14.45 -20.79 -17.36
N ALA F 55 -14.21 -20.80 -18.65
CA ALA F 55 -14.19 -19.58 -19.43
C ALA F 55 -15.53 -18.87 -19.34
N LYS F 56 -16.62 -19.60 -19.55
CA LYS F 56 -17.97 -19.07 -19.46
C LYS F 56 -18.20 -18.41 -18.12
N SER F 57 -17.82 -19.07 -17.05
CA SER F 57 -17.93 -18.52 -15.72
C SER F 57 -17.09 -17.25 -15.57
N THR F 58 -15.86 -17.30 -16.06
CA THR F 58 -14.95 -16.17 -15.98
C THR F 58 -15.56 -14.96 -16.66
N ILE F 59 -16.08 -15.20 -17.85
CA ILE F 59 -16.75 -14.21 -18.64
C ILE F 59 -17.92 -13.69 -17.83
N ILE F 60 -18.77 -14.55 -17.30
CA ILE F 60 -19.97 -14.14 -16.57
C ILE F 60 -19.63 -13.25 -15.38
N GLU F 61 -18.64 -13.65 -14.58
CA GLU F 61 -18.31 -12.90 -13.38
C GLU F 61 -17.60 -11.58 -13.68
N TYR F 62 -16.77 -11.56 -14.73
CA TYR F 62 -16.25 -10.35 -15.32
C TYR F 62 -17.23 -9.54 -16.16
N LEU F 63 -18.34 -10.08 -16.61
CA LEU F 63 -19.43 -9.35 -17.26
C LEU F 63 -20.52 -8.92 -16.27
N SER F 64 -21.60 -8.35 -16.79
CA SER F 64 -22.81 -8.00 -16.06
C SER F 64 -24.01 -8.86 -16.48
N ASP F 65 -25.18 -8.52 -15.95
CA ASP F 65 -26.43 -9.21 -16.25
C ASP F 65 -26.84 -9.09 -17.70
N SER F 66 -26.42 -8.02 -18.38
CA SER F 66 -26.81 -7.74 -19.76
C SER F 66 -26.55 -8.95 -20.66
N PHE F 67 -25.47 -9.62 -20.35
CA PHE F 67 -25.00 -10.81 -21.03
C PHE F 67 -25.77 -12.06 -20.71
N LEU F 68 -26.34 -12.18 -19.53
CA LEU F 68 -27.00 -13.40 -19.10
C LEU F 68 -28.20 -13.74 -19.98
N ASN F 69 -28.88 -12.73 -20.54
CA ASN F 69 -29.77 -13.02 -21.68
C ASN F 69 -29.00 -13.54 -22.91
N PHE F 70 -27.96 -12.82 -23.31
CA PHE F 70 -27.08 -13.25 -24.42
C PHE F 70 -26.49 -14.65 -24.22
N ALA F 71 -26.29 -15.09 -22.99
CA ALA F 71 -25.82 -16.42 -22.62
C ALA F 71 -26.75 -17.55 -23.09
N THR F 72 -27.93 -17.23 -23.63
CA THR F 72 -28.71 -18.08 -24.54
C THR F 72 -28.68 -19.54 -24.10
N SER F 73 -29.20 -19.80 -22.89
CA SER F 73 -29.14 -21.06 -22.14
C SER F 73 -27.73 -21.61 -21.92
N ASP F 74 -27.10 -22.06 -22.99
CA ASP F 74 -26.01 -23.01 -22.98
C ASP F 74 -25.09 -22.83 -24.18
N ILE F 75 -25.08 -21.66 -24.82
CA ILE F 75 -23.99 -21.33 -25.74
C ILE F 75 -22.65 -21.41 -25.00
N THR F 76 -21.70 -22.18 -25.52
CA THR F 76 -20.40 -22.35 -24.87
C THR F 76 -19.61 -21.05 -24.96
N ALA F 77 -18.44 -21.03 -24.32
CA ALA F 77 -17.69 -19.80 -24.14
C ALA F 77 -17.47 -19.09 -25.47
N ARG F 78 -16.98 -19.80 -26.49
CA ARG F 78 -16.72 -19.22 -27.80
C ARG F 78 -17.96 -18.57 -28.40
N GLN F 79 -19.08 -19.27 -28.38
CA GLN F 79 -20.33 -18.74 -28.90
C GLN F 79 -20.76 -17.48 -28.16
N ILE F 80 -20.56 -17.46 -26.84
CA ILE F 80 -20.77 -16.23 -26.08
C ILE F 80 -19.87 -15.15 -26.64
N LEU F 81 -18.58 -15.42 -26.86
CA LEU F 81 -17.66 -14.40 -27.36
C LEU F 81 -18.19 -13.79 -28.66
N GLU F 82 -18.57 -14.63 -29.62
CA GLU F 82 -19.04 -14.13 -30.90
C GLU F 82 -20.32 -13.33 -30.76
N ASN F 83 -21.23 -13.80 -29.92
CA ASN F 83 -22.49 -13.12 -29.70
C ASN F 83 -22.23 -11.73 -29.15
N LEU F 84 -21.37 -11.59 -28.15
CA LEU F 84 -21.11 -10.30 -27.53
C LEU F 84 -20.29 -9.36 -28.42
N ASP F 85 -19.38 -9.91 -29.18
CA ASP F 85 -18.64 -9.16 -30.18
C ASP F 85 -19.60 -8.59 -31.21
N ALA F 86 -20.55 -9.39 -31.69
CA ALA F 86 -21.58 -8.86 -32.56
C ALA F 86 -22.46 -7.86 -31.79
N VAL F 87 -22.71 -8.03 -30.49
CA VAL F 87 -23.60 -7.12 -29.78
C VAL F 87 -22.99 -5.72 -29.74
N TYR F 88 -21.75 -5.59 -29.28
CA TYR F 88 -21.05 -4.31 -29.26
C TYR F 88 -20.30 -3.87 -30.49
N GLU F 89 -19.65 -4.77 -31.19
CA GLU F 89 -18.59 -4.37 -32.11
C GLU F 89 -19.18 -4.23 -33.51
N ARG F 90 -19.65 -5.37 -34.02
CA ARG F 90 -20.39 -5.52 -35.28
C ARG F 90 -19.86 -4.75 -36.48
N LYS F 91 -18.58 -4.36 -36.49
CA LYS F 91 -18.01 -3.48 -37.54
C LYS F 91 -18.89 -2.23 -37.76
N SER F 92 -19.43 -1.67 -36.68
CA SER F 92 -20.40 -0.58 -36.76
C SER F 92 -19.84 0.71 -37.40
N LEU F 93 -20.28 1.02 -38.62
CA LEU F 93 -19.86 2.25 -39.32
C LEU F 93 -20.31 3.52 -38.61
N ALA F 94 -21.52 3.53 -38.06
CA ALA F 94 -22.03 4.68 -37.31
C ALA F 94 -21.11 5.01 -36.13
N SER F 95 -20.59 3.98 -35.46
CA SER F 95 -19.58 4.14 -34.43
C SER F 95 -18.35 4.80 -35.02
N GLN F 96 -17.89 4.40 -36.21
CA GLN F 96 -16.76 5.07 -36.85
C GLN F 96 -17.01 6.56 -37.08
N LEU F 97 -18.20 6.91 -37.54
CA LEU F 97 -18.57 8.30 -37.75
C LEU F 97 -18.55 9.09 -36.44
N ALA F 98 -19.16 8.54 -35.39
CA ALA F 98 -19.22 9.18 -34.09
C ALA F 98 -17.83 9.37 -33.48
N LEU F 99 -16.98 8.35 -33.61
CA LEU F 99 -15.60 8.36 -33.10
C LEU F 99 -14.77 9.42 -33.80
N ARG F 100 -14.89 9.53 -35.13
CA ARG F 100 -14.24 10.61 -35.89
C ARG F 100 -14.70 11.95 -35.37
N LYS F 101 -16.00 12.16 -35.23
CA LYS F 101 -16.54 13.44 -34.75
C LYS F 101 -16.03 13.78 -33.35
N ARG F 102 -16.07 12.81 -32.44
CA ARG F 102 -15.51 12.97 -31.11
C ARG F 102 -14.06 13.34 -31.18
N LEU F 103 -13.27 12.62 -31.95
CA LEU F 103 -11.84 12.86 -32.06
C LEU F 103 -11.54 14.25 -32.63
N LEU F 104 -12.26 14.64 -33.66
CA LEU F 104 -12.07 15.92 -34.32
C LEU F 104 -12.47 17.06 -33.40
N SER F 105 -13.61 16.93 -32.74
CA SER F 105 -14.07 17.91 -31.76
C SER F 105 -13.18 17.91 -30.52
N LEU F 106 -12.63 16.77 -30.16
CA LEU F 106 -11.75 16.63 -29.03
C LEU F 106 -10.52 17.51 -29.21
N LYS F 107 -10.14 18.16 -28.13
CA LYS F 107 -8.92 18.92 -27.98
C LYS F 107 -8.43 18.77 -26.55
N LEU F 108 -7.15 18.47 -26.36
CA LEU F 108 -6.51 18.46 -25.05
C LEU F 108 -6.54 19.88 -24.48
N SER F 109 -7.51 20.12 -23.62
CA SER F 109 -7.46 21.23 -22.69
C SER F 109 -6.38 20.93 -21.64
N SER F 110 -5.45 21.84 -21.44
CA SER F 110 -4.18 21.53 -20.75
C SER F 110 -4.36 20.96 -19.33
N GLU F 111 -5.44 21.30 -18.64
CA GLU F 111 -5.73 20.76 -17.32
C GLU F 111 -6.06 19.26 -17.35
N MET F 112 -6.70 18.78 -18.42
CA MET F 112 -6.92 17.36 -18.59
C MET F 112 -5.57 16.66 -18.63
N SER F 113 -5.33 15.71 -17.73
CA SER F 113 -4.01 15.10 -17.62
C SER F 113 -3.58 14.57 -18.98
N LEU F 114 -2.29 14.66 -19.27
CA LEU F 114 -1.79 14.11 -20.51
C LEU F 114 -2.16 12.64 -20.61
N LEU F 115 -2.13 11.93 -19.49
CA LEU F 115 -2.65 10.58 -19.41
C LEU F 115 -4.12 10.53 -19.79
N SER F 116 -4.92 11.45 -19.24
CA SER F 116 -6.34 11.49 -19.53
C SER F 116 -6.59 11.59 -21.03
N HIS F 117 -5.94 12.53 -21.67
CA HIS F 117 -6.09 12.67 -23.10
C HIS F 117 -5.56 11.48 -23.87
N PHE F 118 -4.42 10.94 -23.44
CA PHE F 118 -3.83 9.80 -24.10
C PHE F 118 -4.77 8.62 -24.12
N HIS F 119 -5.34 8.26 -22.97
CA HIS F 119 -6.23 7.13 -22.98
C HIS F 119 -7.50 7.47 -23.72
N ILE F 120 -7.96 8.72 -23.70
CA ILE F 120 -9.14 9.11 -24.46
C ILE F 120 -8.88 8.82 -25.92
N PHE F 121 -7.70 9.22 -26.40
CA PHE F 121 -7.34 8.99 -27.77
C PHE F 121 -7.22 7.50 -28.06
N ASP F 122 -6.58 6.75 -27.19
CA ASP F 122 -6.40 5.32 -27.41
C ASP F 122 -7.73 4.58 -27.44
N GLU F 123 -8.64 4.99 -26.57
CA GLU F 123 -10.00 4.49 -26.55
C GLU F 123 -10.69 4.78 -27.88
N LEU F 124 -10.63 6.03 -28.36
CA LEU F 124 -11.22 6.38 -29.64
C LEU F 124 -10.68 5.49 -30.75
N ILE F 125 -9.37 5.30 -30.81
CA ILE F 125 -8.73 4.49 -31.84
C ILE F 125 -9.17 3.03 -31.74
N SER F 126 -9.15 2.47 -30.54
CA SER F 126 -9.48 1.07 -30.34
C SER F 126 -10.92 0.80 -30.72
N GLU F 127 -11.79 1.70 -30.30
CA GLU F 127 -13.19 1.68 -30.66
C GLU F 127 -13.35 1.80 -32.15
N LEU F 128 -12.57 2.63 -32.82
CA LEU F 128 -12.72 2.89 -34.24
C LEU F 128 -12.30 1.67 -35.07
N LEU F 129 -11.28 0.94 -34.60
CA LEU F 129 -10.93 -0.36 -35.15
C LEU F 129 -12.07 -1.36 -34.92
N ALA F 130 -12.62 -1.42 -33.71
CA ALA F 130 -13.73 -2.31 -33.39
C ALA F 130 -15.01 -1.94 -34.18
N ALA F 131 -15.20 -0.65 -34.42
CA ALA F 131 -16.19 -0.08 -35.30
C ALA F 131 -15.91 -0.43 -36.77
N GLY F 132 -14.73 -0.96 -37.07
CA GLY F 132 -14.38 -1.58 -38.35
C GLY F 132 -13.49 -0.73 -39.24
N ALA F 133 -12.95 0.38 -38.75
CA ALA F 133 -12.09 1.22 -39.57
C ALA F 133 -10.74 0.56 -39.83
N LYS F 134 -10.10 0.97 -40.93
CA LYS F 134 -8.76 0.54 -41.34
C LYS F 134 -7.70 1.52 -40.85
N ILE F 135 -7.61 1.71 -39.54
CA ILE F 135 -6.70 2.70 -38.94
C ILE F 135 -5.24 2.28 -39.15
N GLU F 136 -4.35 3.27 -39.26
CA GLU F 136 -2.92 3.07 -39.41
C GLU F 136 -2.17 3.93 -38.40
N GLU F 137 -0.91 3.61 -38.19
CA GLU F 137 -0.08 4.33 -37.24
C GLU F 137 -0.03 5.83 -37.53
N MET F 138 0.09 6.19 -38.80
CA MET F 138 0.11 7.59 -39.22
C MET F 138 -1.16 8.31 -38.79
N ASP F 139 -2.32 7.66 -38.91
CA ASP F 139 -3.57 8.25 -38.45
C ASP F 139 -3.48 8.54 -36.96
N LYS F 140 -3.04 7.53 -36.22
CA LYS F 140 -2.98 7.63 -34.79
C LYS F 140 -2.08 8.80 -34.41
N ILE F 141 -0.90 8.83 -34.99
CA ILE F 141 0.06 9.89 -34.72
C ILE F 141 -0.53 11.23 -35.07
N SER F 142 -1.07 11.36 -36.27
CA SER F 142 -1.55 12.65 -36.75
C SER F 142 -2.61 13.19 -35.83
N HIS F 143 -3.61 12.38 -35.51
CA HIS F 143 -4.67 12.82 -34.64
C HIS F 143 -4.14 13.17 -33.27
N LEU F 144 -3.26 12.34 -32.72
CA LEU F 144 -2.66 12.62 -31.43
C LEU F 144 -1.98 13.97 -31.42
N LEU F 145 -1.16 14.24 -32.44
CA LEU F 145 -0.47 15.50 -32.53
C LEU F 145 -1.49 16.63 -32.63
N ILE F 146 -2.45 16.48 -33.53
CA ILE F 146 -3.44 17.51 -33.78
C ILE F 146 -4.16 17.88 -32.49
N THR F 147 -4.54 16.89 -31.69
CA THR F 147 -5.33 17.10 -30.50
C THR F 147 -4.69 17.94 -29.41
N LEU F 148 -3.38 18.19 -29.40
CA LEU F 148 -2.72 18.90 -28.30
C LEU F 148 -2.86 20.45 -28.35
N PRO F 149 -2.51 21.20 -27.27
CA PRO F 149 -2.59 22.67 -27.20
C PRO F 149 -1.28 23.40 -27.52
N SER F 150 -1.27 24.73 -27.49
CA SER F 150 -0.29 25.57 -28.20
C SER F 150 1.18 25.28 -27.91
N CYS F 151 1.57 25.11 -26.65
CA CYS F 151 2.94 24.76 -26.31
C CYS F 151 3.30 23.40 -26.91
N TYR F 152 2.46 22.40 -26.68
CA TYR F 152 2.62 21.12 -27.32
C TYR F 152 2.65 21.28 -28.83
N ASP F 153 1.84 22.14 -29.42
CA ASP F 153 1.83 22.37 -30.87
C ASP F 153 3.20 22.85 -31.37
N GLY F 154 3.87 23.73 -30.64
CA GLY F 154 5.21 24.16 -31.03
C GLY F 154 6.18 23.00 -31.01
N ILE F 155 6.11 22.16 -29.98
CA ILE F 155 6.97 21.01 -29.87
C ILE F 155 6.58 19.92 -30.87
N ILE F 156 5.31 19.82 -31.22
CA ILE F 156 4.89 19.04 -32.36
C ILE F 156 5.57 19.57 -33.61
N THR F 157 5.62 20.88 -33.84
CA THR F 157 6.35 21.44 -34.97
C THR F 157 7.80 20.97 -34.97
N ALA F 158 8.39 20.80 -33.79
CA ALA F 158 9.69 20.14 -33.69
C ALA F 158 9.62 18.65 -34.10
N ILE F 159 8.62 17.92 -33.59
CA ILE F 159 8.35 16.52 -33.87
C ILE F 159 8.02 16.25 -35.34
N GLU F 160 7.41 17.19 -36.06
CA GLU F 160 7.05 17.00 -37.47
C GLU F 160 8.22 16.52 -38.34
N THR F 161 9.43 17.01 -38.05
CA THR F 161 10.63 16.60 -38.80
C THR F 161 10.90 15.10 -38.68
N LEU F 162 10.43 14.49 -37.60
CA LEU F 162 10.51 13.07 -37.39
C LEU F 162 9.48 12.43 -38.30
N SER F 163 9.97 11.90 -39.41
CA SER F 163 9.15 11.20 -40.39
C SER F 163 8.52 9.94 -39.79
N GLU F 164 7.51 9.38 -40.46
CA GLU F 164 6.71 8.29 -39.94
C GLU F 164 7.56 7.09 -39.50
N GLU F 165 8.51 6.65 -40.31
CA GLU F 165 9.37 5.54 -39.94
C GLU F 165 10.16 5.81 -38.65
N ASN F 166 10.51 7.06 -38.37
CA ASN F 166 11.15 7.44 -37.11
C ASN F 166 10.24 7.13 -35.91
N LEU F 167 8.93 7.21 -36.13
CA LEU F 167 7.92 7.26 -35.10
C LEU F 167 7.21 5.92 -34.92
N THR F 168 6.86 5.63 -33.67
CA THR F 168 5.87 4.60 -33.33
C THR F 168 5.02 5.12 -32.19
N LEU F 169 3.78 4.68 -32.06
CA LEU F 169 2.84 5.44 -31.24
C LEU F 169 3.30 5.46 -29.79
N ALA F 170 3.79 4.34 -29.29
CA ALA F 170 4.33 4.28 -27.95
C ALA F 170 5.51 5.24 -27.83
N PHE F 171 6.46 5.19 -28.76
CA PHE F 171 7.58 6.12 -28.79
C PHE F 171 7.11 7.58 -28.81
N VAL F 172 6.14 7.89 -29.64
CA VAL F 172 5.60 9.24 -29.78
C VAL F 172 4.99 9.66 -28.47
N LYS F 173 4.15 8.81 -27.87
CA LYS F 173 3.55 9.08 -26.56
C LYS F 173 4.62 9.36 -25.55
N ASN F 174 5.71 8.61 -25.57
CA ASN F 174 6.79 8.81 -24.63
C ASN F 174 7.44 10.16 -24.89
N ARG F 175 7.69 10.51 -26.16
CA ARG F 175 8.22 11.83 -26.51
C ARG F 175 7.29 12.92 -26.03
N LEU F 176 6.00 12.66 -26.06
CA LEU F 176 4.99 13.59 -25.59
C LEU F 176 4.95 13.68 -24.06
N LEU F 177 5.21 12.60 -23.33
CA LEU F 177 5.44 12.69 -21.89
C LEU F 177 6.66 13.54 -21.59
N ASP F 178 7.75 13.32 -22.33
CA ASP F 178 8.94 14.14 -22.19
C ASP F 178 8.63 15.60 -22.45
N GLN F 179 7.84 15.87 -23.48
CA GLN F 179 7.42 17.21 -23.80
C GLN F 179 6.55 17.81 -22.69
N GLU F 180 5.67 17.04 -22.08
CA GLU F 180 4.90 17.55 -20.95
C GLU F 180 5.81 17.94 -19.81
N ILE F 181 6.79 17.09 -19.51
CA ILE F 181 7.77 17.41 -18.49
C ILE F 181 8.50 18.68 -18.89
N LYS F 182 8.89 18.79 -20.16
CA LYS F 182 9.52 19.98 -20.69
C LYS F 182 8.61 21.18 -20.41
N ILE F 183 7.32 21.09 -20.66
CA ILE F 183 6.35 22.14 -20.31
C ILE F 183 6.37 22.48 -18.83
N LYS F 184 6.51 21.51 -17.91
CA LYS F 184 6.65 21.84 -16.48
C LYS F 184 7.81 22.81 -16.27
N ASN F 185 8.93 22.48 -16.89
CA ASN F 185 10.09 23.35 -16.88
C ASN F 185 9.77 24.68 -17.55
N ASP F 186 9.14 24.64 -18.71
CA ASP F 186 8.95 25.79 -19.57
C ASP F 186 8.11 26.88 -18.91
N HIS F 187 7.01 26.49 -18.28
CA HIS F 187 6.15 27.45 -17.61
C HIS F 187 6.90 28.18 -16.51
N MET G 1 68.02 34.35 -30.64
CA MET G 1 67.15 34.24 -29.45
C MET G 1 67.30 35.51 -28.61
N ASP G 2 66.19 35.97 -28.03
CA ASP G 2 66.10 37.16 -27.18
C ASP G 2 65.05 36.98 -26.06
N LYS G 3 65.13 37.78 -24.98
CA LYS G 3 64.10 37.87 -23.92
C LYS G 3 62.91 38.75 -24.32
N ALA G 4 62.60 38.82 -25.62
CA ALA G 4 61.51 39.63 -26.16
C ALA G 4 60.23 39.39 -25.35
N LYS G 5 59.55 40.45 -24.93
CA LYS G 5 58.47 40.40 -23.93
C LYS G 5 57.49 39.27 -24.22
N ARG G 6 57.54 38.24 -23.38
CA ARG G 6 56.75 37.02 -23.51
C ARG G 6 55.49 37.18 -22.69
N ASN G 7 54.60 38.08 -23.07
CA ASN G 7 53.62 38.73 -22.18
C ASN G 7 52.54 37.83 -21.58
N ILE G 8 52.97 36.81 -20.86
CA ILE G 8 52.19 36.11 -19.87
C ILE G 8 51.95 37.10 -18.72
N LYS G 9 50.82 37.00 -18.03
CA LYS G 9 50.68 37.73 -16.78
C LYS G 9 51.56 37.05 -15.72
N PRO G 10 52.43 37.76 -14.99
CA PRO G 10 53.16 37.14 -13.90
C PRO G 10 52.22 36.49 -12.89
N PHE G 11 52.32 35.18 -12.68
CA PHE G 11 51.27 34.44 -12.01
C PHE G 11 51.16 34.68 -10.51
N ASP G 12 49.93 34.72 -10.04
CA ASP G 12 49.54 35.21 -8.74
C ASP G 12 48.40 34.38 -8.15
N GLY G 13 48.21 33.16 -8.64
CA GLY G 13 47.08 32.31 -8.29
C GLY G 13 46.03 32.29 -9.38
N GLU G 14 46.17 33.10 -10.42
CA GLU G 14 45.16 33.26 -11.45
C GLU G 14 45.52 32.52 -12.74
N LYS G 15 44.54 31.79 -13.28
CA LYS G 15 44.70 31.06 -14.54
C LYS G 15 45.91 30.13 -14.47
N TYR G 16 46.13 29.44 -13.36
CA TYR G 16 47.36 28.68 -13.18
C TYR G 16 47.59 27.69 -14.31
N ALA G 17 46.53 26.99 -14.72
CA ALA G 17 46.61 26.07 -15.84
C ALA G 17 47.05 26.79 -17.09
N ILE G 18 46.39 27.90 -17.40
CA ILE G 18 46.64 28.64 -18.64
C ILE G 18 48.01 29.29 -18.59
N TRP G 19 48.36 29.85 -17.45
CA TRP G 19 49.62 30.49 -17.21
C TRP G 19 50.72 29.48 -17.38
N LYS G 20 50.58 28.34 -16.72
CA LYS G 20 51.56 27.27 -16.79
C LYS G 20 51.64 26.77 -18.21
N PHE G 21 50.53 26.67 -18.91
CA PHE G 21 50.52 26.30 -20.31
C PHE G 21 51.31 27.29 -21.16
N ARG G 22 51.05 28.59 -21.02
CA ARG G 22 51.83 29.59 -21.74
C ARG G 22 53.29 29.47 -21.38
N ILE G 23 53.59 29.23 -20.11
CA ILE G 23 54.95 29.10 -19.63
C ILE G 23 55.60 27.87 -20.24
N ARG G 24 54.90 26.76 -20.28
CA ARG G 24 55.42 25.53 -20.87
C ARG G 24 55.82 25.78 -22.30
N ALA G 25 54.88 26.36 -23.04
CA ALA G 25 55.11 26.74 -24.41
C ALA G 25 56.32 27.68 -24.48
N LEU G 26 56.39 28.68 -23.61
CA LEU G 26 57.45 29.66 -23.62
C LEU G 26 58.79 28.96 -23.49
N LEU G 27 58.92 28.10 -22.50
CA LEU G 27 60.14 27.42 -22.23
C LEU G 27 60.52 26.50 -23.38
N ALA G 28 59.53 25.94 -24.07
CA ALA G 28 59.78 25.08 -25.21
C ALA G 28 60.39 25.88 -26.35
N GLU G 29 60.03 27.16 -26.49
CA GLU G 29 60.64 28.04 -27.47
C GLU G 29 62.09 28.34 -27.10
N GLN G 30 62.38 28.48 -25.81
CA GLN G 30 63.75 28.46 -25.36
C GLN G 30 64.39 27.07 -25.42
N ASP G 31 63.65 26.03 -25.78
CA ASP G 31 64.00 24.61 -25.62
C ASP G 31 64.20 24.18 -24.16
N VAL G 32 64.18 25.14 -23.22
CA VAL G 32 64.37 24.87 -21.81
C VAL G 32 63.16 24.20 -21.18
N LEU G 33 62.04 24.01 -21.88
CA LEU G 33 60.92 23.24 -21.30
C LEU G 33 61.40 21.86 -20.83
N LYS G 34 62.39 21.30 -21.51
CA LYS G 34 63.04 20.06 -21.11
C LYS G 34 63.57 20.11 -19.69
N VAL G 35 63.98 21.27 -19.15
CA VAL G 35 64.54 21.38 -17.81
C VAL G 35 63.59 20.90 -16.74
N VAL G 36 62.29 21.04 -16.98
CA VAL G 36 61.25 20.54 -16.08
C VAL G 36 60.50 19.39 -16.72
N ASP G 37 59.85 19.61 -17.85
CA ASP G 37 59.01 18.58 -18.46
C ASP G 37 59.84 17.35 -18.80
N GLY G 38 61.05 17.55 -19.33
CA GLY G 38 62.05 16.51 -19.32
C GLY G 38 62.53 16.34 -17.89
N LEU G 39 62.13 15.27 -17.20
CA LEU G 39 62.76 14.99 -15.91
C LEU G 39 64.25 14.81 -16.17
N MET G 40 65.08 15.73 -15.66
CA MET G 40 66.45 15.86 -16.14
C MET G 40 67.22 14.54 -15.93
N PRO G 41 68.05 14.14 -16.89
CA PRO G 41 69.07 13.12 -16.68
C PRO G 41 70.07 13.48 -15.56
N ASN G 42 71.17 12.76 -15.43
CA ASN G 42 72.28 13.24 -14.59
C ASN G 42 73.00 14.46 -15.20
N GLU G 43 72.63 14.87 -16.40
CA GLU G 43 73.27 15.91 -17.21
C GLU G 43 72.82 17.32 -16.82
N VAL G 44 73.36 17.81 -15.71
CA VAL G 44 73.47 19.25 -15.46
C VAL G 44 74.67 19.77 -16.25
N ASP G 45 74.61 19.79 -17.57
CA ASP G 45 75.69 20.41 -18.35
C ASP G 45 75.53 21.92 -18.34
N ASP G 46 76.53 22.69 -18.80
CA ASP G 46 76.44 24.15 -18.81
C ASP G 46 75.21 24.64 -19.54
N SER G 47 74.85 23.96 -20.62
CA SER G 47 73.60 24.21 -21.32
C SER G 47 72.41 24.01 -20.40
N TRP G 48 72.36 22.92 -19.64
CA TRP G 48 71.27 22.60 -18.73
C TRP G 48 71.25 23.53 -17.55
N LYS G 49 72.41 23.87 -16.99
CA LYS G 49 72.51 24.86 -15.93
C LYS G 49 71.90 26.16 -16.41
N LYS G 50 72.28 26.62 -17.60
CA LYS G 50 71.74 27.86 -18.16
C LYS G 50 70.26 27.71 -18.35
N ALA G 51 69.85 26.63 -18.96
CA ALA G 51 68.47 26.41 -19.29
C ALA G 51 67.63 26.50 -18.03
N GLU G 52 68.03 25.78 -17.00
CA GLU G 52 67.31 25.75 -15.74
C GLU G 52 67.30 27.12 -15.11
N ARG G 53 68.46 27.75 -14.98
CA ARG G 53 68.57 29.02 -14.28
C ARG G 53 67.81 30.12 -15.01
N CYS G 54 67.87 30.13 -16.32
CA CYS G 54 67.15 31.09 -17.12
C CYS G 54 65.66 30.86 -17.02
N ALA G 55 65.22 29.61 -17.08
CA ALA G 55 63.83 29.25 -16.93
C ALA G 55 63.31 29.75 -15.60
N LYS G 56 64.03 29.45 -14.53
CA LYS G 56 63.74 29.92 -13.18
C LYS G 56 63.62 31.43 -13.15
N SER G 57 64.61 32.13 -13.71
CA SER G 57 64.62 33.59 -13.74
C SER G 57 63.39 34.13 -14.47
N THR G 58 63.04 33.49 -15.57
CA THR G 58 61.91 33.93 -16.37
C THR G 58 60.60 33.61 -15.68
N ILE G 59 60.52 32.47 -15.01
CA ILE G 59 59.37 32.09 -14.21
C ILE G 59 59.16 33.17 -13.18
N ILE G 60 60.20 33.57 -12.45
CA ILE G 60 60.15 34.68 -11.51
C ILE G 60 59.65 35.95 -12.20
N GLU G 61 60.19 36.27 -13.36
CA GLU G 61 59.76 37.43 -14.13
C GLU G 61 58.26 37.36 -14.47
N TYR G 62 57.73 36.17 -14.70
CA TYR G 62 56.30 35.89 -14.86
C TYR G 62 55.70 35.16 -13.67
N LEU G 63 56.15 35.46 -12.47
CA LEU G 63 55.50 35.12 -11.22
C LEU G 63 55.29 36.41 -10.46
N SER G 64 54.24 36.44 -9.66
CA SER G 64 54.01 37.52 -8.72
C SER G 64 55.13 37.59 -7.70
N ASP G 65 55.35 38.80 -7.23
CA ASP G 65 56.28 39.11 -6.16
C ASP G 65 56.00 38.27 -4.93
N SER G 66 54.73 38.12 -4.57
CA SER G 66 54.33 37.29 -3.45
C SER G 66 54.86 35.88 -3.62
N PHE G 67 54.84 35.38 -4.85
CA PHE G 67 55.18 34.02 -5.23
C PHE G 67 56.67 33.70 -5.19
N LEU G 68 57.53 34.71 -5.24
CA LEU G 68 58.98 34.52 -5.19
C LEU G 68 59.44 33.68 -3.98
N ASN G 69 58.62 33.59 -2.94
CA ASN G 69 58.82 32.68 -1.83
C ASN G 69 58.84 31.20 -2.26
N PHE G 70 57.84 30.74 -3.01
CA PHE G 70 57.86 29.40 -3.59
C PHE G 70 58.95 29.27 -4.61
N ALA G 71 59.47 30.39 -5.12
CA ALA G 71 60.53 30.48 -6.09
C ALA G 71 61.83 31.02 -5.47
N THR G 72 62.23 30.54 -4.30
CA THR G 72 63.56 30.81 -3.74
C THR G 72 64.69 30.43 -4.70
N SER G 73 65.85 31.05 -4.58
CA SER G 73 66.95 31.01 -5.57
C SER G 73 67.68 29.67 -5.71
N ASP G 74 67.20 28.62 -5.07
CA ASP G 74 67.88 27.35 -4.87
C ASP G 74 67.26 26.20 -5.69
N ILE G 75 65.98 25.89 -5.46
CA ILE G 75 65.30 24.76 -6.10
C ILE G 75 65.23 24.93 -7.63
N THR G 76 64.98 23.84 -8.36
CA THR G 76 64.80 23.93 -9.81
C THR G 76 63.34 24.24 -10.16
N ALA G 77 63.12 24.72 -11.37
CA ALA G 77 61.82 25.21 -11.78
C ALA G 77 60.73 24.16 -11.57
N ARG G 78 61.07 22.88 -11.73
CA ARG G 78 60.10 21.80 -11.52
C ARG G 78 59.53 21.89 -10.13
N GLN G 79 60.39 22.02 -9.10
CA GLN G 79 59.92 22.02 -7.74
C GLN G 79 58.95 23.16 -7.50
N ILE G 80 59.26 24.35 -8.01
CA ILE G 80 58.37 25.49 -7.88
C ILE G 80 57.01 25.14 -8.49
N LEU G 81 57.05 24.55 -9.67
CA LEU G 81 55.85 24.18 -10.36
C LEU G 81 55.07 23.16 -9.55
N GLU G 82 55.69 22.12 -9.00
CA GLU G 82 54.96 21.24 -8.09
C GLU G 82 54.43 21.94 -6.86
N ASN G 83 55.12 22.96 -6.36
CA ASN G 83 54.60 23.72 -5.23
C ASN G 83 53.28 24.35 -5.63
N LEU G 84 53.24 25.04 -6.76
CA LEU G 84 52.03 25.66 -7.25
C LEU G 84 51.00 24.62 -7.67
N ASP G 85 51.41 23.49 -8.20
CA ASP G 85 50.52 22.37 -8.42
C ASP G 85 49.85 21.95 -7.13
N ALA G 86 50.59 21.75 -6.06
CA ALA G 86 49.94 21.47 -4.80
C ALA G 86 49.06 22.65 -4.37
N VAL G 87 49.39 23.89 -4.69
CA VAL G 87 48.51 24.99 -4.30
C VAL G 87 47.19 24.89 -5.06
N TYR G 88 47.22 24.80 -6.38
CA TYR G 88 46.04 24.69 -7.24
C TYR G 88 45.56 23.29 -7.62
N GLU G 89 46.47 22.53 -8.19
CA GLU G 89 46.29 21.20 -8.77
C GLU G 89 46.22 20.07 -7.75
N ARG G 90 46.21 20.35 -6.45
CA ARG G 90 45.93 19.34 -5.41
C ARG G 90 44.52 18.75 -5.46
N LYS G 91 43.81 18.92 -6.57
CA LYS G 91 42.38 18.69 -6.71
C LYS G 91 41.60 19.43 -5.62
N SER G 92 41.72 20.76 -5.57
CA SER G 92 41.00 21.54 -4.57
C SER G 92 39.48 21.42 -4.72
N LEU G 93 38.84 20.74 -3.77
CA LEU G 93 37.38 20.65 -3.74
C LEU G 93 36.78 22.03 -3.60
N ALA G 94 37.42 22.94 -2.87
CA ALA G 94 36.95 24.30 -2.79
C ALA G 94 36.82 24.88 -4.18
N SER G 95 37.86 24.75 -5.00
CA SER G 95 37.83 25.26 -6.36
C SER G 95 36.69 24.59 -7.11
N GLN G 96 36.58 23.28 -7.05
CA GLN G 96 35.55 22.59 -7.79
C GLN G 96 34.16 23.07 -7.42
N LEU G 97 33.92 23.15 -6.12
CA LEU G 97 32.61 23.48 -5.62
C LEU G 97 32.30 24.93 -5.90
N ALA G 98 33.22 25.84 -5.69
CA ALA G 98 33.04 27.24 -6.06
C ALA G 98 32.75 27.40 -7.56
N LEU G 99 33.51 26.68 -8.39
CA LEU G 99 33.35 26.71 -9.83
C LEU G 99 31.94 26.30 -10.22
N ARG G 100 31.45 25.16 -9.71
CA ARG G 100 30.08 24.76 -10.04
C ARG G 100 29.05 25.67 -9.43
N LYS G 101 29.28 26.19 -8.22
CA LYS G 101 28.34 27.14 -7.60
C LYS G 101 28.11 28.30 -8.54
N ARG G 102 29.18 28.90 -9.04
CA ARG G 102 29.09 30.01 -9.97
C ARG G 102 28.55 29.58 -11.33
N LEU G 103 28.93 28.42 -11.81
CA LEU G 103 28.43 27.88 -13.07
C LEU G 103 26.91 27.82 -13.05
N LEU G 104 26.40 27.23 -12.00
CA LEU G 104 24.99 27.06 -11.74
C LEU G 104 24.34 28.41 -11.41
N SER G 105 25.07 29.35 -10.82
CA SER G 105 24.50 30.61 -10.34
C SER G 105 23.93 31.50 -11.44
N LEU G 106 24.70 31.78 -12.50
CA LEU G 106 24.33 32.80 -13.47
C LEU G 106 23.90 32.15 -14.78
N LYS G 107 22.64 32.39 -15.18
CA LYS G 107 22.19 32.16 -16.56
C LYS G 107 22.91 33.12 -17.50
N LEU G 108 22.92 32.83 -18.79
CA LEU G 108 23.31 33.82 -19.78
C LEU G 108 22.40 35.03 -19.64
N SER G 109 22.92 36.11 -19.09
CA SER G 109 22.34 37.43 -19.26
C SER G 109 22.54 37.84 -20.72
N SER G 110 21.48 38.36 -21.35
CA SER G 110 21.49 38.73 -22.77
C SER G 110 22.37 39.95 -23.08
N GLU G 111 23.02 40.51 -22.07
CA GLU G 111 23.93 41.63 -22.17
C GLU G 111 25.30 41.27 -22.75
N MET G 112 25.67 39.98 -22.78
CA MET G 112 26.97 39.51 -23.29
C MET G 112 26.79 38.71 -24.58
N SER G 113 27.74 38.86 -25.50
CA SER G 113 27.76 38.03 -26.70
C SER G 113 27.80 36.56 -26.31
N LEU G 114 27.03 35.73 -27.01
CA LEU G 114 27.04 34.31 -26.70
C LEU G 114 28.43 33.72 -26.86
N LEU G 115 29.25 34.28 -27.75
CA LEU G 115 30.63 33.86 -27.90
C LEU G 115 31.45 34.19 -26.66
N SER G 116 31.28 35.38 -26.11
CA SER G 116 31.94 35.74 -24.87
C SER G 116 31.45 34.83 -23.77
N HIS G 117 30.15 34.59 -23.71
CA HIS G 117 29.62 33.65 -22.76
C HIS G 117 30.25 32.27 -22.96
N PHE G 118 30.39 31.82 -24.20
CA PHE G 118 31.00 30.55 -24.51
C PHE G 118 32.39 30.52 -23.95
N HIS G 119 33.20 31.54 -24.22
CA HIS G 119 34.55 31.56 -23.70
C HIS G 119 34.54 31.48 -22.18
N ILE G 120 33.71 32.26 -21.52
CA ILE G 120 33.65 32.23 -20.07
C ILE G 120 33.31 30.83 -19.59
N PHE G 121 32.26 30.26 -20.17
CA PHE G 121 31.77 28.96 -19.81
C PHE G 121 32.84 27.90 -19.98
N ASP G 122 33.48 27.88 -21.13
CA ASP G 122 34.52 26.91 -21.39
C ASP G 122 35.70 27.07 -20.47
N GLU G 123 36.02 28.32 -20.13
CA GLU G 123 37.16 28.57 -19.30
C GLU G 123 36.90 28.02 -17.91
N LEU G 124 35.78 28.36 -17.28
CA LEU G 124 35.54 27.81 -15.95
C LEU G 124 35.35 26.30 -16.01
N ILE G 125 34.80 25.78 -17.10
CA ILE G 125 34.72 24.34 -17.31
C ILE G 125 36.11 23.72 -17.29
N SER G 126 37.04 24.31 -18.03
CA SER G 126 38.40 23.79 -18.09
C SER G 126 39.07 23.93 -16.73
N GLU G 127 38.76 25.00 -16.02
CA GLU G 127 39.23 25.18 -14.65
C GLU G 127 38.67 24.10 -13.75
N LEU G 128 37.41 23.70 -13.89
CA LEU G 128 36.83 22.65 -13.07
C LEU G 128 37.42 21.28 -13.39
N LEU G 129 37.73 21.02 -14.67
CA LEU G 129 38.51 19.85 -15.05
C LEU G 129 39.86 19.84 -14.36
N ALA G 130 40.56 20.98 -14.37
CA ALA G 130 41.82 21.16 -13.67
C ALA G 130 41.66 21.13 -12.12
N ALA G 131 40.51 21.56 -11.60
CA ALA G 131 40.21 21.62 -10.18
C ALA G 131 40.12 20.23 -9.53
N GLY G 132 40.11 19.16 -10.33
CA GLY G 132 40.15 17.77 -9.88
C GLY G 132 38.88 16.99 -10.18
N ALA G 133 37.82 17.66 -10.62
CA ALA G 133 36.55 17.03 -10.94
C ALA G 133 36.47 16.74 -12.45
N LYS G 134 36.18 15.49 -12.81
CA LYS G 134 35.87 15.13 -14.19
C LYS G 134 34.66 15.95 -14.68
N ILE G 135 34.63 16.18 -15.98
CA ILE G 135 33.43 16.70 -16.64
C ILE G 135 33.18 15.87 -17.89
N GLU G 136 31.96 15.40 -18.05
CA GLU G 136 31.57 14.64 -19.23
C GLU G 136 31.07 15.55 -20.35
N GLU G 137 31.11 15.03 -21.57
CA GLU G 137 30.53 15.69 -22.71
C GLU G 137 29.06 16.04 -22.46
N MET G 138 28.27 15.08 -21.99
CA MET G 138 26.87 15.30 -21.64
C MET G 138 26.73 16.31 -20.50
N ASP G 139 27.63 16.29 -19.52
CA ASP G 139 27.58 17.27 -18.46
C ASP G 139 27.75 18.66 -19.03
N LYS G 140 28.78 18.83 -19.84
CA LYS G 140 29.13 20.08 -20.50
C LYS G 140 27.96 20.58 -21.33
N ILE G 141 27.38 19.68 -22.11
CA ILE G 141 26.22 19.98 -22.94
C ILE G 141 25.07 20.46 -22.05
N SER G 142 24.75 19.75 -20.99
CA SER G 142 23.63 20.15 -20.13
C SER G 142 23.87 21.53 -19.55
N HIS G 143 25.05 21.73 -18.99
CA HIS G 143 25.38 22.97 -18.32
C HIS G 143 25.23 24.09 -19.31
N LEU G 144 25.85 23.95 -20.46
CA LEU G 144 25.82 24.99 -21.44
C LEU G 144 24.40 25.26 -21.86
N LEU G 145 23.67 24.22 -22.22
CA LEU G 145 22.40 24.41 -22.84
C LEU G 145 21.44 25.11 -21.91
N ILE G 146 21.29 24.58 -20.70
CA ILE G 146 20.33 25.16 -19.80
C ILE G 146 20.84 26.43 -19.11
N THR G 147 22.14 26.68 -19.06
CA THR G 147 22.61 28.02 -18.67
C THR G 147 21.99 29.15 -19.52
N LEU G 148 21.54 28.89 -20.74
CA LEU G 148 20.93 29.90 -21.61
C LEU G 148 19.48 30.27 -21.25
N PRO G 149 18.95 31.41 -21.73
CA PRO G 149 17.55 31.78 -21.55
C PRO G 149 16.57 31.03 -22.50
N SER G 150 15.28 31.28 -22.34
CA SER G 150 14.20 30.60 -23.08
C SER G 150 14.15 30.86 -24.59
N CYS G 151 14.58 32.00 -25.11
CA CYS G 151 14.43 32.37 -26.53
C CYS G 151 15.00 31.28 -27.48
N TYR G 152 16.01 30.62 -26.95
CA TYR G 152 16.54 29.37 -27.46
C TYR G 152 15.50 28.27 -27.66
N ASP G 153 14.24 28.43 -27.26
CA ASP G 153 13.17 27.46 -27.11
C ASP G 153 13.09 26.60 -28.33
N GLY G 154 13.31 27.22 -29.48
CA GLY G 154 13.34 26.44 -30.71
C GLY G 154 14.45 25.39 -30.69
N ILE G 155 15.69 25.77 -30.40
CA ILE G 155 16.73 24.70 -30.36
C ILE G 155 16.56 23.82 -29.15
N ILE G 156 16.08 24.39 -28.05
CA ILE G 156 15.83 23.68 -26.80
C ILE G 156 14.92 22.48 -27.07
N THR G 157 13.81 22.71 -27.77
CA THR G 157 12.94 21.59 -28.12
C THR G 157 13.62 20.68 -29.13
N ALA G 158 14.28 21.24 -30.13
CA ALA G 158 14.87 20.41 -31.17
C ALA G 158 15.88 19.44 -30.57
N ILE G 159 16.61 19.86 -29.54
CA ILE G 159 17.56 19.02 -28.84
C ILE G 159 16.90 17.75 -28.36
N GLU G 160 15.75 17.86 -27.69
CA GLU G 160 15.13 16.62 -27.24
C GLU G 160 14.78 15.71 -28.41
N THR G 161 14.15 16.25 -29.46
CA THR G 161 13.75 15.43 -30.61
C THR G 161 14.94 14.80 -31.33
N LEU G 162 16.04 15.55 -31.42
CA LEU G 162 17.26 15.13 -32.07
C LEU G 162 17.98 14.05 -31.26
N SER G 163 18.97 13.42 -31.89
CA SER G 163 19.73 12.31 -31.32
C SER G 163 20.97 12.76 -30.52
N GLU G 164 21.61 11.81 -29.84
CA GLU G 164 22.73 12.10 -28.95
C GLU G 164 24.03 12.39 -29.69
N GLU G 165 24.40 11.51 -30.62
CA GLU G 165 25.68 11.58 -31.31
C GLU G 165 25.83 12.85 -32.13
N ASN G 166 24.73 13.43 -32.61
CA ASN G 166 24.78 14.70 -33.31
C ASN G 166 25.13 15.84 -32.35
N LEU G 167 24.44 15.94 -31.21
CA LEU G 167 24.57 17.07 -30.29
C LEU G 167 25.80 16.94 -29.39
N THR G 168 26.97 16.96 -30.01
CA THR G 168 28.26 17.13 -29.32
C THR G 168 28.43 18.57 -28.86
N LEU G 169 29.42 18.90 -28.05
CA LEU G 169 29.76 20.26 -27.64
C LEU G 169 29.97 21.15 -28.85
N ALA G 170 30.76 20.69 -29.82
CA ALA G 170 30.99 21.47 -31.02
C ALA G 170 29.69 21.63 -31.81
N PHE G 171 28.97 20.55 -32.06
CA PHE G 171 27.73 20.65 -32.84
C PHE G 171 26.64 21.42 -32.09
N VAL G 172 26.56 21.24 -30.79
CA VAL G 172 25.69 21.97 -29.88
C VAL G 172 26.06 23.43 -29.98
N LYS G 173 27.33 23.80 -29.86
CA LYS G 173 27.74 25.18 -30.08
C LYS G 173 27.33 25.66 -31.45
N ASN G 174 27.43 24.84 -32.48
CA ASN G 174 27.04 25.26 -33.81
C ASN G 174 25.56 25.59 -33.86
N ARG G 175 24.73 24.72 -33.30
CA ARG G 175 23.29 24.94 -33.19
C ARG G 175 22.97 26.12 -32.29
N LEU G 176 23.77 26.34 -31.26
CA LEU G 176 23.62 27.50 -30.41
C LEU G 176 23.99 28.77 -31.15
N LEU G 177 24.98 28.73 -32.02
CA LEU G 177 25.28 29.82 -32.90
C LEU G 177 24.17 30.01 -33.92
N ASP G 178 23.51 28.94 -34.38
CA ASP G 178 22.36 29.08 -35.27
C ASP G 178 21.28 29.85 -34.57
N GLN G 179 21.04 29.49 -33.32
CA GLN G 179 20.02 30.16 -32.56
C GLN G 179 20.46 31.56 -32.13
N GLU G 180 21.73 31.81 -31.89
CA GLU G 180 22.22 33.14 -31.58
C GLU G 180 21.96 34.06 -32.77
N ILE G 181 22.33 33.57 -33.95
CA ILE G 181 22.03 34.23 -35.20
C ILE G 181 20.55 34.47 -35.23
N LYS G 182 19.77 33.42 -34.99
CA LYS G 182 18.34 33.51 -35.09
C LYS G 182 17.78 34.50 -34.08
N ILE G 183 18.35 34.64 -32.89
CA ILE G 183 17.87 35.55 -31.85
C ILE G 183 18.19 36.98 -32.20
N LYS G 184 19.44 37.23 -32.56
CA LYS G 184 19.85 38.56 -32.97
C LYS G 184 19.00 38.99 -34.14
N ASN G 185 18.82 38.06 -35.07
CA ASN G 185 17.89 38.23 -36.16
C ASN G 185 16.51 38.50 -35.64
N ASP G 186 15.94 37.74 -34.73
CA ASP G 186 14.56 37.96 -34.28
C ASP G 186 14.31 39.37 -33.79
N HIS G 187 15.28 39.94 -33.08
CA HIS G 187 15.19 41.36 -32.73
C HIS G 187 15.26 42.23 -33.98
N MET H 1 0.13 -20.77 -8.94
CA MET H 1 0.63 -19.76 -7.97
C MET H 1 -0.37 -18.61 -7.83
N ASP H 2 -1.13 -18.55 -6.73
CA ASP H 2 -2.05 -17.44 -6.48
C ASP H 2 -1.27 -16.13 -6.33
N LYS H 3 -1.76 -15.09 -7.02
CA LYS H 3 -1.03 -13.83 -7.23
C LYS H 3 -1.68 -12.67 -6.51
N ALA H 4 -2.04 -12.86 -5.24
CA ALA H 4 -2.58 -11.79 -4.39
C ALA H 4 -1.69 -10.54 -4.53
N LYS H 5 -2.31 -9.38 -4.76
CA LYS H 5 -1.61 -8.23 -5.36
C LYS H 5 -0.33 -7.89 -4.60
N ARG H 6 0.77 -7.87 -5.33
CA ARG H 6 2.12 -7.69 -4.79
C ARG H 6 2.45 -6.21 -4.66
N ASN H 7 3.65 -5.89 -4.24
CA ASN H 7 4.19 -4.53 -4.28
C ASN H 7 4.53 -4.10 -5.72
N ILE H 8 3.54 -4.10 -6.59
CA ILE H 8 3.68 -3.67 -7.97
C ILE H 8 2.52 -2.75 -8.29
N LYS H 9 2.82 -1.47 -8.47
CA LYS H 9 1.89 -0.52 -9.06
C LYS H 9 1.65 -0.93 -10.51
N PRO H 10 0.49 -0.68 -11.10
CA PRO H 10 0.29 -0.92 -12.53
C PRO H 10 1.29 -0.17 -13.43
N PHE H 11 1.14 -0.28 -14.75
CA PHE H 11 2.03 0.37 -15.69
C PHE H 11 1.34 1.06 -16.84
N ASP H 12 1.73 2.28 -17.04
CA ASP H 12 1.20 3.21 -18.01
C ASP H 12 2.32 3.98 -18.70
N GLY H 13 3.56 3.48 -18.62
CA GLY H 13 4.69 4.06 -19.35
C GLY H 13 5.65 4.86 -18.49
N GLU H 14 5.49 4.81 -17.18
CA GLU H 14 6.20 5.69 -16.24
C GLU H 14 7.18 4.90 -15.39
N LYS H 15 8.46 5.30 -15.39
CA LYS H 15 9.53 4.62 -14.61
C LYS H 15 9.63 3.15 -14.99
N TYR H 16 9.70 2.92 -16.30
CA TYR H 16 9.66 1.59 -16.87
C TYR H 16 10.75 0.69 -16.33
N ALA H 17 12.00 1.15 -16.27
CA ALA H 17 13.11 0.30 -15.90
C ALA H 17 12.90 -0.31 -14.51
N ILE H 18 12.57 0.54 -13.55
CA ILE H 18 12.40 0.10 -12.18
C ILE H 18 11.11 -0.68 -12.03
N TRP H 19 10.03 -0.24 -12.67
CA TRP H 19 8.78 -0.96 -12.56
C TRP H 19 8.92 -2.36 -13.15
N LYS H 20 9.49 -2.45 -14.33
CA LYS H 20 9.84 -3.71 -14.94
C LYS H 20 10.79 -4.48 -14.04
N PHE H 21 11.70 -3.85 -13.32
CA PHE H 21 12.53 -4.59 -12.38
C PHE H 21 11.70 -5.20 -11.25
N ARG H 22 10.70 -4.49 -10.75
CA ARG H 22 9.75 -5.11 -9.81
C ARG H 22 9.13 -6.31 -10.48
N ILE H 23 8.71 -6.16 -11.73
CA ILE H 23 8.15 -7.27 -12.48
C ILE H 23 9.15 -8.39 -12.54
N ARG H 24 10.42 -8.13 -12.81
CA ARG H 24 11.46 -9.15 -12.91
C ARG H 24 11.59 -9.89 -11.61
N ALA H 25 11.63 -9.16 -10.50
CA ALA H 25 11.65 -9.76 -9.18
C ALA H 25 10.42 -10.65 -8.96
N LEU H 26 9.23 -10.18 -9.36
CA LEU H 26 8.04 -11.01 -9.30
C LEU H 26 8.23 -12.24 -10.17
N LEU H 27 8.69 -12.11 -11.40
CA LEU H 27 8.91 -13.26 -12.26
C LEU H 27 9.88 -14.25 -11.65
N ALA H 28 10.85 -13.81 -10.86
CA ALA H 28 11.71 -14.72 -10.14
C ALA H 28 10.96 -15.42 -9.00
N GLU H 29 10.03 -14.73 -8.34
CA GLU H 29 9.08 -15.36 -7.42
C GLU H 29 8.16 -16.34 -8.17
N GLN H 30 7.69 -15.96 -9.36
CA GLN H 30 7.03 -16.85 -10.29
C GLN H 30 7.97 -17.93 -10.83
N ASP H 31 9.28 -17.79 -10.59
CA ASP H 31 10.38 -18.54 -11.20
C ASP H 31 10.53 -18.37 -12.72
N VAL H 32 9.52 -17.82 -13.38
CA VAL H 32 9.50 -17.59 -14.82
C VAL H 32 10.48 -16.53 -15.27
N LEU H 33 11.17 -15.79 -14.39
CA LEU H 33 12.16 -14.79 -14.85
C LEU H 33 13.20 -15.44 -15.78
N LYS H 34 13.48 -16.72 -15.56
CA LYS H 34 14.31 -17.55 -16.41
C LYS H 34 13.85 -17.55 -17.86
N VAL H 35 12.57 -17.39 -18.15
CA VAL H 35 12.13 -17.45 -19.52
C VAL H 35 12.65 -16.28 -20.34
N VAL H 36 12.64 -15.08 -19.78
CA VAL H 36 13.23 -13.92 -20.41
C VAL H 36 14.75 -13.91 -20.28
N ASP H 37 15.23 -14.02 -19.04
CA ASP H 37 16.65 -13.89 -18.74
C ASP H 37 17.45 -15.09 -19.18
N GLY H 38 16.98 -16.26 -18.79
CA GLY H 38 17.47 -17.52 -19.33
C GLY H 38 17.02 -17.67 -20.77
N LEU H 39 17.74 -18.49 -21.52
CA LEU H 39 17.36 -18.83 -22.89
C LEU H 39 15.94 -19.41 -22.88
N MET H 40 15.14 -19.02 -23.86
CA MET H 40 13.84 -19.65 -24.09
C MET H 40 13.96 -20.65 -25.23
N PRO H 41 13.93 -21.97 -24.96
CA PRO H 41 13.98 -22.96 -26.02
C PRO H 41 12.64 -22.92 -26.76
N ASN H 42 12.63 -22.86 -28.09
CA ASN H 42 11.38 -22.81 -28.85
C ASN H 42 10.57 -24.12 -28.71
N GLU H 43 11.20 -25.18 -28.22
CA GLU H 43 10.52 -26.34 -27.68
C GLU H 43 9.43 -25.94 -26.69
N VAL H 44 9.75 -24.99 -25.79
CA VAL H 44 8.87 -24.43 -24.77
C VAL H 44 8.15 -25.59 -24.09
N ASP H 45 8.84 -26.35 -23.24
CA ASP H 45 8.22 -27.51 -22.59
C ASP H 45 6.88 -27.13 -21.94
N ASP H 46 5.97 -28.07 -21.68
CA ASP H 46 4.62 -27.67 -21.25
C ASP H 46 4.65 -26.76 -20.03
N SER H 47 5.53 -27.05 -19.07
CA SER H 47 5.77 -26.17 -17.94
C SER H 47 6.19 -24.77 -18.40
N TRP H 48 7.06 -24.68 -19.39
CA TRP H 48 7.47 -23.45 -20.03
C TRP H 48 6.31 -22.76 -20.73
N LYS H 49 5.43 -23.48 -21.43
CA LYS H 49 4.29 -22.85 -22.11
C LYS H 49 3.42 -22.14 -21.09
N LYS H 50 3.07 -22.87 -20.03
CA LYS H 50 2.27 -22.35 -18.94
C LYS H 50 2.97 -21.19 -18.26
N ALA H 51 4.26 -21.33 -17.97
CA ALA H 51 5.05 -20.29 -17.34
C ALA H 51 5.06 -19.03 -18.20
N GLU H 52 5.28 -19.16 -19.49
CA GLU H 52 5.36 -18.03 -20.40
C GLU H 52 4.03 -17.28 -20.44
N ARG H 53 2.94 -18.01 -20.62
CA ARG H 53 1.60 -17.41 -20.67
C ARG H 53 1.21 -16.82 -19.33
N CYS H 54 1.59 -17.48 -18.25
CA CYS H 54 1.39 -16.98 -16.91
C CYS H 54 2.12 -15.65 -16.71
N ALA H 55 3.39 -15.58 -17.09
CA ALA H 55 4.17 -14.36 -17.04
C ALA H 55 3.49 -13.26 -17.85
N LYS H 56 3.07 -13.58 -19.06
CA LYS H 56 2.40 -12.65 -19.97
C LYS H 56 1.18 -12.05 -19.30
N SER H 57 0.33 -12.88 -18.74
CA SER H 57 -0.85 -12.42 -18.04
C SER H 57 -0.52 -11.65 -16.77
N THR H 58 0.51 -12.05 -16.04
CA THR H 58 0.93 -11.35 -14.83
C THR H 58 1.34 -9.93 -15.15
N ILE H 59 2.14 -9.78 -16.20
CA ILE H 59 2.55 -8.48 -16.68
C ILE H 59 1.31 -7.70 -17.03
N ILE H 60 0.42 -8.31 -17.82
CA ILE H 60 -0.82 -7.71 -18.29
C ILE H 60 -1.68 -7.23 -17.11
N GLU H 61 -1.65 -7.94 -16.00
CA GLU H 61 -2.40 -7.56 -14.82
C GLU H 61 -1.99 -6.17 -14.36
N TYR H 62 -0.69 -5.94 -14.27
CA TYR H 62 -0.16 -4.61 -14.01
C TYR H 62 -0.23 -3.67 -15.21
N LEU H 63 -0.17 -4.14 -16.45
CA LEU H 63 -0.33 -3.26 -17.62
C LEU H 63 -1.64 -2.45 -17.61
N SER H 64 -1.53 -1.18 -17.98
CA SER H 64 -2.69 -0.37 -18.33
C SER H 64 -3.20 -0.72 -19.73
N ASP H 65 -4.32 -0.13 -20.10
CA ASP H 65 -5.09 -0.56 -21.26
C ASP H 65 -4.28 -0.47 -22.55
N SER H 66 -3.55 0.63 -22.74
CA SER H 66 -2.67 0.82 -23.89
C SER H 66 -1.63 -0.29 -23.98
N PHE H 67 -1.19 -0.74 -22.84
CA PHE H 67 -0.16 -1.72 -22.72
C PHE H 67 -0.67 -3.09 -23.15
N LEU H 68 -1.97 -3.36 -23.02
CA LEU H 68 -2.54 -4.55 -23.64
C LEU H 68 -2.22 -4.58 -25.12
N ASN H 69 -2.49 -3.50 -25.86
CA ASN H 69 -2.20 -3.53 -27.29
C ASN H 69 -0.71 -3.49 -27.57
N PHE H 70 0.09 -2.83 -26.73
CA PHE H 70 1.54 -2.93 -26.82
C PHE H 70 1.98 -4.40 -26.72
N ALA H 71 1.29 -5.15 -25.87
CA ALA H 71 1.48 -6.58 -25.68
C ALA H 71 0.49 -7.40 -26.52
N THR H 72 0.67 -7.43 -27.83
CA THR H 72 -0.16 -8.27 -28.70
C THR H 72 -0.13 -9.75 -28.29
N SER H 73 -1.23 -10.47 -28.49
CA SER H 73 -1.44 -11.80 -27.90
C SER H 73 -0.49 -12.89 -28.41
N ASP H 74 0.20 -12.65 -29.50
CA ASP H 74 1.15 -13.55 -30.13
C ASP H 74 2.56 -13.46 -29.51
N ILE H 75 3.14 -12.25 -29.43
CA ILE H 75 4.51 -12.04 -28.96
C ILE H 75 4.69 -12.61 -27.57
N THR H 76 5.78 -13.33 -27.36
CA THR H 76 6.14 -13.89 -26.05
C THR H 76 6.25 -12.78 -25.02
N ALA H 77 6.00 -13.09 -23.75
CA ALA H 77 6.16 -12.14 -22.65
C ALA H 77 7.58 -11.55 -22.65
N ARG H 78 8.59 -12.36 -22.97
CA ARG H 78 9.94 -11.84 -23.22
C ARG H 78 9.95 -10.84 -24.37
N GLN H 79 9.37 -11.17 -25.52
CA GLN H 79 9.24 -10.22 -26.61
C GLN H 79 8.51 -8.96 -26.18
N ILE H 80 7.41 -9.07 -25.46
CA ILE H 80 6.65 -7.93 -24.98
C ILE H 80 7.55 -7.03 -24.14
N LEU H 81 8.25 -7.62 -23.19
CA LEU H 81 9.17 -6.90 -22.35
C LEU H 81 10.20 -6.22 -23.21
N GLU H 82 10.80 -6.92 -24.15
CA GLU H 82 11.80 -6.33 -25.03
C GLU H 82 11.23 -5.17 -25.85
N ASN H 83 9.99 -5.28 -26.29
CA ASN H 83 9.34 -4.22 -27.05
C ASN H 83 9.20 -2.98 -26.18
N LEU H 84 8.67 -3.17 -24.99
CA LEU H 84 8.52 -2.10 -24.03
C LEU H 84 9.89 -1.57 -23.60
N ASP H 85 10.92 -2.39 -23.55
CA ASP H 85 12.26 -1.93 -23.33
C ASP H 85 12.69 -0.95 -24.40
N ALA H 86 12.53 -1.31 -25.67
CA ALA H 86 12.88 -0.39 -26.72
C ALA H 86 12.05 0.89 -26.63
N VAL H 87 10.78 0.76 -26.26
CA VAL H 87 9.86 1.89 -26.20
C VAL H 87 10.26 2.84 -25.08
N TYR H 88 10.43 2.34 -23.87
CA TYR H 88 10.78 3.09 -22.68
C TYR H 88 12.26 3.35 -22.40
N GLU H 89 13.09 2.35 -22.62
CA GLU H 89 14.54 2.40 -22.39
C GLU H 89 15.29 2.99 -23.56
N ARG H 90 14.61 3.77 -24.40
CA ARG H 90 15.23 4.65 -25.40
C ARG H 90 15.98 5.83 -24.76
N LYS H 91 16.82 5.52 -23.79
CA LYS H 91 17.76 6.42 -23.13
C LYS H 91 18.28 7.45 -24.12
N SER H 92 18.02 8.72 -23.85
CA SER H 92 18.14 9.81 -24.81
C SER H 92 18.70 11.04 -24.13
N LEU H 93 19.49 11.83 -24.88
CA LEU H 93 19.95 13.13 -24.41
C LEU H 93 18.78 13.99 -24.00
N ALA H 94 17.60 13.83 -24.62
CA ALA H 94 16.43 14.55 -24.17
C ALA H 94 16.16 14.32 -22.68
N SER H 95 16.12 13.06 -22.28
CA SER H 95 15.96 12.68 -20.89
C SER H 95 17.17 13.11 -20.10
N GLN H 96 18.37 12.79 -20.58
CA GLN H 96 19.59 12.99 -19.80
C GLN H 96 19.77 14.44 -19.42
N LEU H 97 19.67 15.32 -20.41
CA LEU H 97 19.88 16.74 -20.22
C LEU H 97 18.74 17.34 -19.41
N ALA H 98 17.50 16.98 -19.74
CA ALA H 98 16.35 17.52 -19.02
C ALA H 98 16.45 17.18 -17.54
N LEU H 99 16.70 15.91 -17.23
CA LEU H 99 16.88 15.44 -15.86
C LEU H 99 18.05 16.13 -15.23
N ARG H 100 19.18 16.21 -15.92
CA ARG H 100 20.39 16.80 -15.36
C ARG H 100 20.18 18.23 -14.93
N LYS H 101 19.49 19.05 -15.74
CA LYS H 101 19.18 20.37 -15.23
C LYS H 101 18.09 20.31 -14.18
N ARG H 102 17.06 19.51 -14.37
CA ARG H 102 15.96 19.44 -13.41
C ARG H 102 16.45 19.13 -12.01
N LEU H 103 17.41 18.22 -11.94
CA LEU H 103 18.06 17.84 -10.72
C LEU H 103 19.03 18.90 -10.23
N LEU H 104 19.90 19.43 -11.09
CA LEU H 104 20.86 20.42 -10.62
C LEU H 104 20.19 21.69 -10.17
N SER H 105 19.07 22.02 -10.78
CA SER H 105 18.24 23.15 -10.39
C SER H 105 17.57 22.90 -9.03
N LEU H 106 17.19 21.67 -8.70
CA LEU H 106 16.73 21.39 -7.36
C LEU H 106 17.88 21.52 -6.36
N LYS H 107 17.64 22.20 -5.23
CA LYS H 107 18.65 22.48 -4.20
C LYS H 107 18.21 21.96 -2.85
N LEU H 108 19.17 21.53 -2.04
CA LEU H 108 18.92 21.26 -0.64
C LEU H 108 18.88 22.58 0.12
N SER H 109 17.68 23.03 0.44
CA SER H 109 17.54 24.07 1.46
C SER H 109 17.87 23.49 2.84
N SER H 110 18.18 24.35 3.80
CA SER H 110 18.35 23.92 5.19
C SER H 110 17.03 23.54 5.89
N GLU H 111 15.88 23.58 5.19
CA GLU H 111 14.59 23.16 5.75
C GLU H 111 14.22 21.71 5.41
N MET H 112 14.25 21.38 4.12
CA MET H 112 13.75 20.09 3.65
C MET H 112 14.57 18.98 4.31
N SER H 113 13.89 17.99 4.91
CA SER H 113 14.55 16.98 5.73
C SER H 113 15.69 16.31 4.98
N LEU H 114 16.84 16.13 5.62
CA LEU H 114 17.96 15.48 4.97
C LEU H 114 17.62 14.05 4.55
N LEU H 115 16.70 13.38 5.23
CA LEU H 115 16.15 12.13 4.73
C LEU H 115 15.59 12.30 3.31
N SER H 116 14.75 13.31 3.13
CA SER H 116 14.23 13.65 1.81
C SER H 116 15.37 14.01 0.88
N HIS H 117 16.39 14.71 1.37
CA HIS H 117 17.57 14.97 0.56
C HIS H 117 18.24 13.69 0.09
N PHE H 118 18.37 12.68 0.95
CA PHE H 118 18.99 11.44 0.53
C PHE H 118 18.18 10.82 -0.57
N HIS H 119 16.86 10.83 -0.42
CA HIS H 119 16.01 10.28 -1.44
C HIS H 119 16.12 11.07 -2.72
N ILE H 120 16.19 12.38 -2.61
CA ILE H 120 16.42 13.23 -3.76
C ILE H 120 17.73 12.83 -4.41
N PHE H 121 18.79 12.75 -3.64
CA PHE H 121 20.08 12.54 -4.23
C PHE H 121 20.17 11.16 -4.88
N ASP H 122 19.73 10.13 -4.18
CA ASP H 122 19.76 8.77 -4.71
C ASP H 122 18.92 8.64 -5.98
N GLU H 123 17.76 9.30 -6.00
CA GLU H 123 16.87 9.32 -7.15
C GLU H 123 17.64 9.89 -8.32
N LEU H 124 18.27 11.04 -8.11
CA LEU H 124 18.88 11.77 -9.19
C LEU H 124 20.11 11.07 -9.71
N ILE H 125 20.85 10.41 -8.82
CA ILE H 125 21.92 9.53 -9.23
C ILE H 125 21.38 8.45 -10.14
N SER H 126 20.30 7.82 -9.74
CA SER H 126 19.78 6.70 -10.50
C SER H 126 19.15 7.16 -11.80
N GLU H 127 18.55 8.34 -11.80
CA GLU H 127 18.02 9.00 -12.98
C GLU H 127 19.15 9.21 -13.98
N LEU H 128 20.25 9.79 -13.52
CA LEU H 128 21.38 10.06 -14.40
C LEU H 128 22.09 8.76 -14.83
N LEU H 129 22.11 7.71 -14.01
CA LEU H 129 22.49 6.36 -14.44
C LEU H 129 21.59 5.81 -15.57
N ALA H 130 20.28 5.99 -15.42
CA ALA H 130 19.27 5.44 -16.34
C ALA H 130 19.13 6.14 -17.70
N ALA H 131 19.24 7.47 -17.72
CA ALA H 131 18.81 8.28 -18.87
C ALA H 131 19.64 8.04 -20.15
N GLY H 132 20.83 7.44 -20.02
CA GLY H 132 21.73 7.08 -21.12
C GLY H 132 23.23 7.22 -20.82
N ALA H 133 23.59 7.48 -19.57
CA ALA H 133 24.97 7.65 -19.11
C ALA H 133 25.13 7.11 -17.69
N LYS H 134 26.35 6.97 -17.20
CA LYS H 134 26.62 6.67 -15.80
C LYS H 134 27.16 7.92 -15.13
N ILE H 135 27.59 7.82 -13.87
CA ILE H 135 28.11 8.96 -13.11
C ILE H 135 29.44 8.59 -12.47
N GLU H 136 30.38 9.53 -12.45
CA GLU H 136 31.65 9.35 -11.78
C GLU H 136 31.54 9.75 -10.31
N GLU H 137 32.17 8.98 -9.41
CA GLU H 137 31.94 9.10 -7.97
C GLU H 137 32.21 10.49 -7.41
N MET H 138 33.38 11.06 -7.69
CA MET H 138 33.73 12.38 -7.23
C MET H 138 32.75 13.44 -7.76
N ASP H 139 32.19 13.25 -8.94
CA ASP H 139 31.16 14.12 -9.45
C ASP H 139 29.88 13.95 -8.64
N LYS H 140 29.49 12.73 -8.26
CA LYS H 140 28.36 12.51 -7.35
C LYS H 140 28.58 13.30 -6.07
N ILE H 141 29.78 13.19 -5.51
CA ILE H 141 30.14 13.91 -4.30
C ILE H 141 29.97 15.39 -4.56
N SER H 142 30.52 15.88 -5.65
CA SER H 142 30.46 17.28 -5.98
C SER H 142 29.03 17.78 -6.05
N HIS H 143 28.17 17.07 -6.77
CA HIS H 143 26.76 17.44 -6.88
C HIS H 143 26.07 17.43 -5.53
N LEU H 144 26.31 16.40 -4.72
CA LEU H 144 25.76 16.35 -3.38
C LEU H 144 26.17 17.60 -2.63
N LEU H 145 27.45 17.93 -2.63
CA LEU H 145 27.96 19.05 -1.87
C LEU H 145 27.39 20.38 -2.34
N ILE H 146 27.23 20.50 -3.65
CA ILE H 146 26.63 21.67 -4.26
C ILE H 146 25.20 21.84 -3.79
N THR H 147 24.47 20.74 -3.60
CA THR H 147 23.07 20.85 -3.17
C THR H 147 22.97 21.61 -1.86
N LEU H 148 23.98 21.46 -1.01
CA LEU H 148 23.88 21.80 0.40
C LEU H 148 23.56 23.28 0.65
N PRO H 149 22.89 23.59 1.77
CA PRO H 149 22.52 24.94 2.15
C PRO H 149 23.61 25.66 2.96
N SER H 150 23.36 26.92 3.31
CA SER H 150 24.35 27.87 3.88
C SER H 150 24.83 27.53 5.30
N CYS H 151 23.99 26.98 6.16
CA CYS H 151 24.35 26.69 7.55
C CYS H 151 25.57 25.73 7.64
N TYR H 152 25.69 24.86 6.66
CA TYR H 152 26.86 24.03 6.47
C TYR H 152 28.14 24.80 6.23
N ASP H 153 28.13 26.07 5.82
CA ASP H 153 29.23 26.73 5.09
C ASP H 153 30.55 26.49 5.78
N GLY H 154 30.58 26.69 7.08
CA GLY H 154 31.82 26.42 7.80
C GLY H 154 32.26 24.97 7.66
N ILE H 155 31.31 24.07 7.81
CA ILE H 155 31.60 22.63 7.70
C ILE H 155 32.06 22.29 6.29
N ILE H 156 31.46 22.90 5.28
CA ILE H 156 31.89 22.70 3.91
C ILE H 156 33.30 23.21 3.72
N THR H 157 33.58 24.37 4.29
CA THR H 157 34.88 24.99 4.21
C THR H 157 35.93 24.03 4.73
N ALA H 158 35.65 23.39 5.86
CA ALA H 158 36.54 22.36 6.37
C ALA H 158 36.64 21.18 5.40
N ILE H 159 35.51 20.69 4.93
CA ILE H 159 35.44 19.53 4.06
C ILE H 159 36.29 19.71 2.82
N GLU H 160 36.23 20.88 2.20
CA GLU H 160 36.97 21.16 0.96
C GLU H 160 38.49 21.02 1.09
N THR H 161 39.01 20.89 2.31
CA THR H 161 40.42 20.65 2.61
C THR H 161 40.76 19.18 2.87
N LEU H 162 39.78 18.29 2.76
CA LEU H 162 39.91 16.87 3.03
C LEU H 162 39.89 16.12 1.71
N SER H 163 40.82 15.21 1.48
CA SER H 163 40.92 14.41 0.25
C SER H 163 39.85 13.33 0.16
N GLU H 164 39.70 12.64 -0.98
CA GLU H 164 38.59 11.68 -1.15
C GLU H 164 38.64 10.52 -0.16
N GLU H 165 39.82 10.01 0.17
CA GLU H 165 39.94 9.01 1.23
C GLU H 165 39.56 9.62 2.59
N ASN H 166 39.84 10.91 2.82
CA ASN H 166 39.29 11.63 3.95
C ASN H 166 37.76 11.82 3.83
N LEU H 167 37.25 11.94 2.60
CA LEU H 167 35.87 12.23 2.24
C LEU H 167 35.19 11.06 1.52
N THR H 168 35.40 9.84 2.00
CA THR H 168 34.67 8.69 1.46
C THR H 168 33.19 9.02 1.54
N LEU H 169 32.49 8.97 0.40
CA LEU H 169 31.22 9.66 0.29
C LEU H 169 30.19 9.19 1.33
N ALA H 170 30.25 7.92 1.75
CA ALA H 170 29.44 7.45 2.85
C ALA H 170 29.70 8.24 4.13
N PHE H 171 30.96 8.41 4.53
CA PHE H 171 31.32 9.21 5.69
C PHE H 171 30.93 10.67 5.51
N VAL H 172 31.06 11.19 4.29
CA VAL H 172 30.64 12.55 3.98
C VAL H 172 29.15 12.70 4.27
N LYS H 173 28.32 11.80 3.73
CA LYS H 173 26.88 11.80 3.98
C LYS H 173 26.60 11.76 5.46
N ASN H 174 27.29 10.87 6.16
CA ASN H 174 27.04 10.66 7.57
C ASN H 174 27.42 11.90 8.37
N ARG H 175 28.63 12.44 8.18
CA ARG H 175 29.07 13.61 8.93
C ARG H 175 28.22 14.82 8.60
N LEU H 176 27.74 14.92 7.39
CA LEU H 176 26.81 15.96 7.02
C LEU H 176 25.45 15.77 7.68
N LEU H 177 24.97 14.54 7.80
CA LEU H 177 23.78 14.28 8.58
C LEU H 177 24.00 14.67 10.04
N ASP H 178 25.15 14.35 10.59
CA ASP H 178 25.47 14.78 11.95
C ASP H 178 25.50 16.31 12.04
N GLN H 179 25.97 16.97 11.00
CA GLN H 179 25.91 18.42 10.91
C GLN H 179 24.44 18.90 10.85
N GLU H 180 23.56 18.23 10.12
CA GLU H 180 22.13 18.50 10.12
C GLU H 180 21.58 18.41 11.54
N ILE H 181 21.97 17.37 12.29
CA ILE H 181 21.53 17.19 13.67
C ILE H 181 21.97 18.41 14.48
N LYS H 182 23.23 18.80 14.37
CA LYS H 182 23.75 19.97 15.07
C LYS H 182 22.91 21.20 14.75
N ILE H 183 22.64 21.42 13.49
CA ILE H 183 21.85 22.55 13.01
C ILE H 183 20.46 22.52 13.65
N LYS H 184 19.81 21.36 13.66
CA LYS H 184 18.50 21.21 14.30
C LYS H 184 18.56 21.57 15.77
N ASN H 185 19.61 21.11 16.44
CA ASN H 185 19.82 21.40 17.86
C ASN H 185 19.91 22.90 18.05
N ASP H 186 20.67 23.55 17.19
CA ASP H 186 20.82 24.99 17.24
C ASP H 186 19.50 25.71 17.06
N HIS H 187 18.63 25.21 16.18
CA HIS H 187 17.44 25.96 15.81
C HIS H 187 16.60 26.34 17.02
N MET I 1 62.99 33.45 -37.48
CA MET I 1 62.96 34.93 -37.39
C MET I 1 62.55 35.40 -36.00
N ASP I 2 62.92 36.64 -35.64
CA ASP I 2 62.55 37.23 -34.36
C ASP I 2 61.04 37.51 -34.26
N LYS I 3 60.47 37.36 -33.06
CA LYS I 3 59.07 37.65 -32.77
C LYS I 3 58.79 39.15 -32.57
N ALA I 4 59.60 40.03 -33.18
CA ALA I 4 59.33 41.46 -33.18
C ALA I 4 57.87 41.71 -33.57
N LYS I 5 57.15 42.53 -32.80
CA LYS I 5 55.71 42.68 -32.97
C LYS I 5 55.39 43.11 -34.40
N ARG I 6 54.60 42.30 -35.10
CA ARG I 6 54.01 42.65 -36.39
C ARG I 6 52.65 43.28 -36.19
N ASN I 7 52.02 43.70 -37.28
CA ASN I 7 50.70 44.32 -37.27
C ASN I 7 49.59 43.31 -36.93
N ILE I 8 49.65 42.74 -35.73
CA ILE I 8 48.76 41.71 -35.24
C ILE I 8 48.49 42.00 -33.77
N LYS I 9 47.37 41.50 -33.26
CA LYS I 9 46.90 41.68 -31.89
C LYS I 9 46.64 40.33 -31.24
N PRO I 10 46.83 40.19 -29.93
CA PRO I 10 46.12 39.21 -29.12
C PRO I 10 44.67 39.07 -29.56
N PHE I 11 44.33 37.91 -30.07
CA PHE I 11 43.11 37.68 -30.77
C PHE I 11 41.95 37.85 -29.82
N ASP I 12 40.85 38.35 -30.33
CA ASP I 12 39.70 38.79 -29.56
C ASP I 12 38.39 38.20 -30.10
N GLY I 13 38.45 37.23 -31.02
CA GLY I 13 37.27 36.73 -31.71
C GLY I 13 36.89 37.56 -32.93
N GLU I 14 37.66 38.61 -33.25
CA GLU I 14 37.26 39.65 -34.19
C GLU I 14 38.33 39.88 -35.24
N LYS I 15 37.90 40.33 -36.43
CA LYS I 15 38.80 40.46 -37.58
C LYS I 15 39.53 39.15 -37.80
N TYR I 16 38.94 38.03 -37.42
CA TYR I 16 39.63 36.76 -37.35
C TYR I 16 40.21 36.40 -38.72
N ALA I 17 39.50 36.75 -39.79
CA ALA I 17 40.02 36.61 -41.13
C ALA I 17 41.38 37.30 -41.28
N ILE I 18 41.45 38.56 -40.88
CA ILE I 18 42.66 39.37 -40.99
C ILE I 18 43.71 38.90 -40.00
N TRP I 19 43.29 38.60 -38.79
CA TRP I 19 44.20 38.14 -37.76
C TRP I 19 44.86 36.86 -38.22
N LYS I 20 44.07 35.88 -38.64
CA LYS I 20 44.56 34.62 -39.12
C LYS I 20 45.36 34.82 -40.38
N PHE I 21 44.93 35.70 -41.27
CA PHE I 21 45.68 36.00 -42.48
C PHE I 21 47.09 36.45 -42.13
N ARG I 22 47.20 37.42 -41.22
CA ARG I 22 48.51 37.92 -40.84
C ARG I 22 49.30 36.89 -40.07
N ILE I 23 48.63 36.07 -39.27
CA ILE I 23 49.28 35.01 -38.53
C ILE I 23 49.89 34.03 -39.50
N ARG I 24 49.10 33.58 -40.46
CA ARG I 24 49.55 32.68 -41.49
C ARG I 24 50.67 33.30 -42.27
N ALA I 25 50.54 34.56 -42.64
CA ALA I 25 51.59 35.27 -43.35
C ALA I 25 52.90 35.26 -42.58
N LEU I 26 52.84 35.57 -41.28
CA LEU I 26 54.01 35.55 -40.43
C LEU I 26 54.59 34.14 -40.35
N LEU I 27 53.74 33.15 -40.15
CA LEU I 27 54.18 31.79 -40.03
C LEU I 27 54.84 31.31 -41.33
N ALA I 28 54.35 31.75 -42.48
CA ALA I 28 54.90 31.39 -43.77
C ALA I 28 56.24 32.09 -44.03
N GLU I 29 56.36 33.37 -43.67
CA GLU I 29 57.64 34.10 -43.72
C GLU I 29 58.64 33.55 -42.67
N GLN I 30 58.15 33.03 -41.55
CA GLN I 30 58.88 32.17 -40.60
C GLN I 30 59.14 30.75 -41.12
N ASP I 31 58.55 30.37 -42.26
CA ASP I 31 58.52 29.03 -42.84
C ASP I 31 57.78 27.99 -42.02
N VAL I 32 57.55 28.25 -40.74
CA VAL I 32 56.82 27.39 -39.82
C VAL I 32 55.42 27.05 -40.32
N LEU I 33 54.76 27.92 -41.10
CA LEU I 33 53.40 27.65 -41.62
C LEU I 33 53.35 26.31 -42.36
N LYS I 34 54.48 25.83 -42.90
CA LYS I 34 54.58 24.53 -43.58
C LYS I 34 53.93 23.40 -42.77
N VAL I 35 53.96 23.48 -41.43
CA VAL I 35 53.36 22.47 -40.54
C VAL I 35 51.84 22.43 -40.60
N VAL I 36 51.18 23.56 -40.83
CA VAL I 36 49.73 23.65 -41.02
C VAL I 36 49.40 23.71 -42.50
N ASP I 37 50.33 24.10 -43.36
CA ASP I 37 50.17 23.97 -44.80
C ASP I 37 50.09 22.52 -45.21
N GLY I 38 51.06 21.70 -44.78
CA GLY I 38 51.01 20.25 -44.90
C GLY I 38 50.21 19.65 -43.75
N LEU I 39 49.31 18.71 -44.03
CA LEU I 39 48.78 17.84 -42.96
C LEU I 39 49.90 16.94 -42.46
N MET I 40 49.78 16.47 -41.21
CA MET I 40 50.84 15.71 -40.54
C MET I 40 51.34 14.57 -41.44
N PRO I 41 52.56 14.69 -41.97
CA PRO I 41 53.10 13.72 -42.89
C PRO I 41 53.73 12.57 -42.10
N ASN I 42 54.38 11.65 -42.81
CA ASN I 42 55.35 10.76 -42.16
C ASN I 42 56.57 11.56 -41.67
N GLU I 43 56.81 12.74 -42.24
CA GLU I 43 57.93 13.66 -41.95
C GLU I 43 57.73 14.48 -40.66
N VAL I 44 57.18 13.86 -39.63
CA VAL I 44 57.13 14.43 -38.28
C VAL I 44 58.51 14.28 -37.67
N ASP I 45 59.44 15.12 -38.08
CA ASP I 45 60.79 15.18 -37.54
C ASP I 45 60.91 16.27 -36.49
N ASP I 46 62.09 16.43 -35.93
CA ASP I 46 62.30 17.39 -34.85
C ASP I 46 62.01 18.81 -35.28
N SER I 47 62.41 19.14 -36.51
CA SER I 47 62.12 20.43 -37.10
C SER I 47 60.62 20.66 -37.24
N TRP I 48 59.86 19.65 -37.69
CA TRP I 48 58.43 19.70 -37.87
C TRP I 48 57.73 19.90 -36.56
N LYS I 49 58.09 19.09 -35.56
CA LYS I 49 57.51 19.17 -34.22
C LYS I 49 57.77 20.53 -33.60
N LYS I 50 59.00 21.02 -33.67
CA LYS I 50 59.39 22.32 -33.10
C LYS I 50 58.69 23.46 -33.83
N ALA I 51 58.62 23.39 -35.15
CA ALA I 51 57.89 24.37 -35.93
C ALA I 51 56.42 24.40 -35.53
N GLU I 52 55.77 23.24 -35.38
CA GLU I 52 54.39 23.17 -34.94
C GLU I 52 54.22 23.80 -33.55
N ARG I 53 55.07 23.41 -32.61
CA ARG I 53 55.00 23.94 -31.26
C ARG I 53 55.25 25.45 -31.22
N CYS I 54 56.19 25.93 -32.01
CA CYS I 54 56.45 27.35 -32.18
C CYS I 54 55.27 28.07 -32.81
N ALA I 55 54.59 27.44 -33.76
CA ALA I 55 53.42 28.03 -34.35
C ALA I 55 52.36 28.21 -33.26
N LYS I 56 52.11 27.15 -32.50
CA LYS I 56 51.20 27.23 -31.37
C LYS I 56 51.63 28.32 -30.41
N SER I 57 52.89 28.44 -30.09
CA SER I 57 53.40 29.49 -29.21
C SER I 57 53.09 30.88 -29.78
N THR I 58 53.28 31.04 -31.07
CA THR I 58 53.15 32.33 -31.71
C THR I 58 51.69 32.70 -31.79
N ILE I 59 50.86 31.72 -32.08
CA ILE I 59 49.42 31.87 -32.03
C ILE I 59 49.05 32.30 -30.64
N ILE I 60 49.54 31.62 -29.61
CA ILE I 60 49.30 31.98 -28.22
C ILE I 60 49.71 33.44 -27.96
N GLU I 61 50.85 33.89 -28.49
CA GLU I 61 51.28 35.27 -28.32
C GLU I 61 50.25 36.25 -28.86
N TYR I 62 49.83 36.02 -30.10
CA TYR I 62 48.76 36.68 -30.79
C TYR I 62 47.35 36.31 -30.41
N LEU I 63 47.09 35.27 -29.63
CA LEU I 63 45.81 35.01 -29.01
C LEU I 63 45.73 35.78 -27.71
N SER I 64 44.56 36.32 -27.38
CA SER I 64 44.29 36.64 -25.99
C SER I 64 43.92 35.38 -25.20
N ASP I 65 43.87 35.51 -23.89
CA ASP I 65 43.91 34.37 -22.97
C ASP I 65 42.74 33.40 -23.14
N SER I 66 41.55 33.93 -23.36
CA SER I 66 40.35 33.09 -23.50
C SER I 66 40.53 32.10 -24.64
N PHE I 67 41.11 32.55 -25.74
CA PHE I 67 41.41 31.72 -26.89
C PHE I 67 42.39 30.60 -26.58
N LEU I 68 43.19 30.73 -25.54
CA LEU I 68 43.97 29.61 -25.01
C LEU I 68 43.08 28.42 -24.69
N ASN I 69 41.80 28.62 -24.36
CA ASN I 69 40.86 27.50 -24.40
C ASN I 69 40.84 26.80 -25.77
N PHE I 70 40.94 27.47 -26.90
CA PHE I 70 41.14 26.77 -28.18
C PHE I 70 42.52 26.16 -28.19
N ALA I 71 43.52 26.87 -27.68
CA ALA I 71 44.88 26.37 -27.69
C ALA I 71 44.98 25.01 -26.99
N THR I 72 44.29 24.82 -25.86
CA THR I 72 44.11 23.52 -25.19
C THR I 72 45.39 22.69 -25.25
N SER I 73 46.40 23.04 -24.47
CA SER I 73 47.53 22.16 -24.15
C SER I 73 48.21 21.44 -25.32
N ASP I 74 47.61 20.36 -25.79
CA ASP I 74 48.13 19.34 -26.70
C ASP I 74 47.80 19.57 -28.17
N ILE I 75 46.58 19.96 -28.54
CA ILE I 75 46.18 19.91 -29.95
C ILE I 75 47.05 20.81 -30.81
N THR I 76 47.35 20.40 -32.03
CA THR I 76 48.21 21.18 -32.92
C THR I 76 47.61 22.55 -33.19
N ALA I 77 48.45 23.52 -33.51
CA ALA I 77 48.07 24.82 -33.99
C ALA I 77 47.16 24.69 -35.20
N ARG I 78 47.38 23.67 -36.04
CA ARG I 78 46.46 23.31 -37.10
C ARG I 78 45.06 23.08 -36.54
N GLN I 79 44.94 22.23 -35.53
CA GLN I 79 43.64 21.95 -34.93
C GLN I 79 43.06 23.19 -34.24
N ILE I 80 43.90 23.96 -33.57
CA ILE I 80 43.46 25.15 -32.85
C ILE I 80 42.84 26.14 -33.83
N LEU I 81 43.55 26.42 -34.92
CA LEU I 81 43.04 27.27 -35.97
C LEU I 81 41.80 26.67 -36.60
N GLU I 82 41.72 25.36 -36.82
CA GLU I 82 40.49 24.76 -37.31
C GLU I 82 39.30 25.04 -36.39
N ASN I 83 39.48 24.94 -35.08
CA ASN I 83 38.43 25.23 -34.13
C ASN I 83 38.06 26.71 -34.15
N LEU I 84 39.06 27.59 -34.17
CA LEU I 84 38.85 29.01 -34.28
C LEU I 84 38.04 29.34 -35.53
N ASP I 85 38.46 28.81 -36.68
CA ASP I 85 37.77 28.99 -37.94
C ASP I 85 36.32 28.58 -37.83
N ALA I 86 36.06 27.39 -37.29
CA ALA I 86 34.69 26.93 -37.15
C ALA I 86 33.86 27.91 -36.34
N VAL I 87 34.45 28.48 -35.28
CA VAL I 87 33.71 29.39 -34.43
C VAL I 87 33.47 30.74 -35.09
N TYR I 88 34.49 31.38 -35.63
CA TYR I 88 34.30 32.67 -36.28
C TYR I 88 33.80 32.60 -37.70
N GLU I 89 34.46 31.81 -38.53
CA GLU I 89 34.13 31.73 -39.94
C GLU I 89 32.76 31.09 -40.08
N ARG I 90 32.59 29.93 -39.43
CA ARG I 90 31.26 29.46 -39.05
C ARG I 90 30.32 29.46 -40.26
N LYS I 91 30.71 28.66 -41.24
CA LYS I 91 30.02 28.68 -42.53
C LYS I 91 28.64 28.06 -42.41
N SER I 92 27.62 28.83 -42.79
CA SER I 92 26.23 28.39 -42.76
C SER I 92 25.36 29.27 -43.68
N LEU I 93 24.27 28.71 -44.20
CA LEU I 93 23.38 29.47 -45.09
C LEU I 93 22.88 30.76 -44.43
N ALA I 94 22.36 30.63 -43.21
CA ALA I 94 21.88 31.78 -42.45
C ALA I 94 22.96 32.84 -42.29
N SER I 95 24.22 32.43 -42.13
CA SER I 95 25.30 33.38 -41.97
C SER I 95 25.38 34.29 -43.19
N GLN I 96 25.44 33.73 -44.40
CA GLN I 96 25.58 34.61 -45.55
C GLN I 96 24.30 35.38 -45.77
N LEU I 97 23.17 34.76 -45.50
CA LEU I 97 21.90 35.43 -45.68
C LEU I 97 21.81 36.68 -44.81
N ALA I 98 22.10 36.59 -43.52
CA ALA I 98 22.02 37.74 -42.64
C ALA I 98 22.99 38.83 -43.03
N LEU I 99 24.19 38.43 -43.42
CA LEU I 99 25.19 39.35 -43.88
C LEU I 99 24.77 40.06 -45.15
N ARG I 100 24.10 39.36 -46.07
CA ARG I 100 23.55 39.96 -47.27
C ARG I 100 22.46 40.95 -46.93
N LYS I 101 21.60 40.66 -45.93
CA LYS I 101 20.59 41.63 -45.47
C LYS I 101 21.26 42.92 -45.08
N ARG I 102 22.30 42.80 -44.26
CA ARG I 102 23.09 43.94 -43.83
C ARG I 102 23.71 44.64 -45.03
N LEU I 103 24.26 43.90 -45.97
CA LEU I 103 24.95 44.48 -47.11
C LEU I 103 24.01 45.32 -47.97
N LEU I 104 22.87 44.77 -48.35
CA LEU I 104 21.93 45.55 -49.14
C LEU I 104 21.36 46.70 -48.31
N SER I 105 21.22 46.52 -47.01
CA SER I 105 20.86 47.61 -46.11
C SER I 105 21.89 48.73 -46.11
N LEU I 106 23.18 48.42 -46.36
CA LEU I 106 24.24 49.42 -46.29
C LEU I 106 24.03 50.57 -47.29
N LYS I 107 24.35 51.78 -46.84
CA LYS I 107 24.37 53.00 -47.64
C LYS I 107 25.50 53.92 -47.19
N LEU I 108 26.08 54.67 -48.10
CA LEU I 108 27.14 55.62 -47.78
C LEU I 108 26.53 56.97 -47.40
N SER I 109 27.10 57.60 -46.37
CA SER I 109 26.92 59.01 -46.04
C SER I 109 28.30 59.72 -46.01
N SER I 110 28.41 60.92 -46.57
CA SER I 110 29.73 61.53 -46.86
C SER I 110 30.60 61.79 -45.64
N GLU I 111 29.99 62.06 -44.49
CA GLU I 111 30.71 62.23 -43.23
C GLU I 111 31.46 60.96 -42.83
N MET I 112 30.90 59.78 -43.12
CA MET I 112 31.68 58.55 -43.08
C MET I 112 32.69 58.66 -44.22
N SER I 113 33.98 58.67 -43.90
CA SER I 113 34.98 58.69 -44.95
C SER I 113 34.68 57.62 -45.97
N LEU I 114 34.92 57.85 -47.26
CA LEU I 114 34.82 56.76 -48.23
C LEU I 114 35.72 55.60 -47.83
N LEU I 115 36.85 55.86 -47.17
CA LEU I 115 37.63 54.81 -46.56
C LEU I 115 36.92 54.22 -45.34
N SER I 116 36.22 55.03 -44.56
CA SER I 116 35.39 54.46 -43.52
C SER I 116 34.36 53.51 -44.13
N HIS I 117 33.73 53.93 -45.20
CA HIS I 117 32.80 53.09 -45.92
C HIS I 117 33.49 51.88 -46.53
N PHE I 118 34.73 52.04 -47.00
CA PHE I 118 35.49 50.90 -47.46
C PHE I 118 35.59 49.91 -46.34
N HIS I 119 35.99 50.32 -45.14
CA HIS I 119 36.19 49.33 -44.11
C HIS I 119 34.88 48.67 -43.71
N ILE I 120 33.75 49.38 -43.73
CA ILE I 120 32.50 48.72 -43.37
C ILE I 120 32.10 47.71 -44.43
N PHE I 121 32.30 48.06 -45.68
CA PHE I 121 32.10 47.10 -46.73
C PHE I 121 33.08 45.94 -46.56
N ASP I 122 34.32 46.21 -46.24
CA ASP I 122 35.35 45.20 -46.18
C ASP I 122 35.13 44.27 -45.00
N GLU I 123 34.69 44.76 -43.85
CA GLU I 123 34.35 43.87 -42.75
C GLU I 123 33.15 43.04 -43.13
N LEU I 124 32.16 43.63 -43.81
CA LEU I 124 31.07 42.81 -44.35
C LEU I 124 31.60 41.75 -45.28
N ILE I 125 32.58 42.06 -46.12
CA ILE I 125 33.18 41.08 -47.01
C ILE I 125 33.88 40.01 -46.20
N SER I 126 34.59 40.41 -45.15
CA SER I 126 35.30 39.50 -44.28
C SER I 126 34.32 38.53 -43.67
N GLU I 127 33.23 39.06 -43.11
CA GLU I 127 32.17 38.27 -42.55
C GLU I 127 31.57 37.35 -43.58
N LEU I 128 31.29 37.85 -44.78
CA LEU I 128 30.53 37.10 -45.77
C LEU I 128 31.35 35.98 -46.39
N LEU I 129 32.61 36.24 -46.69
CA LEU I 129 33.55 35.22 -47.09
C LEU I 129 33.77 34.21 -45.97
N ALA I 130 33.95 34.69 -44.74
CA ALA I 130 34.17 33.83 -43.59
C ALA I 130 32.92 32.98 -43.33
N ALA I 131 31.74 33.54 -43.48
CA ALA I 131 30.47 32.85 -43.49
C ALA I 131 30.38 31.84 -44.63
N GLY I 132 31.25 31.90 -45.62
CA GLY I 132 31.40 30.91 -46.68
C GLY I 132 30.97 31.39 -48.06
N ALA I 133 30.56 32.63 -48.21
CA ALA I 133 30.13 33.14 -49.50
C ALA I 133 31.27 33.09 -50.50
N LYS I 134 30.94 32.67 -51.71
CA LYS I 134 31.85 32.60 -52.84
C LYS I 134 31.81 33.93 -53.59
N ILE I 135 32.18 35.00 -52.90
CA ILE I 135 31.91 36.36 -53.38
C ILE I 135 32.74 36.66 -54.63
N GLU I 136 32.08 36.91 -55.75
CA GLU I 136 32.76 37.25 -56.99
C GLU I 136 33.31 38.67 -56.93
N GLU I 137 34.27 38.94 -57.79
CA GLU I 137 34.80 40.29 -57.95
C GLU I 137 33.67 41.28 -58.24
N MET I 138 32.82 40.96 -59.21
CA MET I 138 31.66 41.78 -59.54
C MET I 138 30.77 42.02 -58.34
N ASP I 139 30.58 41.01 -57.49
CA ASP I 139 29.74 41.17 -56.33
C ASP I 139 30.34 42.22 -55.40
N LYS I 140 31.62 42.08 -55.06
CA LYS I 140 32.28 43.05 -54.20
C LYS I 140 32.12 44.44 -54.77
N ILE I 141 32.37 44.57 -56.06
CA ILE I 141 32.29 45.86 -56.70
C ILE I 141 30.89 46.41 -56.59
N SER I 142 29.89 45.68 -57.08
CA SER I 142 28.59 46.28 -57.27
C SER I 142 27.94 46.59 -55.94
N HIS I 143 28.16 45.73 -54.98
CA HIS I 143 27.60 45.92 -53.67
C HIS I 143 28.32 47.08 -52.97
N LEU I 144 29.60 47.32 -53.25
CA LEU I 144 30.22 48.55 -52.81
C LEU I 144 29.58 49.74 -53.51
N LEU I 145 29.37 49.66 -54.82
CA LEU I 145 28.82 50.77 -55.59
C LEU I 145 27.45 51.20 -55.08
N ILE I 146 26.60 50.24 -54.68
CA ILE I 146 25.20 50.52 -54.33
C ILE I 146 25.10 51.61 -53.26
N THR I 147 26.09 51.66 -52.39
CA THR I 147 26.07 52.57 -51.26
C THR I 147 26.30 54.01 -51.66
N LEU I 148 27.05 54.28 -52.69
CA LEU I 148 27.60 55.61 -52.91
C LEU I 148 26.52 56.63 -53.33
N PRO I 149 26.59 57.89 -52.87
CA PRO I 149 25.68 58.94 -53.29
C PRO I 149 25.87 59.36 -54.74
N SER I 150 24.96 60.21 -55.23
CA SER I 150 24.81 60.53 -56.65
C SER I 150 26.08 61.04 -57.33
N CYS I 151 26.90 61.77 -56.61
CA CYS I 151 28.18 62.25 -57.11
C CYS I 151 29.08 61.10 -57.61
N TYR I 152 29.06 59.97 -56.94
CA TYR I 152 29.77 58.79 -57.36
C TYR I 152 29.27 58.23 -58.68
N ASP I 153 28.02 58.49 -59.03
CA ASP I 153 27.40 57.94 -60.23
C ASP I 153 28.22 58.23 -61.46
N GLY I 154 28.93 59.36 -61.49
CA GLY I 154 29.79 59.62 -62.64
C GLY I 154 30.81 58.50 -62.86
N ILE I 155 31.56 58.10 -61.83
CA ILE I 155 32.50 56.99 -62.07
C ILE I 155 31.77 55.66 -62.25
N ILE I 156 30.68 55.48 -61.51
CA ILE I 156 29.92 54.24 -61.55
C ILE I 156 29.44 53.96 -62.98
N THR I 157 29.06 55.02 -63.70
CA THR I 157 28.63 54.93 -65.10
C THR I 157 29.73 54.32 -65.97
N ALA I 158 31.00 54.53 -65.62
CA ALA I 158 32.14 53.89 -66.25
C ALA I 158 32.16 52.36 -66.16
N ILE I 159 31.42 51.78 -65.25
CA ILE I 159 31.20 50.33 -65.19
C ILE I 159 30.08 49.73 -66.07
N GLU I 160 28.96 50.41 -66.37
CA GLU I 160 27.69 49.70 -66.76
C GLU I 160 27.79 48.71 -67.95
N THR I 161 28.35 49.16 -69.08
CA THR I 161 28.72 48.35 -70.26
C THR I 161 30.19 48.57 -70.64
N LEU I 162 30.89 49.43 -69.90
CA LEU I 162 32.33 49.67 -70.01
C LEU I 162 33.11 48.53 -69.35
N SER I 163 34.41 48.50 -69.63
CA SER I 163 35.25 47.34 -69.38
C SER I 163 35.39 46.98 -67.90
N GLU I 164 35.09 45.74 -67.54
CA GLU I 164 35.52 45.12 -66.27
C GLU I 164 36.99 44.73 -66.25
N GLU I 165 37.66 44.71 -67.40
CA GLU I 165 39.03 44.20 -67.53
C GLU I 165 40.00 44.87 -66.54
N ASN I 166 39.86 46.17 -66.36
CA ASN I 166 40.67 46.92 -65.42
C ASN I 166 40.20 46.67 -64.00
N LEU I 167 38.90 46.43 -63.82
CA LEU I 167 38.15 46.55 -62.58
C LEU I 167 38.37 45.35 -61.65
N THR I 168 39.61 45.15 -61.24
CA THR I 168 39.96 44.28 -60.11
C THR I 168 39.64 44.99 -58.80
N LEU I 169 39.43 44.33 -57.66
CA LEU I 169 38.94 45.08 -56.50
C LEU I 169 39.97 46.12 -56.04
N ALA I 170 41.25 45.82 -56.22
CA ALA I 170 42.29 46.81 -56.03
C ALA I 170 42.11 47.98 -57.01
N PHE I 171 41.93 47.71 -58.30
CA PHE I 171 41.64 48.76 -59.27
C PHE I 171 40.31 49.46 -59.01
N VAL I 172 39.35 48.75 -58.47
CA VAL I 172 38.04 49.29 -58.16
C VAL I 172 38.22 50.23 -57.00
N LYS I 173 38.98 49.86 -55.97
CA LYS I 173 39.42 50.81 -54.96
C LYS I 173 40.15 51.95 -55.62
N ASN I 174 40.98 51.74 -56.63
CA ASN I 174 41.61 52.85 -57.33
C ASN I 174 40.56 53.77 -57.95
N ARG I 175 39.59 53.25 -58.69
CA ARG I 175 38.49 54.03 -59.24
C ARG I 175 37.80 54.79 -58.11
N LEU I 176 37.46 54.08 -57.05
CA LEU I 176 36.71 54.62 -55.94
C LEU I 176 37.46 55.76 -55.29
N LEU I 177 38.75 55.61 -55.08
CA LEU I 177 39.59 56.64 -54.54
C LEU I 177 39.71 57.78 -55.52
N ASP I 178 39.74 57.51 -56.82
CA ASP I 178 39.79 58.57 -57.82
C ASP I 178 38.53 59.44 -57.71
N GLN I 179 37.35 58.81 -57.70
CA GLN I 179 36.11 59.54 -57.58
C GLN I 179 36.00 60.20 -56.21
N GLU I 180 36.51 59.55 -55.19
CA GLU I 180 36.58 60.12 -53.87
C GLU I 180 37.36 61.41 -53.92
N ILE I 181 38.52 61.43 -54.56
CA ILE I 181 39.34 62.61 -54.69
C ILE I 181 38.57 63.69 -55.43
N LYS I 182 37.91 63.33 -56.54
CA LYS I 182 37.08 64.27 -57.29
C LYS I 182 36.05 64.90 -56.35
N ILE I 183 35.40 64.07 -55.55
CA ILE I 183 34.37 64.50 -54.63
C ILE I 183 34.95 65.26 -53.44
N LYS I 184 36.17 64.93 -53.00
CA LYS I 184 36.89 65.70 -51.98
C LYS I 184 37.07 67.13 -52.47
N ASN I 185 37.51 67.30 -53.71
CA ASN I 185 37.52 68.62 -54.31
C ASN I 185 36.12 69.19 -54.29
N ASP I 186 35.15 68.44 -54.78
CA ASP I 186 33.81 68.96 -54.98
C ASP I 186 33.17 69.47 -53.71
N HIS I 187 33.36 68.80 -52.57
CA HIS I 187 32.61 69.14 -51.37
C HIS I 187 32.75 70.61 -51.04
#